data_6E6X
# 
_entry.id   6E6X 
# 
_audit_conform.dict_name       mmcif_pdbx.dic 
_audit_conform.dict_version    5.379 
_audit_conform.dict_location   http://mmcif.pdb.org/dictionaries/ascii/mmcif_pdbx.dic 
# 
loop_
_database_2.database_id 
_database_2.database_code 
_database_2.pdbx_database_accession 
_database_2.pdbx_DOI 
PDB   6E6X         pdb_00006e6x 10.2210/pdb6e6x/pdb 
WWPDB D_1000235812 ?            ?                   
# 
loop_
_pdbx_database_related.db_name 
_pdbx_database_related.details 
_pdbx_database_related.db_id 
_pdbx_database_related.content_type 
PDB . 6E3N unspecified 
PDB . 6E3O unspecified 
PDB . 6E3M unspecified 
PDB . 6E3P unspecified 
PDB . 6E4C unspecified 
PDB . 6E4W unspecified 
PDB . 6E4V unspecified 
# 
_pdbx_database_status.status_code                     REL 
_pdbx_database_status.status_code_sf                  REL 
_pdbx_database_status.status_code_mr                  ? 
_pdbx_database_status.entry_id                        6E6X 
_pdbx_database_status.recvd_initial_deposition_date   2018-07-25 
_pdbx_database_status.SG_entry                        N 
_pdbx_database_status.deposit_site                    RCSB 
_pdbx_database_status.process_site                    RCSB 
_pdbx_database_status.status_code_cs                  ? 
_pdbx_database_status.methods_development_category    ? 
_pdbx_database_status.pdb_format_compatible           Y 
_pdbx_database_status.status_code_nmr_data            ? 
# 
loop_
_audit_author.name 
_audit_author.pdbx_ordinal 
_audit_author.identifier_ORCID 
'Dick, B.L.'     1 0000-0003-2024-7206 
'Morrison, C.N.' 2 0000-0002-4180-8407 
'Credille, C.V.' 3 ?                   
'Cohen, S.M.'    4 0000-0002-5233-2280 
# 
_citation.abstract                  ? 
_citation.abstract_id_CAS           ? 
_citation.book_id_ISBN              ? 
_citation.book_publisher            ? 
_citation.book_publisher_city       ? 
_citation.book_title                ? 
_citation.coordinate_linkage        ? 
_citation.country                   US 
_citation.database_id_Medline       ? 
_citation.details                   ? 
_citation.id                        primary 
_citation.journal_abbrev            J.Med.Chem. 
_citation.journal_id_ASTM           JMCMAR 
_citation.journal_id_CSD            0151 
_citation.journal_id_ISSN           0022-2623 
_citation.journal_full              ? 
_citation.journal_issue             ? 
_citation.journal_volume            62 
_citation.language                  ? 
_citation.page_first                9438 
_citation.page_last                 9449 
_citation.title                     'SAR Exploration of Tight-Binding Inhibitors of Influenza Virus PA Endonuclease.' 
_citation.year                      2019 
_citation.database_id_CSD           ? 
_citation.pdbx_database_id_DOI      10.1021/acs.jmedchem.9b00747 
_citation.pdbx_database_id_PubMed   31536340 
_citation.unpublished_flag          ? 
# 
loop_
_citation_author.citation_id 
_citation_author.name 
_citation_author.ordinal 
_citation_author.identifier_ORCID 
primary 'Credille, C.V.' 1 ?                   
primary 'Morrison, C.N.' 2 0000-0002-4180-8407 
primary 'Stokes, R.W.'   3 ?                   
primary 'Dick, B.L.'     4 ?                   
primary 'Feng, Y.'       5 ?                   
primary 'Sun, J.'        6 ?                   
primary 'Chen, Y.'       7 0000-0002-3465-7380 
primary 'Cohen, S.M.'    8 0000-0002-5233-2280 
# 
_cell.angle_alpha                  90.00 
_cell.angle_alpha_esd              ? 
_cell.angle_beta                   90.00 
_cell.angle_beta_esd               ? 
_cell.angle_gamma                  120.00 
_cell.angle_gamma_esd              ? 
_cell.entry_id                     6E6X 
_cell.details                      ? 
_cell.formula_units_Z              ? 
_cell.length_a                     75.340 
_cell.length_a_esd                 ? 
_cell.length_b                     75.340 
_cell.length_b_esd                 ? 
_cell.length_c                     120.610 
_cell.length_c_esd                 ? 
_cell.volume                       ? 
_cell.volume_esd                   ? 
_cell.Z_PDB                        12 
_cell.reciprocal_angle_alpha       ? 
_cell.reciprocal_angle_beta        ? 
_cell.reciprocal_angle_gamma       ? 
_cell.reciprocal_angle_alpha_esd   ? 
_cell.reciprocal_angle_beta_esd    ? 
_cell.reciprocal_angle_gamma_esd   ? 
_cell.reciprocal_length_a          ? 
_cell.reciprocal_length_b          ? 
_cell.reciprocal_length_c          ? 
_cell.reciprocal_length_a_esd      ? 
_cell.reciprocal_length_b_esd      ? 
_cell.reciprocal_length_c_esd      ? 
_cell.pdbx_unique_axis             ? 
# 
_symmetry.entry_id                         6E6X 
_symmetry.cell_setting                     ? 
_symmetry.Int_Tables_number                180 
_symmetry.space_group_name_Hall            ? 
_symmetry.space_group_name_H-M             'P 62 2 2' 
_symmetry.pdbx_full_space_group_name_H-M   ? 
# 
loop_
_entity.id 
_entity.type 
_entity.src_method 
_entity.pdbx_description 
_entity.formula_weight 
_entity.pdbx_number_of_molecules 
_entity.pdbx_ec 
_entity.pdbx_mutation 
_entity.pdbx_fragment 
_entity.details 
1 polymer     man 'Polymerase acidic protein'                                          22468.666 1  3.1.-.- ? ? ? 
2 non-polymer syn 'MANGANESE (II) ION'                                                 54.938    2  ?       ? ? ? 
3 non-polymer syn '5-hydroxy-2-methyl-1-[4-(1H-tetrazol-5-yl)phenyl]pyridin-4(1H)-one' 269.259   1  ?       ? ? ? 
4 non-polymer nat 1,2-ETHANEDIOL                                                       62.068    1  ?       ? ? ? 
5 water       nat water                                                                18.015    13 ?       ? ? ? 
# 
_entity_name_com.entity_id   1 
_entity_name_com.name        'RNA-directed RNA polymerase subunit P2' 
# 
_entity_poly.entity_id                      1 
_entity_poly.type                           'polypeptide(L)' 
_entity_poly.nstd_linkage                   no 
_entity_poly.nstd_monomer                   no 
_entity_poly.pdbx_seq_one_letter_code       
;MGSGMAMEDFVRQCFNPMIVELAEKAMKEYGEDPKIETNKFAAICTHLEVCFMYSDFGSGDPNALLKHRFEIIEGRDRIM
AWTVVNSICNTTGVEKPKFLPDLYDYKENRFIEIGVTRREVHIYYLEKANKIKSEKTHIHIFSFTGEEMATKADYTLDEE
SRARIKTRLFTIRQEMASRSLWDSFRQSERGE
;
_entity_poly.pdbx_seq_one_letter_code_can   
;MGSGMAMEDFVRQCFNPMIVELAEKAMKEYGEDPKIETNKFAAICTHLEVCFMYSDFGSGDPNALLKHRFEIIEGRDRIM
AWTVVNSICNTTGVEKPKFLPDLYDYKENRFIEIGVTRREVHIYYLEKANKIKSEKTHIHIFSFTGEEMATKADYTLDEE
SRARIKTRLFTIRQEMASRSLWDSFRQSERGE
;
_entity_poly.pdbx_strand_id                 A 
_entity_poly.pdbx_target_identifier         ? 
# 
loop_
_entity_poly_seq.entity_id 
_entity_poly_seq.num 
_entity_poly_seq.mon_id 
_entity_poly_seq.hetero 
1 1   MET n 
1 2   GLY n 
1 3   SER n 
1 4   GLY n 
1 5   MET n 
1 6   ALA n 
1 7   MET n 
1 8   GLU n 
1 9   ASP n 
1 10  PHE n 
1 11  VAL n 
1 12  ARG n 
1 13  GLN n 
1 14  CYS n 
1 15  PHE n 
1 16  ASN n 
1 17  PRO n 
1 18  MET n 
1 19  ILE n 
1 20  VAL n 
1 21  GLU n 
1 22  LEU n 
1 23  ALA n 
1 24  GLU n 
1 25  LYS n 
1 26  ALA n 
1 27  MET n 
1 28  LYS n 
1 29  GLU n 
1 30  TYR n 
1 31  GLY n 
1 32  GLU n 
1 33  ASP n 
1 34  PRO n 
1 35  LYS n 
1 36  ILE n 
1 37  GLU n 
1 38  THR n 
1 39  ASN n 
1 40  LYS n 
1 41  PHE n 
1 42  ALA n 
1 43  ALA n 
1 44  ILE n 
1 45  CYS n 
1 46  THR n 
1 47  HIS n 
1 48  LEU n 
1 49  GLU n 
1 50  VAL n 
1 51  CYS n 
1 52  PHE n 
1 53  MET n 
1 54  TYR n 
1 55  SER n 
1 56  ASP n 
1 57  PHE n 
1 58  GLY n 
1 59  SER n 
1 60  GLY n 
1 61  ASP n 
1 62  PRO n 
1 63  ASN n 
1 64  ALA n 
1 65  LEU n 
1 66  LEU n 
1 67  LYS n 
1 68  HIS n 
1 69  ARG n 
1 70  PHE n 
1 71  GLU n 
1 72  ILE n 
1 73  ILE n 
1 74  GLU n 
1 75  GLY n 
1 76  ARG n 
1 77  ASP n 
1 78  ARG n 
1 79  ILE n 
1 80  MET n 
1 81  ALA n 
1 82  TRP n 
1 83  THR n 
1 84  VAL n 
1 85  VAL n 
1 86  ASN n 
1 87  SER n 
1 88  ILE n 
1 89  CYS n 
1 90  ASN n 
1 91  THR n 
1 92  THR n 
1 93  GLY n 
1 94  VAL n 
1 95  GLU n 
1 96  LYS n 
1 97  PRO n 
1 98  LYS n 
1 99  PHE n 
1 100 LEU n 
1 101 PRO n 
1 102 ASP n 
1 103 LEU n 
1 104 TYR n 
1 105 ASP n 
1 106 TYR n 
1 107 LYS n 
1 108 GLU n 
1 109 ASN n 
1 110 ARG n 
1 111 PHE n 
1 112 ILE n 
1 113 GLU n 
1 114 ILE n 
1 115 GLY n 
1 116 VAL n 
1 117 THR n 
1 118 ARG n 
1 119 ARG n 
1 120 GLU n 
1 121 VAL n 
1 122 HIS n 
1 123 ILE n 
1 124 TYR n 
1 125 TYR n 
1 126 LEU n 
1 127 GLU n 
1 128 LYS n 
1 129 ALA n 
1 130 ASN n 
1 131 LYS n 
1 132 ILE n 
1 133 LYS n 
1 134 SER n 
1 135 GLU n 
1 136 LYS n 
1 137 THR n 
1 138 HIS n 
1 139 ILE n 
1 140 HIS n 
1 141 ILE n 
1 142 PHE n 
1 143 SER n 
1 144 PHE n 
1 145 THR n 
1 146 GLY n 
1 147 GLU n 
1 148 GLU n 
1 149 MET n 
1 150 ALA n 
1 151 THR n 
1 152 LYS n 
1 153 ALA n 
1 154 ASP n 
1 155 TYR n 
1 156 THR n 
1 157 LEU n 
1 158 ASP n 
1 159 GLU n 
1 160 GLU n 
1 161 SER n 
1 162 ARG n 
1 163 ALA n 
1 164 ARG n 
1 165 ILE n 
1 166 LYS n 
1 167 THR n 
1 168 ARG n 
1 169 LEU n 
1 170 PHE n 
1 171 THR n 
1 172 ILE n 
1 173 ARG n 
1 174 GLN n 
1 175 GLU n 
1 176 MET n 
1 177 ALA n 
1 178 SER n 
1 179 ARG n 
1 180 SER n 
1 181 LEU n 
1 182 TRP n 
1 183 ASP n 
1 184 SER n 
1 185 PHE n 
1 186 ARG n 
1 187 GLN n 
1 188 SER n 
1 189 GLU n 
1 190 ARG n 
1 191 GLY n 
1 192 GLU n 
# 
_entity_src_gen.entity_id                          1 
_entity_src_gen.pdbx_src_id                        1 
_entity_src_gen.pdbx_alt_source_flag               sample 
_entity_src_gen.pdbx_seq_type                      'Biological sequence' 
_entity_src_gen.pdbx_beg_seq_num                   1 
_entity_src_gen.pdbx_end_seq_num                   192 
_entity_src_gen.gene_src_common_name               ? 
_entity_src_gen.gene_src_genus                     ? 
_entity_src_gen.pdbx_gene_src_gene                 PA 
_entity_src_gen.gene_src_species                   ? 
_entity_src_gen.gene_src_strain                    'swl A/California/04/2009 H1N1' 
_entity_src_gen.gene_src_tissue                    ? 
_entity_src_gen.gene_src_tissue_fraction           ? 
_entity_src_gen.gene_src_details                   ? 
_entity_src_gen.pdbx_gene_src_fragment             ? 
_entity_src_gen.pdbx_gene_src_scientific_name      'Influenza A virus' 
_entity_src_gen.pdbx_gene_src_ncbi_taxonomy_id     641501 
_entity_src_gen.pdbx_gene_src_variant              ? 
_entity_src_gen.pdbx_gene_src_cell_line            ? 
_entity_src_gen.pdbx_gene_src_atcc                 ? 
_entity_src_gen.pdbx_gene_src_organ                ? 
_entity_src_gen.pdbx_gene_src_organelle            ? 
_entity_src_gen.pdbx_gene_src_cell                 ? 
_entity_src_gen.pdbx_gene_src_cellular_location    ? 
_entity_src_gen.host_org_common_name               ? 
_entity_src_gen.pdbx_host_org_scientific_name      'Escherichia coli BL21' 
_entity_src_gen.pdbx_host_org_ncbi_taxonomy_id     511693 
_entity_src_gen.host_org_genus                     ? 
_entity_src_gen.pdbx_host_org_gene                 ? 
_entity_src_gen.pdbx_host_org_organ                ? 
_entity_src_gen.host_org_species                   ? 
_entity_src_gen.pdbx_host_org_tissue               ? 
_entity_src_gen.pdbx_host_org_tissue_fraction      ? 
_entity_src_gen.pdbx_host_org_strain               ? 
_entity_src_gen.pdbx_host_org_variant              ? 
_entity_src_gen.pdbx_host_org_cell_line            ? 
_entity_src_gen.pdbx_host_org_atcc                 ? 
_entity_src_gen.pdbx_host_org_culture_collection   ? 
_entity_src_gen.pdbx_host_org_cell                 ? 
_entity_src_gen.pdbx_host_org_organelle            ? 
_entity_src_gen.pdbx_host_org_cellular_location    ? 
_entity_src_gen.pdbx_host_org_vector_type          ? 
_entity_src_gen.pdbx_host_org_vector               ? 
_entity_src_gen.host_org_details                   ? 
_entity_src_gen.expression_system_id               ? 
_entity_src_gen.plasmid_name                       ? 
_entity_src_gen.plasmid_details                    ? 
_entity_src_gen.pdbx_description                   ? 
# 
_struct_ref.id                         1 
_struct_ref.db_name                    UNP 
_struct_ref.db_code                    C3W5S0_I09A0 
_struct_ref.pdbx_db_accession          C3W5S0 
_struct_ref.pdbx_db_isoform            ? 
_struct_ref.entity_id                  1 
_struct_ref.pdbx_seq_one_letter_code   
;MEDFVRQCFNPMIVELAEKAMKEYGEDPKIETNKFAAICTHLEVCFMYSDFHFIDERGESIIVESGDPNALLKHRFEIIE
GRDRIMAWTVVNSICNTTGVEKPKFLPDLYDYKENRFIEIGVTRREVHIYYLEKANKIKSEKTHIHIFSFTGEEMATKAD
YTLDEESRARIKTRLFTIRQEMASRSLWDSFRQSERGE
;
_struct_ref.pdbx_align_begin           1 
# 
_struct_ref_seq.align_id                      1 
_struct_ref_seq.ref_id                        1 
_struct_ref_seq.pdbx_PDB_id_code              6E6X 
_struct_ref_seq.pdbx_strand_id                A 
_struct_ref_seq.seq_align_beg                 7 
_struct_ref_seq.pdbx_seq_align_beg_ins_code   ? 
_struct_ref_seq.seq_align_end                 192 
_struct_ref_seq.pdbx_seq_align_end_ins_code   ? 
_struct_ref_seq.pdbx_db_accession             C3W5S0 
_struct_ref_seq.db_align_beg                  1 
_struct_ref_seq.pdbx_db_align_beg_ins_code    ? 
_struct_ref_seq.db_align_end                  198 
_struct_ref_seq.pdbx_db_align_end_ins_code    ? 
_struct_ref_seq.pdbx_auth_seq_align_beg       1 
_struct_ref_seq.pdbx_auth_seq_align_end       198 
# 
loop_
_struct_ref_seq_dif.align_id 
_struct_ref_seq_dif.pdbx_pdb_id_code 
_struct_ref_seq_dif.mon_id 
_struct_ref_seq_dif.pdbx_pdb_strand_id 
_struct_ref_seq_dif.seq_num 
_struct_ref_seq_dif.pdbx_pdb_ins_code 
_struct_ref_seq_dif.pdbx_seq_db_name 
_struct_ref_seq_dif.pdbx_seq_db_accession_code 
_struct_ref_seq_dif.db_mon_id 
_struct_ref_seq_dif.pdbx_seq_db_seq_num 
_struct_ref_seq_dif.details 
_struct_ref_seq_dif.pdbx_auth_seq_num 
_struct_ref_seq_dif.pdbx_ordinal 
1 6E6X MET A 1  ? UNP C3W5S0 ?   ?  'expression tag' -5 1  
1 6E6X GLY A 2  ? UNP C3W5S0 ?   ?  'expression tag' -4 2  
1 6E6X SER A 3  ? UNP C3W5S0 ?   ?  'expression tag' -3 3  
1 6E6X GLY A 4  ? UNP C3W5S0 ?   ?  'expression tag' -2 4  
1 6E6X MET A 5  ? UNP C3W5S0 ?   ?  'expression tag' -1 5  
1 6E6X ALA A 6  ? UNP C3W5S0 ?   ?  'expression tag' 0  6  
1 6E6X GLY A 58 ? UNP C3W5S0 HIS 52 conflict         52 7  
1 6E6X ?   A ?  ? UNP C3W5S0 PHE 53 deletion         ?  8  
1 6E6X ?   A ?  ? UNP C3W5S0 ILE 54 deletion         ?  9  
1 6E6X ?   A ?  ? UNP C3W5S0 ASP 55 deletion         ?  10 
1 6E6X ?   A ?  ? UNP C3W5S0 GLU 56 deletion         ?  11 
1 6E6X ?   A ?  ? UNP C3W5S0 ARG 57 deletion         ?  12 
1 6E6X ?   A ?  ? UNP C3W5S0 GLY 58 deletion         ?  13 
1 6E6X ?   A ?  ? UNP C3W5S0 GLU 59 deletion         ?  14 
1 6E6X ?   A ?  ? UNP C3W5S0 SER 60 deletion         ?  15 
1 6E6X ?   A ?  ? UNP C3W5S0 ILE 61 deletion         ?  16 
1 6E6X ?   A ?  ? UNP C3W5S0 ILE 62 deletion         ?  17 
1 6E6X ?   A ?  ? UNP C3W5S0 VAL 63 deletion         ?  18 
1 6E6X ?   A ?  ? UNP C3W5S0 GLU 64 deletion         ?  19 
# 
loop_
_chem_comp.id 
_chem_comp.type 
_chem_comp.mon_nstd_flag 
_chem_comp.name 
_chem_comp.pdbx_synonyms 
_chem_comp.formula 
_chem_comp.formula_weight 
ALA 'L-peptide linking' y ALANINE                                                              ?                 'C3 H7 N O2'     
89.093  
ARG 'L-peptide linking' y ARGININE                                                             ?                 'C6 H15 N4 O2 1' 
175.209 
ASN 'L-peptide linking' y ASPARAGINE                                                           ?                 'C4 H8 N2 O3'    
132.118 
ASP 'L-peptide linking' y 'ASPARTIC ACID'                                                      ?                 'C4 H7 N O4'     
133.103 
CYS 'L-peptide linking' y CYSTEINE                                                             ?                 'C3 H7 N O2 S'   
121.158 
EDO non-polymer         . 1,2-ETHANEDIOL                                                       'ETHYLENE GLYCOL' 'C2 H6 O2'       
62.068  
GLN 'L-peptide linking' y GLUTAMINE                                                            ?                 'C5 H10 N2 O3'   
146.144 
GLU 'L-peptide linking' y 'GLUTAMIC ACID'                                                      ?                 'C5 H9 N O4'     
147.129 
GLY 'peptide linking'   y GLYCINE                                                              ?                 'C2 H5 N O2'     
75.067  
HIS 'L-peptide linking' y HISTIDINE                                                            ?                 'C6 H10 N3 O2 1' 
156.162 
HOH non-polymer         . WATER                                                                ?                 'H2 O'           
18.015  
HWM non-polymer         . '5-hydroxy-2-methyl-1-[4-(1H-tetrazol-5-yl)phenyl]pyridin-4(1H)-one' ?                 'C13 H11 N5 O2'  
269.259 
ILE 'L-peptide linking' y ISOLEUCINE                                                           ?                 'C6 H13 N O2'    
131.173 
LEU 'L-peptide linking' y LEUCINE                                                              ?                 'C6 H13 N O2'    
131.173 
LYS 'L-peptide linking' y LYSINE                                                               ?                 'C6 H15 N2 O2 1' 
147.195 
MET 'L-peptide linking' y METHIONINE                                                           ?                 'C5 H11 N O2 S'  
149.211 
MN  non-polymer         . 'MANGANESE (II) ION'                                                 ?                 'Mn 2'           
54.938  
PHE 'L-peptide linking' y PHENYLALANINE                                                        ?                 'C9 H11 N O2'    
165.189 
PRO 'L-peptide linking' y PROLINE                                                              ?                 'C5 H9 N O2'     
115.130 
SER 'L-peptide linking' y SERINE                                                               ?                 'C3 H7 N O3'     
105.093 
THR 'L-peptide linking' y THREONINE                                                            ?                 'C4 H9 N O3'     
119.119 
TRP 'L-peptide linking' y TRYPTOPHAN                                                           ?                 'C11 H12 N2 O2'  
204.225 
TYR 'L-peptide linking' y TYROSINE                                                             ?                 'C9 H11 N O3'    
181.189 
VAL 'L-peptide linking' y VALINE                                                               ?                 'C5 H11 N O2'    
117.146 
# 
_exptl.absorpt_coefficient_mu     ? 
_exptl.absorpt_correction_T_max   ? 
_exptl.absorpt_correction_T_min   ? 
_exptl.absorpt_correction_type    ? 
_exptl.absorpt_process_details    ? 
_exptl.entry_id                   6E6X 
_exptl.crystals_number            1 
_exptl.details                    ? 
_exptl.method                     'X-RAY DIFFRACTION' 
_exptl.method_details             ? 
# 
_exptl_crystal.colour                      ? 
_exptl_crystal.density_diffrn              ? 
_exptl_crystal.density_Matthews            2.20 
_exptl_crystal.density_method              ? 
_exptl_crystal.density_percent_sol         44.06 
_exptl_crystal.description                 ? 
_exptl_crystal.F_000                       ? 
_exptl_crystal.id                          1 
_exptl_crystal.preparation                 ? 
_exptl_crystal.size_max                    ? 
_exptl_crystal.size_mid                    ? 
_exptl_crystal.size_min                    ? 
_exptl_crystal.size_rad                    ? 
_exptl_crystal.colour_lustre               ? 
_exptl_crystal.colour_modifier             ? 
_exptl_crystal.colour_primary              ? 
_exptl_crystal.density_meas                ? 
_exptl_crystal.density_meas_esd            ? 
_exptl_crystal.density_meas_gt             ? 
_exptl_crystal.density_meas_lt             ? 
_exptl_crystal.density_meas_temp           ? 
_exptl_crystal.density_meas_temp_esd       ? 
_exptl_crystal.density_meas_temp_gt        ? 
_exptl_crystal.density_meas_temp_lt        ? 
_exptl_crystal.pdbx_crystal_image_url      ? 
_exptl_crystal.pdbx_crystal_image_format   ? 
_exptl_crystal.pdbx_mosaicity              ? 
_exptl_crystal.pdbx_mosaicity_esd          ? 
# 
_exptl_crystal_grow.apparatus       ? 
_exptl_crystal_grow.atmosphere      ? 
_exptl_crystal_grow.crystal_id      1 
_exptl_crystal_grow.details         ? 
_exptl_crystal_grow.method          'VAPOR DIFFUSION, HANGING DROP' 
_exptl_crystal_grow.method_ref      ? 
_exptl_crystal_grow.pH              7.8 
_exptl_crystal_grow.pressure        ? 
_exptl_crystal_grow.pressure_esd    ? 
_exptl_crystal_grow.seeding         ? 
_exptl_crystal_grow.seeding_ref     ? 
_exptl_crystal_grow.temp            306 
_exptl_crystal_grow.temp_details    ? 
_exptl_crystal_grow.temp_esd        ? 
_exptl_crystal_grow.time            ? 
_exptl_crystal_grow.pdbx_details    '30% PEG4000, 100 mM Tris, pH 8.35, 200-220 mM sodium acetate' 
_exptl_crystal_grow.pdbx_pH_range   ? 
# 
_diffrn.ambient_environment              ? 
_diffrn.ambient_temp                     100 
_diffrn.ambient_temp_details             ? 
_diffrn.ambient_temp_esd                 ? 
_diffrn.crystal_id                       1 
_diffrn.crystal_support                  ? 
_diffrn.crystal_treatment                ? 
_diffrn.details                          ? 
_diffrn.id                               1 
_diffrn.ambient_pressure                 ? 
_diffrn.ambient_pressure_esd             ? 
_diffrn.ambient_pressure_gt              ? 
_diffrn.ambient_pressure_lt              ? 
_diffrn.ambient_temp_gt                  ? 
_diffrn.ambient_temp_lt                  ? 
_diffrn.pdbx_serial_crystal_experiment   ? 
# 
_diffrn_detector.details                      ? 
_diffrn_detector.detector                     PIXEL 
_diffrn_detector.diffrn_id                    1 
_diffrn_detector.type                         'DECTRIS PILATUS3 6M' 
_diffrn_detector.area_resol_mean              ? 
_diffrn_detector.dtime                        ? 
_diffrn_detector.pdbx_frames_total            ? 
_diffrn_detector.pdbx_collection_time_total   ? 
_diffrn_detector.pdbx_collection_date         2017-12-15 
_diffrn_detector.pdbx_frequency               ? 
# 
_diffrn_radiation.collimation                      ? 
_diffrn_radiation.diffrn_id                        1 
_diffrn_radiation.filter_edge                      ? 
_diffrn_radiation.inhomogeneity                    ? 
_diffrn_radiation.monochromator                    'double-crystal Si(111)' 
_diffrn_radiation.polarisn_norm                    ? 
_diffrn_radiation.polarisn_ratio                   ? 
_diffrn_radiation.probe                            ? 
_diffrn_radiation.type                             ? 
_diffrn_radiation.xray_symbol                      ? 
_diffrn_radiation.wavelength_id                    1 
_diffrn_radiation.pdbx_monochromatic_or_laue_m_l   M 
_diffrn_radiation.pdbx_wavelength_list             ? 
_diffrn_radiation.pdbx_wavelength                  ? 
_diffrn_radiation.pdbx_diffrn_protocol             'SINGLE WAVELENGTH' 
_diffrn_radiation.pdbx_analyzer                    ? 
_diffrn_radiation.pdbx_scattering_type             x-ray 
# 
_diffrn_radiation_wavelength.id           1 
_diffrn_radiation_wavelength.wavelength   1.00 
_diffrn_radiation_wavelength.wt           1.0 
# 
_diffrn_source.current                     ? 
_diffrn_source.details                     ? 
_diffrn_source.diffrn_id                   1 
_diffrn_source.power                       ? 
_diffrn_source.size                        ? 
_diffrn_source.source                      SYNCHROTRON 
_diffrn_source.target                      ? 
_diffrn_source.type                        'ALS BEAMLINE 5.0.2' 
_diffrn_source.voltage                     ? 
_diffrn_source.take-off_angle              ? 
_diffrn_source.pdbx_wavelength_list        1.00 
_diffrn_source.pdbx_wavelength             ? 
_diffrn_source.pdbx_synchrotron_beamline   5.0.2 
_diffrn_source.pdbx_synchrotron_site       ALS 
# 
_reflns.B_iso_Wilson_estimate            ? 
_reflns.entry_id                         6E6X 
_reflns.data_reduction_details           ? 
_reflns.data_reduction_method            ? 
_reflns.d_resolution_high                2.5 
_reflns.d_resolution_low                 44.29 
_reflns.details                          ? 
_reflns.limit_h_max                      ? 
_reflns.limit_h_min                      ? 
_reflns.limit_k_max                      ? 
_reflns.limit_k_min                      ? 
_reflns.limit_l_max                      ? 
_reflns.limit_l_min                      ? 
_reflns.number_all                       ? 
_reflns.number_obs                       7520 
_reflns.observed_criterion               ? 
_reflns.observed_criterion_F_max         ? 
_reflns.observed_criterion_F_min         ? 
_reflns.observed_criterion_I_max         ? 
_reflns.observed_criterion_I_min         ? 
_reflns.observed_criterion_sigma_F       ? 
_reflns.observed_criterion_sigma_I       ? 
_reflns.percent_possible_obs             100.0 
_reflns.R_free_details                   ? 
_reflns.Rmerge_F_all                     ? 
_reflns.Rmerge_F_obs                     ? 
_reflns.Friedel_coverage                 ? 
_reflns.number_gt                        ? 
_reflns.threshold_expression             ? 
_reflns.pdbx_redundancy                  17.5 
_reflns.pdbx_Rmerge_I_obs                0.095 
_reflns.pdbx_Rmerge_I_all                ? 
_reflns.pdbx_Rsym_value                  ? 
_reflns.pdbx_netI_over_av_sigmaI         ? 
_reflns.pdbx_netI_over_sigmaI            19.2 
_reflns.pdbx_res_netI_over_av_sigmaI_2   ? 
_reflns.pdbx_res_netI_over_sigmaI_2      ? 
_reflns.pdbx_chi_squared                 ? 
_reflns.pdbx_scaling_rejects             ? 
_reflns.pdbx_d_res_high_opt              ? 
_reflns.pdbx_d_res_low_opt               ? 
_reflns.pdbx_d_res_opt_method            ? 
_reflns.phase_calculation_details        ? 
_reflns.pdbx_Rrim_I_all                  0.100 
_reflns.pdbx_Rpim_I_all                  0.032 
_reflns.pdbx_d_opt                       ? 
_reflns.pdbx_number_measured_all         ? 
_reflns.pdbx_diffrn_id                   1 
_reflns.pdbx_ordinal                     1 
_reflns.pdbx_CC_half                     ? 
_reflns.pdbx_R_split                     ? 
# 
_reflns_shell.d_res_high                  2.5 
_reflns_shell.d_res_low                   2.6 
_reflns_shell.meanI_over_sigI_all         ? 
_reflns_shell.meanI_over_sigI_obs         5.7 
_reflns_shell.number_measured_all         ? 
_reflns_shell.number_measured_obs         ? 
_reflns_shell.number_possible             ? 
_reflns_shell.number_unique_all           ? 
_reflns_shell.number_unique_obs           809 
_reflns_shell.percent_possible_all        100.0 
_reflns_shell.percent_possible_obs        ? 
_reflns_shell.Rmerge_F_all                ? 
_reflns_shell.Rmerge_F_obs                ? 
_reflns_shell.Rmerge_I_all                ? 
_reflns_shell.Rmerge_I_obs                0.463 
_reflns_shell.meanI_over_sigI_gt          ? 
_reflns_shell.meanI_over_uI_all           ? 
_reflns_shell.meanI_over_uI_gt            ? 
_reflns_shell.number_measured_gt          ? 
_reflns_shell.number_unique_gt            ? 
_reflns_shell.percent_possible_gt         ? 
_reflns_shell.Rmerge_F_gt                 ? 
_reflns_shell.Rmerge_I_gt                 ? 
_reflns_shell.pdbx_redundancy             19.4 
_reflns_shell.pdbx_Rsym_value             ? 
_reflns_shell.pdbx_chi_squared            ? 
_reflns_shell.pdbx_netI_over_sigmaI_all   ? 
_reflns_shell.pdbx_netI_over_sigmaI_obs   ? 
_reflns_shell.pdbx_Rrim_I_all             0.487 
_reflns_shell.pdbx_Rpim_I_all             0.15 
_reflns_shell.pdbx_rejects                ? 
_reflns_shell.pdbx_ordinal                1 
_reflns_shell.pdbx_diffrn_id              1 
_reflns_shell.pdbx_CC_half                ? 
_reflns_shell.pdbx_R_split                ? 
# 
_refine.aniso_B[1][1]                            -0.29 
_refine.aniso_B[1][2]                            -0.14 
_refine.aniso_B[1][3]                            0.00 
_refine.aniso_B[2][2]                            -0.29 
_refine.aniso_B[2][3]                            -0.00 
_refine.aniso_B[3][3]                            0.93 
_refine.B_iso_max                                ? 
_refine.B_iso_mean                               48.708 
_refine.B_iso_min                                ? 
_refine.correlation_coeff_Fo_to_Fc               0.939 
_refine.correlation_coeff_Fo_to_Fc_free          0.906 
_refine.details                                  'HYDROGENS HAVE BEEN ADDED IN THE RIDING POSITIONS' 
_refine.diff_density_max                         ? 
_refine.diff_density_max_esd                     ? 
_refine.diff_density_min                         ? 
_refine.diff_density_min_esd                     ? 
_refine.diff_density_rms                         ? 
_refine.diff_density_rms_esd                     ? 
_refine.entry_id                                 6E6X 
_refine.pdbx_refine_id                           'X-RAY DIFFRACTION' 
_refine.ls_abs_structure_details                 ? 
_refine.ls_abs_structure_Flack                   ? 
_refine.ls_abs_structure_Flack_esd               ? 
_refine.ls_abs_structure_Rogers                  ? 
_refine.ls_abs_structure_Rogers_esd              ? 
_refine.ls_d_res_high                            2.50 
_refine.ls_d_res_low                             44.29 
_refine.ls_extinction_coef                       ? 
_refine.ls_extinction_coef_esd                   ? 
_refine.ls_extinction_expression                 ? 
_refine.ls_extinction_method                     ? 
_refine.ls_goodness_of_fit_all                   ? 
_refine.ls_goodness_of_fit_all_esd               ? 
_refine.ls_goodness_of_fit_obs                   ? 
_refine.ls_goodness_of_fit_obs_esd               ? 
_refine.ls_hydrogen_treatment                    ? 
_refine.ls_matrix_type                           ? 
_refine.ls_number_constraints                    ? 
_refine.ls_number_parameters                     ? 
_refine.ls_number_reflns_all                     ? 
_refine.ls_number_reflns_obs                     6950 
_refine.ls_number_reflns_R_free                  507 
_refine.ls_number_reflns_R_work                  ? 
_refine.ls_number_restraints                     ? 
_refine.ls_percent_reflns_obs                    99.49 
_refine.ls_percent_reflns_R_free                 6.8 
_refine.ls_R_factor_all                          ? 
_refine.ls_R_factor_obs                          0.21045 
_refine.ls_R_factor_R_free                       0.26493 
_refine.ls_R_factor_R_free_error                 ? 
_refine.ls_R_factor_R_free_error_details         ? 
_refine.ls_R_factor_R_work                       0.20650 
_refine.ls_R_Fsqd_factor_obs                     ? 
_refine.ls_R_I_factor_obs                        ? 
_refine.ls_redundancy_reflns_all                 ? 
_refine.ls_redundancy_reflns_obs                 ? 
_refine.ls_restrained_S_all                      ? 
_refine.ls_restrained_S_obs                      ? 
_refine.ls_shift_over_esd_max                    ? 
_refine.ls_shift_over_esd_mean                   ? 
_refine.ls_structure_factor_coef                 ? 
_refine.ls_weighting_details                     ? 
_refine.ls_weighting_scheme                      ? 
_refine.ls_wR_factor_all                         ? 
_refine.ls_wR_factor_obs                         ? 
_refine.ls_wR_factor_R_free                      ? 
_refine.ls_wR_factor_R_work                      ? 
_refine.occupancy_max                            ? 
_refine.occupancy_min                            ? 
_refine.solvent_model_details                    ? 
_refine.solvent_model_param_bsol                 ? 
_refine.solvent_model_param_ksol                 ? 
_refine.ls_R_factor_gt                           ? 
_refine.ls_goodness_of_fit_gt                    ? 
_refine.ls_goodness_of_fit_ref                   ? 
_refine.ls_shift_over_su_max                     ? 
_refine.ls_shift_over_su_max_lt                  ? 
_refine.ls_shift_over_su_mean                    ? 
_refine.ls_shift_over_su_mean_lt                 ? 
_refine.pdbx_ls_sigma_I                          ? 
_refine.pdbx_ls_sigma_F                          ? 
_refine.pdbx_ls_sigma_Fsqd                       ? 
_refine.pdbx_data_cutoff_high_absF               ? 
_refine.pdbx_data_cutoff_high_rms_absF           ? 
_refine.pdbx_data_cutoff_low_absF                ? 
_refine.pdbx_isotropic_thermal_model             ? 
_refine.pdbx_ls_cross_valid_method               THROUGHOUT 
_refine.pdbx_method_to_determine_struct          'MOLECULAR REPLACEMENT' 
_refine.pdbx_starting_model                      'PDB entry 4AWM' 
_refine.pdbx_stereochemistry_target_values       ? 
_refine.pdbx_R_Free_selection_details            RANDOM 
_refine.pdbx_stereochem_target_val_spec_case     ? 
_refine.pdbx_overall_ESU_R                       0.662 
_refine.pdbx_overall_ESU_R_Free                  0.315 
_refine.pdbx_solvent_vdw_probe_radii             1.20 
_refine.pdbx_solvent_ion_probe_radii             0.80 
_refine.pdbx_solvent_shrinkage_radii             0.80 
_refine.pdbx_real_space_R                        ? 
_refine.pdbx_density_correlation                 ? 
_refine.pdbx_pd_number_of_powder_patterns        ? 
_refine.pdbx_pd_number_of_points                 ? 
_refine.pdbx_pd_meas_number_of_points            ? 
_refine.pdbx_pd_proc_ls_prof_R_factor            ? 
_refine.pdbx_pd_proc_ls_prof_wR_factor           ? 
_refine.pdbx_pd_Marquardt_correlation_coeff      ? 
_refine.pdbx_pd_Fsqrd_R_factor                   ? 
_refine.pdbx_pd_ls_matrix_band_width             ? 
_refine.pdbx_overall_phase_error                 ? 
_refine.pdbx_overall_SU_R_free_Cruickshank_DPI   ? 
_refine.pdbx_overall_SU_R_free_Blow_DPI          ? 
_refine.pdbx_overall_SU_R_Blow_DPI               ? 
_refine.pdbx_TLS_residual_ADP_flag               ? 
_refine.pdbx_diffrn_id                           1 
_refine.overall_SU_B                             9.534 
_refine.overall_SU_ML                            0.213 
_refine.overall_SU_R_Cruickshank_DPI             ? 
_refine.overall_SU_R_free                        ? 
_refine.overall_FOM_free_R_set                   ? 
_refine.overall_FOM_work_R_set                   ? 
_refine.pdbx_average_fsc_overall                 ? 
_refine.pdbx_average_fsc_work                    ? 
_refine.pdbx_average_fsc_free                    ? 
# 
_refine_hist.pdbx_refine_id                   'X-RAY DIFFRACTION' 
_refine_hist.cycle_id                         1 
_refine_hist.pdbx_number_atoms_protein        1459 
_refine_hist.pdbx_number_atoms_nucleic_acid   0 
_refine_hist.pdbx_number_atoms_ligand         26 
_refine_hist.number_atoms_solvent             13 
_refine_hist.number_atoms_total               1498 
_refine_hist.d_res_high                       2.50 
_refine_hist.d_res_low                        44.29 
# 
loop_
_refine_ls_restr.pdbx_refine_id 
_refine_ls_restr.criterion 
_refine_ls_restr.dev_ideal 
_refine_ls_restr.dev_ideal_target 
_refine_ls_restr.number 
_refine_ls_restr.rejects 
_refine_ls_restr.type 
_refine_ls_restr.weight 
_refine_ls_restr.pdbx_restraint_function 
'X-RAY DIFFRACTION' ? 0.016  0.019  1513 ? r_bond_refined_d             ? ? 
'X-RAY DIFFRACTION' ? 0.002  0.020  1419 ? r_bond_other_d               ? ? 
'X-RAY DIFFRACTION' ? 1.589  1.958  2028 ? r_angle_refined_deg          ? ? 
'X-RAY DIFFRACTION' ? 1.059  3.003  3260 ? r_angle_other_deg            ? ? 
'X-RAY DIFFRACTION' ? 6.113  5.000  172  ? r_dihedral_angle_1_deg       ? ? 
'X-RAY DIFFRACTION' ? 36.358 23.165 79   ? r_dihedral_angle_2_deg       ? ? 
'X-RAY DIFFRACTION' ? 16.371 15.000 281  ? r_dihedral_angle_3_deg       ? ? 
'X-RAY DIFFRACTION' ? 22.152 15.000 14   ? r_dihedral_angle_4_deg       ? ? 
'X-RAY DIFFRACTION' ? 0.092  0.200  212  ? r_chiral_restr               ? ? 
'X-RAY DIFFRACTION' ? 0.007  0.020  1666 ? r_gen_planes_refined         ? ? 
'X-RAY DIFFRACTION' ? 0.002  0.020  369  ? r_gen_planes_other           ? ? 
'X-RAY DIFFRACTION' ? ?      ?      ?    ? r_nbd_refined                ? ? 
'X-RAY DIFFRACTION' ? ?      ?      ?    ? r_nbd_other                  ? ? 
'X-RAY DIFFRACTION' ? ?      ?      ?    ? r_nbtor_refined              ? ? 
'X-RAY DIFFRACTION' ? ?      ?      ?    ? r_nbtor_other                ? ? 
'X-RAY DIFFRACTION' ? ?      ?      ?    ? r_xyhbond_nbd_refined        ? ? 
'X-RAY DIFFRACTION' ? ?      ?      ?    ? r_xyhbond_nbd_other          ? ? 
'X-RAY DIFFRACTION' ? ?      ?      ?    ? r_metal_ion_refined          ? ? 
'X-RAY DIFFRACTION' ? ?      ?      ?    ? r_metal_ion_other            ? ? 
'X-RAY DIFFRACTION' ? ?      ?      ?    ? r_symmetry_vdw_refined       ? ? 
'X-RAY DIFFRACTION' ? ?      ?      ?    ? r_symmetry_vdw_other         ? ? 
'X-RAY DIFFRACTION' ? ?      ?      ?    ? r_symmetry_hbond_refined     ? ? 
'X-RAY DIFFRACTION' ? ?      ?      ?    ? r_symmetry_hbond_other       ? ? 
'X-RAY DIFFRACTION' ? ?      ?      ?    ? r_symmetry_metal_ion_refined ? ? 
'X-RAY DIFFRACTION' ? ?      ?      ?    ? r_symmetry_metal_ion_other   ? ? 
'X-RAY DIFFRACTION' ? 3.314  4.498  697  ? r_mcbond_it                  ? ? 
'X-RAY DIFFRACTION' ? 3.316  4.493  696  ? r_mcbond_other               ? ? 
'X-RAY DIFFRACTION' ? 4.928  6.730  866  ? r_mcangle_it                 ? ? 
'X-RAY DIFFRACTION' ? 4.925  6.735  867  ? r_mcangle_other              ? ? 
'X-RAY DIFFRACTION' ? 4.616  5.103  816  ? r_scbond_it                  ? ? 
'X-RAY DIFFRACTION' ? 4.613  5.104  817  ? r_scbond_other               ? ? 
'X-RAY DIFFRACTION' ? ?      ?      ?    ? r_scangle_it                 ? ? 
'X-RAY DIFFRACTION' ? 7.250  7.426  1163 ? r_scangle_other              ? ? 
'X-RAY DIFFRACTION' ? 9.211  35.928 1718 ? r_long_range_B_refined       ? ? 
'X-RAY DIFFRACTION' ? 9.208  35.943 1719 ? r_long_range_B_other         ? ? 
'X-RAY DIFFRACTION' ? ?      ?      ?    ? r_rigid_bond_restr           ? ? 
'X-RAY DIFFRACTION' ? ?      ?      ?    ? r_sphericity_free            ? ? 
'X-RAY DIFFRACTION' ? ?      ?      ?    ? r_sphericity_bonded          ? ? 
# 
_refine_ls_shell.pdbx_refine_id                   'X-RAY DIFFRACTION' 
_refine_ls_shell.d_res_high                       2.500 
_refine_ls_shell.d_res_low                        2.565 
_refine_ls_shell.number_reflns_all                ? 
_refine_ls_shell.number_reflns_obs                ? 
_refine_ls_shell.number_reflns_R_free             35 
_refine_ls_shell.number_reflns_R_work             491 
_refine_ls_shell.percent_reflns_obs               99.81 
_refine_ls_shell.percent_reflns_R_free            ? 
_refine_ls_shell.R_factor_all                     ? 
_refine_ls_shell.R_factor_obs                     ? 
_refine_ls_shell.R_factor_R_free                  0.374 
_refine_ls_shell.R_factor_R_free_error            ? 
_refine_ls_shell.R_factor_R_work                  0.259 
_refine_ls_shell.redundancy_reflns_all            ? 
_refine_ls_shell.redundancy_reflns_obs            ? 
_refine_ls_shell.wR_factor_all                    ? 
_refine_ls_shell.wR_factor_obs                    ? 
_refine_ls_shell.wR_factor_R_free                 ? 
_refine_ls_shell.wR_factor_R_work                 ? 
_refine_ls_shell.pdbx_total_number_of_bins_used   20 
_refine_ls_shell.pdbx_phase_error                 ? 
_refine_ls_shell.pdbx_fsc_work                    ? 
_refine_ls_shell.pdbx_fsc_free                    ? 
# 
_struct.entry_id                     6E6X 
_struct.title                        
;The N-terminal domain of PA endonuclease from the influenza H1N1 virus in complex with 1-(4-(1H-tetrazol-5-yl)phenyl)-5-hydroxy-2-methylpyridin-4(1H)-one
;
_struct.pdbx_model_details           ? 
_struct.pdbx_formula_weight          ? 
_struct.pdbx_formula_weight_method   ? 
_struct.pdbx_model_type_details      ? 
_struct.pdbx_CASP_flag               N 
# 
_struct_keywords.entry_id        6E6X 
_struct_keywords.text            'PA endonuclease, inhibitor, influenza, H1N1, HYDROLASE-HYDROLASE INHIBITOR complex' 
_struct_keywords.pdbx_keywords   'HYDROLASE/HYDROLASE INHIBITOR' 
# 
loop_
_struct_asym.id 
_struct_asym.pdbx_blank_PDB_chainid_flag 
_struct_asym.pdbx_modified 
_struct_asym.entity_id 
_struct_asym.details 
A N N 1 ? 
B N N 2 ? 
C N N 2 ? 
D N N 3 ? 
E N N 4 ? 
F N N 5 ? 
# 
loop_
_struct_conf.conf_type_id 
_struct_conf.id 
_struct_conf.pdbx_PDB_helix_id 
_struct_conf.beg_label_comp_id 
_struct_conf.beg_label_asym_id 
_struct_conf.beg_label_seq_id 
_struct_conf.pdbx_beg_PDB_ins_code 
_struct_conf.end_label_comp_id 
_struct_conf.end_label_asym_id 
_struct_conf.end_label_seq_id 
_struct_conf.pdbx_end_PDB_ins_code 
_struct_conf.beg_auth_comp_id 
_struct_conf.beg_auth_asym_id 
_struct_conf.beg_auth_seq_id 
_struct_conf.end_auth_comp_id 
_struct_conf.end_auth_asym_id 
_struct_conf.end_auth_seq_id 
_struct_conf.pdbx_PDB_helix_class 
_struct_conf.details 
_struct_conf.pdbx_PDB_helix_length 
HELX_P HELX_P1 AA1 MET A 5   ? PHE A 15  ? MET A -1  PHE A 9   1 ? 11 
HELX_P HELX_P2 AA2 ASN A 16  ? TYR A 30  ? ASN A 10  TYR A 24  1 ? 15 
HELX_P HELX_P3 AA3 GLU A 37  ? PHE A 57  ? GLU A 31  PHE A 51  1 ? 21 
HELX_P HELX_P4 AA4 ASP A 77  ? GLY A 93  ? ASP A 83  GLY A 99  1 ? 17 
HELX_P HELX_P5 AA5 GLU A 120 ? ILE A 132 ? GLU A 126 ILE A 138 1 ? 13 
HELX_P HELX_P6 AA6 LYS A 152 ? ASP A 154 ? LYS A 158 ASP A 160 5 ? 3  
HELX_P HELX_P7 AA7 ASP A 158 ? ARG A 179 ? ASP A 164 ARG A 185 1 ? 22 
HELX_P HELX_P8 AA8 LEU A 181 ? GLN A 187 ? LEU A 187 GLN A 193 1 ? 7  
# 
_struct_conf_type.id          HELX_P 
_struct_conf_type.criteria    ? 
_struct_conf_type.reference   ? 
# 
loop_
_struct_conn.id 
_struct_conn.conn_type_id 
_struct_conn.pdbx_leaving_atom_flag 
_struct_conn.pdbx_PDB_id 
_struct_conn.ptnr1_label_asym_id 
_struct_conn.ptnr1_label_comp_id 
_struct_conn.ptnr1_label_seq_id 
_struct_conn.ptnr1_label_atom_id 
_struct_conn.pdbx_ptnr1_label_alt_id 
_struct_conn.pdbx_ptnr1_PDB_ins_code 
_struct_conn.pdbx_ptnr1_standard_comp_id 
_struct_conn.ptnr1_symmetry 
_struct_conn.ptnr2_label_asym_id 
_struct_conn.ptnr2_label_comp_id 
_struct_conn.ptnr2_label_seq_id 
_struct_conn.ptnr2_label_atom_id 
_struct_conn.pdbx_ptnr2_label_alt_id 
_struct_conn.pdbx_ptnr2_PDB_ins_code 
_struct_conn.ptnr1_auth_asym_id 
_struct_conn.ptnr1_auth_comp_id 
_struct_conn.ptnr1_auth_seq_id 
_struct_conn.ptnr2_auth_asym_id 
_struct_conn.ptnr2_auth_comp_id 
_struct_conn.ptnr2_auth_seq_id 
_struct_conn.ptnr2_symmetry 
_struct_conn.pdbx_ptnr3_label_atom_id 
_struct_conn.pdbx_ptnr3_label_seq_id 
_struct_conn.pdbx_ptnr3_label_comp_id 
_struct_conn.pdbx_ptnr3_label_asym_id 
_struct_conn.pdbx_ptnr3_label_alt_id 
_struct_conn.pdbx_ptnr3_PDB_ins_code 
_struct_conn.details 
_struct_conn.pdbx_dist_value 
_struct_conn.pdbx_value_order 
_struct_conn.pdbx_role 
metalc1  metalc ? ? A HIS 47  NE2 ? ? ? 1_555 B MN  . MN  ? ? A HIS 41  A MN  201 1_555 ? ? ? ? ? ? ? 2.375 ? ? 
metalc2  metalc ? ? A GLU 74  OE2 ? ? ? 1_555 C MN  . MN  ? ? A GLU 80  A MN  202 1_555 ? ? ? ? ? ? ? 1.960 ? ? 
metalc3  metalc ? ? A ASP 102 OD2 ? ? ? 1_555 B MN  . MN  ? ? A ASP 108 A MN  201 1_555 ? ? ? ? ? ? ? 2.196 ? ? 
metalc4  metalc ? ? A ASP 102 OD1 ? ? ? 1_555 C MN  . MN  ? ? A ASP 108 A MN  202 1_555 ? ? ? ? ? ? ? 2.077 ? ? 
metalc5  metalc ? ? A GLU 113 OE2 ? ? ? 1_555 B MN  . MN  ? ? A GLU 119 A MN  201 1_555 ? ? ? ? ? ? ? 2.143 ? ? 
metalc6  metalc ? ? A ILE 114 O   ? ? ? 1_555 B MN  . MN  ? ? A ILE 120 A MN  201 1_555 ? ? ? ? ? ? ? 2.138 ? ? 
metalc7  metalc ? ? B MN  .   MN  ? ? ? 1_555 D HWM . OAO ? ? A MN  201 A HWM 203 1_555 ? ? ? ? ? ? ? 2.138 ? ? 
metalc8  metalc ? ? B MN  .   MN  ? ? ? 1_555 D HWM . OAT ? ? A MN  201 A HWM 203 1_555 ? ? ? ? ? ? ? 2.139 ? ? 
metalc9  metalc ? ? C MN  .   MN  ? ? ? 1_555 D HWM . OAT ? ? A MN  202 A HWM 203 1_555 ? ? ? ? ? ? ? 2.291 ? ? 
metalc10 metalc ? ? C MN  .   MN  ? ? ? 1_555 F HOH . O   ? ? A MN  202 A HOH 301 1_555 ? ? ? ? ? ? ? 2.241 ? ? 
metalc11 metalc ? ? C MN  .   MN  ? ? ? 1_555 F HOH . O   ? ? A MN  202 A HOH 305 1_555 ? ? ? ? ? ? ? 2.444 ? ? 
metalc12 metalc ? ? C MN  .   MN  ? ? ? 1_555 F HOH . O   ? ? A MN  202 A HOH 306 1_555 ? ? ? ? ? ? ? 1.970 ? ? 
# 
_struct_conn_type.id          metalc 
_struct_conn_type.criteria    ? 
_struct_conn_type.reference   ? 
# 
_struct_sheet.id               AA1 
_struct_sheet.type             ? 
_struct_sheet.number_strands   5 
_struct_sheet.details          ? 
# 
loop_
_struct_sheet_order.sheet_id 
_struct_sheet_order.range_id_1 
_struct_sheet_order.range_id_2 
_struct_sheet_order.offset 
_struct_sheet_order.sense 
AA1 1 2 ? anti-parallel 
AA1 2 3 ? anti-parallel 
AA1 3 4 ? parallel      
AA1 4 5 ? anti-parallel 
# 
loop_
_struct_sheet_range.sheet_id 
_struct_sheet_range.id 
_struct_sheet_range.beg_label_comp_id 
_struct_sheet_range.beg_label_asym_id 
_struct_sheet_range.beg_label_seq_id 
_struct_sheet_range.pdbx_beg_PDB_ins_code 
_struct_sheet_range.end_label_comp_id 
_struct_sheet_range.end_label_asym_id 
_struct_sheet_range.end_label_seq_id 
_struct_sheet_range.pdbx_end_PDB_ins_code 
_struct_sheet_range.beg_auth_comp_id 
_struct_sheet_range.beg_auth_asym_id 
_struct_sheet_range.beg_auth_seq_id 
_struct_sheet_range.end_auth_comp_id 
_struct_sheet_range.end_auth_asym_id 
_struct_sheet_range.end_auth_seq_id 
AA1 1 PHE A 70  ? ILE A 72  ? PHE A 76  ILE A 78  
AA1 2 LEU A 103 ? ASP A 105 ? LEU A 109 ASP A 111 
AA1 3 ARG A 110 ? THR A 117 ? ARG A 116 THR A 123 
AA1 4 HIS A 138 ? SER A 143 ? HIS A 144 SER A 149 
AA1 5 GLU A 148 ? ALA A 150 ? GLU A 154 ALA A 156 
# 
loop_
_pdbx_struct_sheet_hbond.sheet_id 
_pdbx_struct_sheet_hbond.range_id_1 
_pdbx_struct_sheet_hbond.range_id_2 
_pdbx_struct_sheet_hbond.range_1_label_atom_id 
_pdbx_struct_sheet_hbond.range_1_label_comp_id 
_pdbx_struct_sheet_hbond.range_1_label_asym_id 
_pdbx_struct_sheet_hbond.range_1_label_seq_id 
_pdbx_struct_sheet_hbond.range_1_PDB_ins_code 
_pdbx_struct_sheet_hbond.range_1_auth_atom_id 
_pdbx_struct_sheet_hbond.range_1_auth_comp_id 
_pdbx_struct_sheet_hbond.range_1_auth_asym_id 
_pdbx_struct_sheet_hbond.range_1_auth_seq_id 
_pdbx_struct_sheet_hbond.range_2_label_atom_id 
_pdbx_struct_sheet_hbond.range_2_label_comp_id 
_pdbx_struct_sheet_hbond.range_2_label_asym_id 
_pdbx_struct_sheet_hbond.range_2_label_seq_id 
_pdbx_struct_sheet_hbond.range_2_PDB_ins_code 
_pdbx_struct_sheet_hbond.range_2_auth_atom_id 
_pdbx_struct_sheet_hbond.range_2_auth_comp_id 
_pdbx_struct_sheet_hbond.range_2_auth_asym_id 
_pdbx_struct_sheet_hbond.range_2_auth_seq_id 
AA1 1 2 N GLU A 71  ? N GLU A 77  O TYR A 104 ? O TYR A 110 
AA1 2 3 N LEU A 103 ? N LEU A 109 O ILE A 112 ? O ILE A 118 
AA1 3 4 N GLU A 113 ? N GLU A 119 O HIS A 138 ? O HIS A 144 
AA1 4 5 N ILE A 141 ? N ILE A 147 O MET A 149 ? O MET A 155 
# 
loop_
_struct_site.id 
_struct_site.pdbx_evidence_code 
_struct_site.pdbx_auth_asym_id 
_struct_site.pdbx_auth_comp_id 
_struct_site.pdbx_auth_seq_id 
_struct_site.pdbx_auth_ins_code 
_struct_site.pdbx_num_residues 
_struct_site.details 
AC1 Software A MN  201 ? 5  'binding site for residue MN A 201'  
AC2 Software A MN  202 ? 6  'binding site for residue MN A 202'  
AC3 Software A HWM 203 ? 11 'binding site for residue HWM A 203' 
AC4 Software A EDO 204 ? 4  'binding site for residue EDO A 204' 
# 
loop_
_struct_site_gen.id 
_struct_site_gen.site_id 
_struct_site_gen.pdbx_num_res 
_struct_site_gen.label_comp_id 
_struct_site_gen.label_asym_id 
_struct_site_gen.label_seq_id 
_struct_site_gen.pdbx_auth_ins_code 
_struct_site_gen.auth_comp_id 
_struct_site_gen.auth_asym_id 
_struct_site_gen.auth_seq_id 
_struct_site_gen.label_atom_id 
_struct_site_gen.label_alt_id 
_struct_site_gen.symmetry 
_struct_site_gen.details 
1  AC1 5  HIS A 47  ? HIS A 41  . ? 1_555 ? 
2  AC1 5  ASP A 102 ? ASP A 108 . ? 1_555 ? 
3  AC1 5  GLU A 113 ? GLU A 119 . ? 1_555 ? 
4  AC1 5  ILE A 114 ? ILE A 120 . ? 1_555 ? 
5  AC1 5  HWM D .   ? HWM A 203 . ? 1_555 ? 
6  AC2 6  GLU A 74  ? GLU A 80  . ? 1_555 ? 
7  AC2 6  ASP A 102 ? ASP A 108 . ? 1_555 ? 
8  AC2 6  HWM D .   ? HWM A 203 . ? 1_555 ? 
9  AC2 6  HOH F .   ? HOH A 301 . ? 1_555 ? 
10 AC2 6  HOH F .   ? HOH A 305 . ? 1_555 ? 
11 AC2 6  HOH F .   ? HOH A 306 . ? 1_555 ? 
12 AC3 11 LYS A 40  ? LYS A 34  . ? 1_555 ? 
13 AC3 11 HIS A 47  ? HIS A 41  . ? 1_555 ? 
14 AC3 11 GLU A 74  ? GLU A 80  . ? 1_555 ? 
15 AC3 11 ASP A 102 ? ASP A 108 . ? 1_555 ? 
16 AC3 11 GLU A 113 ? GLU A 119 . ? 1_555 ? 
17 AC3 11 ILE A 114 ? ILE A 120 . ? 1_555 ? 
18 AC3 11 LYS A 128 ? LYS A 134 . ? 1_555 ? 
19 AC3 11 MN  B .   ? MN  A 201 . ? 1_555 ? 
20 AC3 11 MN  C .   ? MN  A 202 . ? 1_555 ? 
21 AC3 11 HOH F .   ? HOH A 302 . ? 1_555 ? 
22 AC3 11 HOH F .   ? HOH A 303 . ? 1_555 ? 
23 AC4 4  ILE A 73  ? ILE A 79  . ? 1_555 ? 
24 AC4 4  GLU A 74  ? GLU A 80  . ? 1_555 ? 
25 AC4 4  ARG A 76  ? ARG A 82  . ? 1_555 ? 
26 AC4 4  HOH F .   ? HOH A 305 . ? 1_555 ? 
# 
_atom_sites.entry_id                    6E6X 
_atom_sites.fract_transf_matrix[1][1]   -0.00038830 
_atom_sites.fract_transf_matrix[1][2]   -0.00436634 
_atom_sites.fract_transf_matrix[1][3]   0.01468599 
_atom_sites.fract_transf_matrix[2][1]   0.01252463 
_atom_sites.fract_transf_matrix[2][2]   -0.00590215 
_atom_sites.fract_transf_matrix[2][3]   0.00657384 
_atom_sites.fract_transf_matrix[3][1]   0.00236278 
_atom_sites.fract_transf_matrix[3][2]   0.00760036 
_atom_sites.fract_transf_matrix[3][3]   0.00232216 
_atom_sites.fract_transf_vector[1]      -0.192724 
_atom_sites.fract_transf_vector[2]      0.219270 
_atom_sites.fract_transf_vector[3]      1.080257 
# 
loop_
_atom_type.symbol 
C  
MN 
N  
O  
S  
# 
loop_
_atom_site.group_PDB 
_atom_site.id 
_atom_site.type_symbol 
_atom_site.label_atom_id 
_atom_site.label_alt_id 
_atom_site.label_comp_id 
_atom_site.label_asym_id 
_atom_site.label_entity_id 
_atom_site.label_seq_id 
_atom_site.pdbx_PDB_ins_code 
_atom_site.Cartn_x 
_atom_site.Cartn_y 
_atom_site.Cartn_z 
_atom_site.occupancy 
_atom_site.B_iso_or_equiv 
_atom_site.pdbx_formal_charge 
_atom_site.auth_seq_id 
_atom_site.auth_comp_id 
_atom_site.auth_asym_id 
_atom_site.auth_atom_id 
_atom_site.pdbx_PDB_model_num 
ATOM   1    N  N   . MET A 1 5   ? 8.518   18.571  -13.846 1.00 58.58  ? -1  MET A N   1 
ATOM   2    C  CA  . MET A 1 5   ? 8.978   17.165  -13.593 1.00 58.74  ? -1  MET A CA  1 
ATOM   3    C  C   . MET A 1 5   ? 8.077   16.157  -14.317 1.00 58.39  ? -1  MET A C   1 
ATOM   4    O  O   . MET A 1 5   ? 6.850   16.187  -14.186 1.00 56.32  ? -1  MET A O   1 
ATOM   5    C  CB  . MET A 1 5   ? 9.015   16.843  -12.093 1.00 55.87  ? -1  MET A CB  1 
ATOM   6    C  CG  . MET A 1 5   ? 9.695   15.542  -11.711 1.00 58.94  ? -1  MET A CG  1 
ATOM   7    S  SD  . MET A 1 5   ? 11.510  15.346  -11.910 1.00 79.61  ? -1  MET A SD  1 
ATOM   8    C  CE  . MET A 1 5   ? 11.810  14.927  -13.643 1.00 75.10  ? -1  MET A CE  1 
ATOM   9    N  N   . ALA A 1 6   ? 8.721   15.305  -15.119 1.00 56.15  ? 0   ALA A N   1 
ATOM   10   C  CA  . ALA A 1 6   ? 8.127   14.125  -15.745 1.00 49.53  ? 0   ALA A CA  1 
ATOM   11   C  C   . ALA A 1 6   ? 7.464   13.202  -14.715 1.00 47.70  ? 0   ALA A C   1 
ATOM   12   O  O   . ALA A 1 6   ? 6.381   12.686  -14.951 1.00 48.79  ? 0   ALA A O   1 
ATOM   13   C  CB  . ALA A 1 6   ? 9.210   13.376  -16.516 1.00 49.22  ? 0   ALA A CB  1 
ATOM   14   N  N   . MET A 1 7   ? 8.118   13.002  -13.575 1.00 46.97  ? 1   MET A N   1 
ATOM   15   C  CA  . MET A 1 7   ? 7.556   12.197  -12.478 1.00 46.41  ? 1   MET A CA  1 
ATOM   16   C  C   . MET A 1 7   ? 6.261   12.725  -11.925 1.00 46.52  ? 1   MET A C   1 
ATOM   17   O  O   . MET A 1 7   ? 5.349   11.929  -11.620 1.00 48.18  ? 1   MET A O   1 
ATOM   18   C  CB  . MET A 1 7   ? 8.550   11.968  -11.320 1.00 42.21  ? 1   MET A CB  1 
ATOM   19   C  CG  . MET A 1 7   ? 8.050   11.004  -10.243 1.00 44.16  ? 1   MET A CG  1 
ATOM   20   S  SD  . MET A 1 7   ? 7.577   9.355   -10.843 1.00 43.20  ? 1   MET A SD  1 
ATOM   21   C  CE  . MET A 1 7   ? 9.071   8.448   -10.577 1.00 41.12  ? 1   MET A CE  1 
ATOM   22   N  N   . GLU A 1 8   ? 6.168   14.037  -11.781 1.00 48.80  ? 2   GLU A N   1 
ATOM   23   C  CA  . GLU A 1 8   ? 4.900   14.617  -11.341 1.00 52.00  ? 2   GLU A CA  1 
ATOM   24   C  C   . GLU A 1 8   ? 3.797   14.379  -12.389 1.00 47.04  ? 2   GLU A C   1 
ATOM   25   O  O   . GLU A 1 8   ? 2.711   13.860  -12.073 1.00 45.19  ? 2   GLU A O   1 
ATOM   26   C  CB  . GLU A 1 8   ? 5.050   16.100  -11.032 1.00 53.41  ? 2   GLU A CB  1 
ATOM   27   C  CG  . GLU A 1 8   ? 3.962   16.571  -10.088 1.00 57.12  ? 2   GLU A CG  1 
ATOM   28   C  CD  . GLU A 1 8   ? 3.741   18.065  -10.122 1.00 60.68  ? 2   GLU A CD  1 
ATOM   29   O  OE1 . GLU A 1 8   ? 4.720   18.813  -10.345 1.00 59.35  ? 2   GLU A OE1 1 
ATOM   30   O  OE2 . GLU A 1 8   ? 2.575   18.472  -9.902  1.00 65.54  ? 2   GLU A OE2 1 
ATOM   31   N  N   . ASP A 1 9   ? 4.115   14.716  -13.632 1.00 43.95  ? 3   ASP A N   1 
ATOM   32   C  CA  . ASP A 1 9   ? 3.213   14.478  -14.748 1.00 52.67  ? 3   ASP A CA  1 
ATOM   33   C  C   . ASP A 1 9   ? 2.827   13.013  -14.782 1.00 53.12  ? 3   ASP A C   1 
ATOM   34   O  O   . ASP A 1 9   ? 1.633   12.707  -14.790 1.00 57.69  ? 3   ASP A O   1 
ATOM   35   C  CB  . ASP A 1 9   ? 3.830   14.896  -16.094 1.00 56.67  ? 3   ASP A CB  1 
ATOM   36   C  CG  . ASP A 1 9   ? 4.077   16.408  -16.194 1.00 58.99  ? 3   ASP A CG  1 
ATOM   37   O  OD1 . ASP A 1 9   ? 3.243   17.213  -15.725 1.00 62.93  ? 3   ASP A OD1 1 
ATOM   38   O  OD2 . ASP A 1 9   ? 5.123   16.790  -16.744 1.00 63.40  ? 3   ASP A OD2 1 
ATOM   39   N  N   . PHE A 1 10  ? 3.818   12.115  -14.725 1.00 47.95  ? 4   PHE A N   1 
ATOM   40   C  CA  . PHE A 1 10  ? 3.540   10.677  -14.670 1.00 44.60  ? 4   PHE A CA  1 
ATOM   41   C  C   . PHE A 1 10  ? 2.447   10.309  -13.651 1.00 39.38  ? 4   PHE A C   1 
ATOM   42   O  O   . PHE A 1 10  ? 1.510   9.551   -13.969 1.00 38.63  ? 4   PHE A O   1 
ATOM   43   C  CB  . PHE A 1 10  ? 4.809   9.829   -14.420 1.00 48.31  ? 4   PHE A CB  1 
ATOM   44   C  CG  . PHE A 1 10  ? 4.493   8.401   -14.057 1.00 42.62  ? 4   PHE A CG  1 
ATOM   45   C  CD1 . PHE A 1 10  ? 3.996   7.544   -15.010 1.00 42.67  ? 4   PHE A CD1 1 
ATOM   46   C  CD2 . PHE A 1 10  ? 4.561   7.974   -12.761 1.00 39.89  ? 4   PHE A CD2 1 
ATOM   47   C  CE1 . PHE A 1 10  ? 3.610   6.252   -14.687 1.00 41.49  ? 4   PHE A CE1 1 
ATOM   48   C  CE2 . PHE A 1 10  ? 4.180   6.681   -12.432 1.00 45.25  ? 4   PHE A CE2 1 
ATOM   49   C  CZ  . PHE A 1 10  ? 3.706   5.812   -13.403 1.00 40.57  ? 4   PHE A CZ  1 
ATOM   50   N  N   . VAL A 1 11  ? 2.552   10.845  -12.445 1.00 37.69  ? 5   VAL A N   1 
ATOM   51   C  CA  . VAL A 1 11  ? 1.587   10.491  -11.355 1.00 38.40  ? 5   VAL A CA  1 
ATOM   52   C  C   . VAL A 1 11  ? 0.163   10.965  -11.643 1.00 39.73  ? 5   VAL A C   1 
ATOM   53   O  O   . VAL A 1 11  ? -0.829  10.252  -11.427 1.00 39.89  ? 5   VAL A O   1 
ATOM   54   C  CB  . VAL A 1 11  ? 2.004   11.096  -9.999  1.00 36.43  ? 5   VAL A CB  1 
ATOM   55   C  CG1 . VAL A 1 11  ? 0.963   10.783  -8.930  1.00 39.30  ? 5   VAL A CG1 1 
ATOM   56   C  CG2 . VAL A 1 11  ? 3.372   10.590  -9.552  1.00 35.77  ? 5   VAL A CG2 1 
ATOM   57   N  N   . ARG A 1 12  ? 0.070   12.195  -12.117 1.00 45.42  ? 6   ARG A N   1 
ATOM   58   C  CA  . ARG A 1 12  ? -1.221  12.765  -12.477 1.00 48.95  ? 6   ARG A CA  1 
ATOM   59   C  C   . ARG A 1 12  ? -1.905  12.041  -13.653 1.00 48.69  ? 6   ARG A C   1 
ATOM   60   O  O   . ARG A 1 12  ? -3.115  12.078  -13.767 1.00 56.00  ? 6   ARG A O   1 
ATOM   61   C  CB  . ARG A 1 12  ? -1.053  14.252  -12.766 1.00 51.19  ? 6   ARG A CB  1 
ATOM   62   C  CG  . ARG A 1 12  ? -0.501  15.002  -11.576 1.00 51.66  ? 6   ARG A CG  1 
ATOM   63   C  CD  . ARG A 1 12  ? -0.691  16.501  -11.673 1.00 58.36  ? 6   ARG A CD  1 
ATOM   64   N  NE  . ARG A 1 12  ? 0.051   17.123  -10.579 1.00 64.12  ? 6   ARG A NE  1 
ATOM   65   C  CZ  . ARG A 1 12  ? -0.358  17.184  -9.311  1.00 65.68  ? 6   ARG A CZ  1 
ATOM   66   N  NH1 . ARG A 1 12  ? -1.550  16.685  -8.942  1.00 60.58  ? 6   ARG A NH1 1 
ATOM   67   N  NH2 . ARG A 1 12  ? 0.436   17.755  -8.401  1.00 64.01  ? 6   ARG A NH2 1 
ATOM   68   N  N   . GLN A 1 13  ? -1.144  11.342  -14.484 1.00 49.39  ? 7   GLN A N   1 
ATOM   69   C  CA  . GLN A 1 13  ? -1.695  10.651  -15.626 1.00 46.98  ? 7   GLN A CA  1 
ATOM   70   C  C   . GLN A 1 13  ? -2.006  9.190   -15.409 1.00 50.68  ? 7   GLN A C   1 
ATOM   71   O  O   . GLN A 1 13  ? -2.983  8.721   -15.976 1.00 52.24  ? 7   GLN A O   1 
ATOM   72   C  CB  . GLN A 1 13  ? -0.777  10.859  -16.807 1.00 52.79  ? 7   GLN A CB  1 
ATOM   73   C  CG  . GLN A 1 13  ? -0.764  12.348  -17.164 1.00 62.12  ? 7   GLN A CG  1 
ATOM   74   C  CD  . GLN A 1 13  ? 0.368   12.795  -18.045 1.00 63.03  ? 7   GLN A CD  1 
ATOM   75   O  OE1 . GLN A 1 13  ? 0.992   12.000  -18.751 1.00 71.40  ? 7   GLN A OE1 1 
ATOM   76   N  NE2 . GLN A 1 13  ? 0.636   14.095  -18.016 1.00 61.81  ? 7   GLN A NE2 1 
ATOM   77   N  N   . CYS A 1 14  ? -1.220  8.465   -14.598 1.00 54.23  ? 8   CYS A N   1 
ATOM   78   C  CA  . CYS A 1 14  ? -1.446  6.993   -14.414 1.00 53.74  ? 8   CYS A CA  1 
ATOM   79   C  C   . CYS A 1 14  ? -2.281  6.599   -13.216 1.00 52.19  ? 8   CYS A C   1 
ATOM   80   O  O   . CYS A 1 14  ? -2.661  5.451   -13.122 1.00 58.80  ? 8   CYS A O   1 
ATOM   81   C  CB  . CYS A 1 14  ? -0.137  6.170   -14.415 1.00 55.36  ? 8   CYS A CB  1 
ATOM   82   S  SG  . CYS A 1 14  ? 0.275   5.516   -16.051 1.00 63.35  ? 8   CYS A SG  1 
ATOM   83   N  N   . PHE A 1 15  ? -2.564  7.513   -12.294 1.00 52.28  ? 9   PHE A N   1 
ATOM   84   C  CA  . PHE A 1 15  ? -3.380  7.178   -11.119 1.00 50.18  ? 9   PHE A CA  1 
ATOM   85   C  C   . PHE A 1 15  ? -4.656  8.002   -11.177 1.00 46.21  ? 9   PHE A C   1 
ATOM   86   O  O   . PHE A 1 15  ? -4.613  9.118   -11.658 1.00 45.98  ? 9   PHE A O   1 
ATOM   87   C  CB  . PHE A 1 15  ? -2.582  7.483   -9.836  1.00 48.02  ? 9   PHE A CB  1 
ATOM   88   C  CG  . PHE A 1 15  ? -1.388  6.589   -9.625  1.00 42.70  ? 9   PHE A CG  1 
ATOM   89   C  CD1 . PHE A 1 15  ? -1.545  5.308   -9.091  1.00 42.82  ? 9   PHE A CD1 1 
ATOM   90   C  CD2 . PHE A 1 15  ? -0.121  7.014   -9.938  1.00 40.62  ? 9   PHE A CD2 1 
ATOM   91   C  CE1 . PHE A 1 15  ? -0.456  4.470   -8.886  1.00 40.78  ? 9   PHE A CE1 1 
ATOM   92   C  CE2 . PHE A 1 15  ? 0.975   6.183   -9.728  1.00 41.90  ? 9   PHE A CE2 1 
ATOM   93   C  CZ  . PHE A 1 15  ? 0.809   4.922   -9.176  1.00 39.07  ? 9   PHE A CZ  1 
ATOM   94   N  N   . ASN A 1 16  ? -5.777  7.480   -10.688 1.00 47.81  ? 10  ASN A N   1 
ATOM   95   C  CA  . ASN A 1 16  ? -7.028  8.210   -10.793 1.00 53.05  ? 10  ASN A CA  1 
ATOM   96   C  C   . ASN A 1 16  ? -7.050  9.337   -9.765  1.00 56.07  ? 10  ASN A C   1 
ATOM   97   O  O   . ASN A 1 16  ? -6.412  9.212   -8.730  1.00 63.60  ? 10  ASN A O   1 
ATOM   98   C  CB  . ASN A 1 16  ? -8.277  7.300   -10.791 1.00 57.47  ? 10  ASN A CB  1 
ATOM   99   C  CG  . ASN A 1 16  ? -8.697  6.833   -9.425  1.00 67.08  ? 10  ASN A CG  1 
ATOM   100  O  OD1 . ASN A 1 16  ? -8.911  7.621   -8.496  1.00 71.34  ? 10  ASN A OD1 1 
ATOM   101  N  ND2 . ASN A 1 16  ? -8.898  5.524   -9.312  1.00 73.60  ? 10  ASN A ND2 1 
ATOM   102  N  N   . PRO A 1 17  ? -7.758  10.452  -10.065 1.00 55.74  ? 11  PRO A N   1 
ATOM   103  C  CA  . PRO A 1 17  ? -7.651  11.693  -9.271  1.00 53.51  ? 11  PRO A CA  1 
ATOM   104  C  C   . PRO A 1 17  ? -7.850  11.581  -7.763  1.00 48.78  ? 11  PRO A C   1 
ATOM   105  O  O   . PRO A 1 17  ? -7.268  12.364  -6.996  1.00 48.97  ? 11  PRO A O   1 
ATOM   106  C  CB  . PRO A 1 17  ? -8.749  12.604  -9.885  1.00 55.24  ? 11  PRO A CB  1 
ATOM   107  C  CG  . PRO A 1 17  ? -8.867  12.151  -11.290 1.00 54.92  ? 11  PRO A CG  1 
ATOM   108  C  CD  . PRO A 1 17  ? -8.500  10.681  -11.331 1.00 53.95  ? 11  PRO A CD  1 
ATOM   109  N  N   . MET A 1 18  ? -8.709  10.662  -7.339  1.00 50.38  ? 12  MET A N   1 
ATOM   110  C  CA  . MET A 1 18  ? -8.976  10.459  -5.911  1.00 49.43  ? 12  MET A CA  1 
ATOM   111  C  C   . MET A 1 18  ? -7.682  10.008  -5.256  1.00 47.63  ? 12  MET A C   1 
ATOM   112  O  O   . MET A 1 18  ? -7.332  10.533  -4.194  1.00 50.25  ? 12  MET A O   1 
ATOM   113  C  CB  . MET A 1 18  ? -10.086 9.425   -5.693  1.00 55.91  ? 12  MET A CB  1 
ATOM   114  C  CG  . MET A 1 18  ? -10.150 8.816   -4.294  1.00 66.29  ? 12  MET A CG  1 
ATOM   115  S  SD  . MET A 1 18  ? -11.451 7.570   -4.066  1.00 85.48  ? 12  MET A SD  1 
ATOM   116  C  CE  . MET A 1 18  ? -11.194 6.429   -5.446  1.00 80.97  ? 12  MET A CE  1 
ATOM   117  N  N   . ILE A 1 19  ? -6.973  9.049   -5.873  1.00 42.38  ? 13  ILE A N   1 
ATOM   118  C  CA  . ILE A 1 19  ? -5.683  8.617   -5.321  1.00 43.10  ? 13  ILE A CA  1 
ATOM   119  C  C   . ILE A 1 19  ? -4.705  9.791   -5.288  1.00 38.50  ? 13  ILE A C   1 
ATOM   120  O  O   . ILE A 1 19  ? -4.121  10.063  -4.264  1.00 33.06  ? 13  ILE A O   1 
ATOM   121  C  CB  . ILE A 1 19  ? -5.098  7.392   -6.047  1.00 47.36  ? 13  ILE A CB  1 
ATOM   122  C  CG1 . ILE A 1 19  ? -5.973  6.150   -5.745  1.00 48.87  ? 13  ILE A CG1 1 
ATOM   123  C  CG2 . ILE A 1 19  ? -3.648  7.137   -5.586  1.00 46.72  ? 13  ILE A CG2 1 
ATOM   124  C  CD1 . ILE A 1 19  ? -5.810  5.030   -6.752  1.00 48.56  ? 13  ILE A CD1 1 
ATOM   125  N  N   . VAL A 1 20  ? -4.607  10.533  -6.382  1.00 36.19  ? 14  VAL A N   1 
ATOM   126  C  CA  . VAL A 1 20  ? -3.731  11.694  -6.419  1.00 42.13  ? 14  VAL A CA  1 
ATOM   127  C  C   . VAL A 1 20  ? -4.078  12.722  -5.285  1.00 41.39  ? 14  VAL A C   1 
ATOM   128  O  O   . VAL A 1 20  ? -3.227  13.075  -4.507  1.00 44.55  ? 14  VAL A O   1 
ATOM   129  C  CB  . VAL A 1 20  ? -3.716  12.334  -7.844  1.00 42.16  ? 14  VAL A CB  1 
ATOM   130  C  CG1 . VAL A 1 20  ? -2.848  13.579  -7.858  1.00 40.11  ? 14  VAL A CG1 1 
ATOM   131  C  CG2 . VAL A 1 20  ? -3.265  11.313  -8.908  1.00 42.53  ? 14  VAL A CG2 1 
ATOM   132  N  N   . GLU A 1 21  ? -5.335  13.144  -5.187  1.00 46.05  ? 15  GLU A N   1 
ATOM   133  C  CA  . GLU A 1 21  ? -5.821  14.042  -4.113  1.00 49.02  ? 15  GLU A CA  1 
ATOM   134  C  C   . GLU A 1 21  ? -5.414  13.577  -2.720  1.00 42.37  ? 15  GLU A C   1 
ATOM   135  O  O   . GLU A 1 21  ? -4.796  14.317  -1.965  1.00 39.86  ? 15  GLU A O   1 
ATOM   136  C  CB  . GLU A 1 21  ? -7.369  14.144  -4.128  1.00 55.93  ? 15  GLU A CB  1 
ATOM   137  C  CG  . GLU A 1 21  ? -7.939  15.251  -4.996  1.00 65.89  ? 15  GLU A CG  1 
ATOM   138  C  CD  . GLU A 1 21  ? -9.417  15.503  -4.723  1.00 73.73  ? 15  GLU A CD  1 
ATOM   139  O  OE1 . GLU A 1 21  ? -9.734  15.902  -3.579  1.00 79.52  ? 15  GLU A OE1 1 
ATOM   140  O  OE2 . GLU A 1 21  ? -10.256 15.306  -5.645  1.00 70.86  ? 15  GLU A OE2 1 
ATOM   141  N  N   . LEU A 1 22  ? -5.805  12.349  -2.401  1.00 40.04  ? 16  LEU A N   1 
ATOM   142  C  CA  . LEU A 1 22  ? -5.492  11.727  -1.120  1.00 44.13  ? 16  LEU A CA  1 
ATOM   143  C  C   . LEU A 1 22  ? -3.989  11.765  -0.817  1.00 42.30  ? 16  LEU A C   1 
ATOM   144  O  O   . LEU A 1 22  ? -3.577  12.267  0.252   1.00 36.89  ? 16  LEU A O   1 
ATOM   145  C  CB  . LEU A 1 22  ? -6.071  10.297  -1.065  1.00 42.66  ? 16  LEU A CB  1 
ATOM   146  C  CG  . LEU A 1 22  ? -7.613  10.272  -0.929  1.00 45.40  ? 16  LEU A CG  1 
ATOM   147  C  CD1 . LEU A 1 22  ? -8.233  8.916   -1.256  1.00 45.82  ? 16  LEU A CD1 1 
ATOM   148  C  CD2 . LEU A 1 22  ? -8.049  10.699  0.473   1.00 44.49  ? 16  LEU A CD2 1 
ATOM   149  N  N   . ALA A 1 23  ? -3.184  11.325  -1.798  1.00 43.82  ? 17  ALA A N   1 
ATOM   150  C  CA  . ALA A 1 23  ? -1.725  11.361  -1.685  1.00 43.23  ? 17  ALA A CA  1 
ATOM   151  C  C   . ALA A 1 23  ? -1.217  12.765  -1.487  1.00 44.83  ? 17  ALA A C   1 
ATOM   152  O  O   . ALA A 1 23  ? -0.341  12.988  -0.628  1.00 46.18  ? 17  ALA A O   1 
ATOM   153  C  CB  . ALA A 1 23  ? -1.060  10.740  -2.899  1.00 45.77  ? 17  ALA A CB  1 
ATOM   154  N  N   . GLU A 1 24  ? -1.760  13.706  -2.268  1.00 46.91  ? 18  GLU A N   1 
ATOM   155  C  CA  . GLU A 1 24  ? -1.401  15.139  -2.144  1.00 51.25  ? 18  GLU A CA  1 
ATOM   156  C  C   . GLU A 1 24  ? -1.738  15.747  -0.801  1.00 48.40  ? 18  GLU A C   1 
ATOM   157  O  O   . GLU A 1 24  ? -0.918  16.474  -0.222  1.00 45.72  ? 18  GLU A O   1 
ATOM   158  C  CB  . GLU A 1 24  ? -2.080  16.000  -3.218  1.00 58.17  ? 18  GLU A CB  1 
ATOM   159  C  CG  . GLU A 1 24  ? -1.285  16.107  -4.497  1.00 66.32  ? 18  GLU A CG  1 
ATOM   160  C  CD  . GLU A 1 24  ? -1.660  17.308  -5.349  1.00 70.82  ? 18  GLU A CD  1 
ATOM   161  O  OE1 . GLU A 1 24  ? -2.270  17.089  -6.408  1.00 73.23  ? 18  GLU A OE1 1 
ATOM   162  O  OE2 . GLU A 1 24  ? -1.330  18.459  -4.977  1.00 77.61  ? 18  GLU A OE2 1 
ATOM   163  N  N   . LYS A 1 25  ? -2.962  15.488  -0.335  1.00 52.00  ? 19  LYS A N   1 
ATOM   164  C  CA  . LYS A 1 25  ? -3.446  16.053  0.925   1.00 52.66  ? 19  LYS A CA  1 
ATOM   165  C  C   . LYS A 1 25  ? -2.545  15.486  2.005   1.00 49.84  ? 19  LYS A C   1 
ATOM   166  O  O   . LYS A 1 25  ? -1.977  16.244  2.780   1.00 54.43  ? 19  LYS A O   1 
ATOM   167  C  CB  . LYS A 1 25  ? -4.937  15.737  1.141   1.00 63.11  ? 19  LYS A CB  1 
ATOM   168  C  CG  . LYS A 1 25  ? -5.568  16.201  2.469   1.00 73.91  ? 19  LYS A CG  1 
ATOM   169  C  CD  . LYS A 1 25  ? -6.482  15.152  3.146   1.00 78.00  ? 19  LYS A CD  1 
ATOM   170  C  CE  . LYS A 1 25  ? -5.690  13.912  3.623   1.00 84.25  ? 19  LYS A CE  1 
ATOM   171  N  NZ  . LYS A 1 25  ? -6.255  13.108  4.759   1.00 82.14  ? 19  LYS A NZ  1 
ATOM   172  N  N   . ALA A 1 26  ? -2.336  14.166  2.011   1.00 45.78  ? 20  ALA A N   1 
ATOM   173  C  CA  . ALA A 1 26  ? -1.470  13.542  3.032   1.00 42.12  ? 20  ALA A CA  1 
ATOM   174  C  C   . ALA A 1 26  ? -0.133  14.245  3.114   1.00 42.75  ? 20  ALA A C   1 
ATOM   175  O  O   . ALA A 1 26  ? 0.298   14.666  4.187   1.00 44.96  ? 20  ALA A O   1 
ATOM   176  C  CB  . ALA A 1 26  ? -1.278  12.068  2.742   1.00 40.15  ? 20  ALA A CB  1 
ATOM   177  N  N   . MET A 1 27  ? 0.505   14.421  1.959   1.00 45.95  ? 21  MET A N   1 
ATOM   178  C  CA  . MET A 1 27  ? 1.821   15.079  1.907   1.00 49.54  ? 21  MET A CA  1 
ATOM   179  C  C   . MET A 1 27  ? 1.810   16.533  2.383   1.00 50.15  ? 21  MET A C   1 
ATOM   180  O  O   . MET A 1 27  ? 2.575   16.891  3.267   1.00 47.56  ? 21  MET A O   1 
ATOM   181  C  CB  . MET A 1 27  ? 2.443   14.967  0.517   1.00 47.40  ? 21  MET A CB  1 
ATOM   182  C  CG  . MET A 1 27  ? 3.008   13.585  0.255   1.00 47.51  ? 21  MET A CG  1 
ATOM   183  S  SD  . MET A 1 27  ? 3.763   13.439  -1.359  1.00 47.62  ? 21  MET A SD  1 
ATOM   184  C  CE  . MET A 1 27  ? 5.335   14.216  -1.059  1.00 46.31  ? 21  MET A CE  1 
ATOM   185  N  N   . LYS A 1 28  ? 0.935   17.349  1.800   1.00 60.01  ? 22  LYS A N   1 
ATOM   186  C  CA  . LYS A 1 28  ? 0.842   18.789  2.138   1.00 63.65  ? 22  LYS A CA  1 
ATOM   187  C  C   . LYS A 1 28  ? 0.522   19.076  3.622   1.00 64.83  ? 22  LYS A C   1 
ATOM   188  O  O   . LYS A 1 28  ? 1.082   20.005  4.209   1.00 71.68  ? 22  LYS A O   1 
ATOM   189  C  CB  . LYS A 1 28  ? -0.186  19.476  1.230   1.00 64.25  ? 22  LYS A CB  1 
ATOM   190  C  CG  . LYS A 1 28  ? 0.276   19.619  -0.216  1.00 66.57  ? 22  LYS A CG  1 
ATOM   191  C  CD  . LYS A 1 28  ? -0.904  19.940  -1.120  1.00 71.07  ? 22  LYS A CD  1 
ATOM   192  C  CE  . LYS A 1 28  ? -0.509  20.685  -2.381  1.00 72.90  ? 22  LYS A CE  1 
ATOM   193  N  NZ  . LYS A 1 28  ? -0.714  22.151  -2.198  1.00 80.18  ? 22  LYS A NZ  1 
ATOM   194  N  N   . GLU A 1 29  ? -0.329  18.265  4.240   1.00 59.87  ? 23  GLU A N   1 
ATOM   195  C  CA  . GLU A 1 29  ? -0.610  18.423  5.674   1.00 65.36  ? 23  GLU A CA  1 
ATOM   196  C  C   . GLU A 1 29  ? 0.598   18.211  6.596   1.00 59.79  ? 23  GLU A C   1 
ATOM   197  O  O   . GLU A 1 29  ? 0.633   18.765  7.681   1.00 61.09  ? 23  GLU A O   1 
ATOM   198  C  CB  . GLU A 1 29  ? -1.802  17.549  6.090   1.00 69.79  ? 23  GLU A CB  1 
ATOM   199  C  CG  . GLU A 1 29  ? -3.090  18.012  5.402   1.00 73.41  ? 23  GLU A CG  1 
ATOM   200  C  CD  . GLU A 1 29  ? -4.360  17.460  6.015   1.00 77.55  ? 23  GLU A CD  1 
ATOM   201  O  OE1 . GLU A 1 29  ? -4.284  16.447  6.762   1.00 77.75  ? 23  GLU A OE1 1 
ATOM   202  O  OE2 . GLU A 1 29  ? -5.431  18.064  5.740   1.00 73.33  ? 23  GLU A OE2 1 
ATOM   203  N  N   . TYR A 1 30  ? 1.586   17.444  6.149   1.00 61.50  ? 24  TYR A N   1 
ATOM   204  C  CA  . TYR A 1 30  ? 2.851   17.270  6.866   1.00 65.50  ? 24  TYR A CA  1 
ATOM   205  C  C   . TYR A 1 30  ? 3.986   18.143  6.295   1.00 64.39  ? 24  TYR A C   1 
ATOM   206  O  O   . TYR A 1 30  ? 5.161   17.852  6.518   1.00 62.67  ? 24  TYR A O   1 
ATOM   207  C  CB  . TYR A 1 30  ? 3.256   15.782  6.846   1.00 75.36  ? 24  TYR A CB  1 
ATOM   208  C  CG  . TYR A 1 30  ? 2.204   14.817  7.390   1.00 90.57  ? 24  TYR A CG  1 
ATOM   209  C  CD1 . TYR A 1 30  ? 1.404   15.154  8.488   1.00 96.61  ? 24  TYR A CD1 1 
ATOM   210  C  CD2 . TYR A 1 30  ? 2.021   13.546  6.823   1.00 107.13 ? 24  TYR A CD2 1 
ATOM   211  C  CE1 . TYR A 1 30  ? 0.445   14.276  8.989   1.00 101.06 ? 24  TYR A CE1 1 
ATOM   212  C  CE2 . TYR A 1 30  ? 1.063   12.660  7.331   1.00 107.71 ? 24  TYR A CE2 1 
ATOM   213  C  CZ  . TYR A 1 30  ? 0.283   13.040  8.415   1.00 104.19 ? 24  TYR A CZ  1 
ATOM   214  O  OH  . TYR A 1 30  ? -0.662  12.209  8.949   1.00 112.61 ? 24  TYR A OH  1 
ATOM   215  N  N   . GLY A 1 31  ? 3.646   19.209  5.563   1.00 59.48  ? 25  GLY A N   1 
ATOM   216  C  CA  . GLY A 1 31  ? 4.629   20.155  5.072   1.00 54.91  ? 25  GLY A CA  1 
ATOM   217  C  C   . GLY A 1 31  ? 5.599   19.672  4.007   1.00 59.40  ? 25  GLY A C   1 
ATOM   218  O  O   . GLY A 1 31  ? 6.633   20.341  3.768   1.00 54.03  ? 25  GLY A O   1 
ATOM   219  N  N   . GLU A 1 32  ? 5.268   18.539  3.359   1.00 59.74  ? 26  GLU A N   1 
ATOM   220  C  CA  . GLU A 1 32  ? 6.049   17.975  2.245   1.00 56.40  ? 26  GLU A CA  1 
ATOM   221  C  C   . GLU A 1 32  ? 5.434   18.392  0.889   1.00 54.62  ? 26  GLU A C   1 
ATOM   222  O  O   . GLU A 1 32  ? 4.220   18.331  0.730   1.00 53.90  ? 26  GLU A O   1 
ATOM   223  C  CB  . GLU A 1 32  ? 6.107   16.452  2.367   1.00 59.23  ? 26  GLU A CB  1 
ATOM   224  C  CG  . GLU A 1 32  ? 6.958   15.957  3.536   1.00 65.94  ? 26  GLU A CG  1 
ATOM   225  C  CD  . GLU A 1 32  ? 6.627   14.529  3.998   1.00 68.90  ? 26  GLU A CD  1 
ATOM   226  O  OE1 . GLU A 1 32  ? 6.176   13.707  3.186   1.00 69.96  ? 26  GLU A OE1 1 
ATOM   227  O  OE2 . GLU A 1 32  ? 6.812   14.222  5.199   1.00 74.54  ? 26  GLU A OE2 1 
ATOM   228  N  N   . ASP A 1 33  ? 6.257   18.807  -0.082  1.00 49.66  ? 27  ASP A N   1 
ATOM   229  C  CA  . ASP A 1 33  ? 5.732   19.269  -1.376  1.00 50.77  ? 27  ASP A CA  1 
ATOM   230  C  C   . ASP A 1 33  ? 5.856   18.144  -2.439  1.00 47.92  ? 27  ASP A C   1 
ATOM   231  O  O   . ASP A 1 33  ? 6.961   17.693  -2.721  1.00 40.19  ? 27  ASP A O   1 
ATOM   232  C  CB  . ASP A 1 33  ? 6.485   20.537  -1.825  1.00 54.92  ? 27  ASP A CB  1 
ATOM   233  C  CG  . ASP A 1 33  ? 5.837   21.243  -3.022  1.00 58.70  ? 27  ASP A CG  1 
ATOM   234  O  OD1 . ASP A 1 33  ? 4.875   20.706  -3.599  1.00 64.30  ? 27  ASP A OD1 1 
ATOM   235  O  OD2 . ASP A 1 33  ? 6.301   22.351  -3.399  1.00 62.31  ? 27  ASP A OD2 1 
ATOM   236  N  N   . PRO A 1 34  ? 4.728   17.726  -3.058  1.00 47.91  ? 28  PRO A N   1 
ATOM   237  C  CA  . PRO A 1 34  ? 4.786   16.679  -4.092  1.00 48.71  ? 28  PRO A CA  1 
ATOM   238  C  C   . PRO A 1 34  ? 5.527   17.002  -5.380  1.00 50.72  ? 28  PRO A C   1 
ATOM   239  O  O   . PRO A 1 34  ? 5.810   16.079  -6.163  1.00 54.31  ? 28  PRO A O   1 
ATOM   240  C  CB  . PRO A 1 34  ? 3.318   16.424  -4.415  1.00 50.19  ? 28  PRO A CB  1 
ATOM   241  C  CG  . PRO A 1 34  ? 2.564   16.864  -3.213  1.00 48.19  ? 28  PRO A CG  1 
ATOM   242  C  CD  . PRO A 1 34  ? 3.330   18.040  -2.696  1.00 46.85  ? 28  PRO A CD  1 
ATOM   243  N  N   . LYS A 1 35  ? 5.832   18.280  -5.602  1.00 48.13  ? 29  LYS A N   1 
ATOM   244  C  CA  . LYS A 1 35  ? 6.614   18.713  -6.782  1.00 43.80  ? 29  LYS A CA  1 
ATOM   245  C  C   . LYS A 1 35  ? 8.115   18.600  -6.508  1.00 42.74  ? 29  LYS A C   1 
ATOM   246  O  O   . LYS A 1 35  ? 8.945   18.594  -7.425  1.00 43.34  ? 29  LYS A O   1 
ATOM   247  C  CB  . LYS A 1 35  ? 6.264   20.159  -7.156  1.00 45.31  ? 29  LYS A CB  1 
ATOM   248  C  CG  . LYS A 1 35  ? 4.771   20.480  -7.094  1.00 48.64  ? 29  LYS A CG  1 
ATOM   249  C  CD  . LYS A 1 35  ? 4.383   21.663  -7.970  1.00 56.18  ? 29  LYS A CD  1 
ATOM   250  C  CE  . LYS A 1 35  ? 2.878   21.911  -7.912  1.00 62.86  ? 29  LYS A CE  1 
ATOM   251  N  NZ  . LYS A 1 35  ? 2.262   21.812  -9.268  1.00 61.80  ? 29  LYS A NZ  1 
ATOM   252  N  N   . ILE A 1 36  ? 8.463   18.493  -5.234  1.00 44.32  ? 30  ILE A N   1 
ATOM   253  C  CA  . ILE A 1 36  ? 9.837   18.340  -4.820  1.00 45.39  ? 30  ILE A CA  1 
ATOM   254  C  C   . ILE A 1 36  ? 10.074  16.876  -4.496  1.00 43.56  ? 30  ILE A C   1 
ATOM   255  O  O   . ILE A 1 36  ? 11.014  16.295  -5.009  1.00 40.88  ? 30  ILE A O   1 
ATOM   256  C  CB  . ILE A 1 36  ? 10.137  19.243  -3.606  1.00 47.95  ? 30  ILE A CB  1 
ATOM   257  C  CG1 . ILE A 1 36  ? 10.196  20.715  -4.036  1.00 51.39  ? 30  ILE A CG1 1 
ATOM   258  C  CG2 . ILE A 1 36  ? 11.449  18.849  -2.923  1.00 49.25  ? 30  ILE A CG2 1 
ATOM   259  C  CD1 . ILE A 1 36  ? 9.862   21.669  -2.897  1.00 54.26  ? 30  ILE A CD1 1 
ATOM   260  N  N   . GLU A 1 37  ? 9.257   16.304  -3.606  1.00 42.45  ? 31  GLU A N   1 
ATOM   261  C  CA  . GLU A 1 37  ? 9.403   14.901  -3.208  1.00 40.85  ? 31  GLU A CA  1 
ATOM   262  C  C   . GLU A 1 37  ? 8.535   13.994  -4.093  1.00 36.83  ? 31  GLU A C   1 
ATOM   263  O  O   . GLU A 1 37  ? 7.543   13.414  -3.657  1.00 36.19  ? 31  GLU A O   1 
ATOM   264  C  CB  . GLU A 1 37  ? 9.069   14.727  -1.730  1.00 46.08  ? 31  GLU A CB  1 
ATOM   265  C  CG  . GLU A 1 37  ? 9.972   15.493  -0.762  1.00 55.91  ? 31  GLU A CG  1 
ATOM   266  C  CD  . GLU A 1 37  ? 11.480  15.242  -0.949  1.00 61.38  ? 31  GLU A CD  1 
ATOM   267  O  OE1 . GLU A 1 37  ? 12.214  16.239  -0.836  1.00 65.65  ? 31  GLU A OE1 1 
ATOM   268  O  OE2 . GLU A 1 37  ? 11.945  14.081  -1.195  1.00 64.99  ? 31  GLU A OE2 1 
ATOM   269  N  N   . THR A 1 38  ? 8.960   13.876  -5.342  1.00 34.70  ? 32  THR A N   1 
ATOM   270  C  CA  . THR A 1 38  ? 8.163   13.326  -6.413  1.00 36.22  ? 32  THR A CA  1 
ATOM   271  C  C   . THR A 1 38  ? 8.178   11.814  -6.417  1.00 35.87  ? 32  THR A C   1 
ATOM   272  O  O   . THR A 1 38  ? 7.125   11.196  -6.619  1.00 36.90  ? 32  THR A O   1 
ATOM   273  C  CB  . THR A 1 38  ? 8.616   13.880  -7.760  1.00 36.61  ? 32  THR A CB  1 
ATOM   274  O  OG1 . THR A 1 38  ? 10.031  13.725  -7.879  1.00 40.25  ? 32  THR A OG1 1 
ATOM   275  C  CG2 . THR A 1 38  ? 8.267   15.349  -7.851  1.00 35.06  ? 32  THR A CG2 1 
ATOM   276  N  N   . ASN A 1 39  ? 9.348   11.218  -6.163  1.00 34.91  ? 33  ASN A N   1 
ATOM   277  C  CA  . ASN A 1 39  ? 9.439   9.776   -5.974  1.00 35.97  ? 33  ASN A CA  1 
ATOM   278  C  C   . ASN A 1 39  ? 8.603   9.296   -4.764  1.00 36.08  ? 33  ASN A C   1 
ATOM   279  O  O   . ASN A 1 39  ? 7.975   8.245   -4.825  1.00 33.53  ? 33  ASN A O   1 
ATOM   280  C  CB  . ASN A 1 39  ? 10.893  9.289   -5.876  1.00 36.87  ? 33  ASN A CB  1 
ATOM   281  C  CG  . ASN A 1 39  ? 11.637  9.349   -7.201  1.00 39.53  ? 33  ASN A CG  1 
ATOM   282  O  OD1 . ASN A 1 39  ? 11.048  9.519   -8.271  1.00 45.93  ? 33  ASN A OD1 1 
ATOM   283  N  ND2 . ASN A 1 39  ? 12.952  9.259   -7.128  1.00 41.07  ? 33  ASN A ND2 1 
ATOM   284  N  N   . LYS A 1 40  ? 8.579   10.072  -3.691  1.00 35.65  ? 34  LYS A N   1 
ATOM   285  C  CA  . LYS A 1 40  ? 7.694   9.759   -2.553  1.00 40.17  ? 34  LYS A CA  1 
ATOM   286  C  C   . LYS A 1 40  ? 6.198   9.823   -2.931  1.00 38.68  ? 34  LYS A C   1 
ATOM   287  O  O   . LYS A 1 40  ? 5.413   8.983   -2.559  1.00 40.01  ? 34  LYS A O   1 
ATOM   288  C  CB  . LYS A 1 40  ? 7.980   10.714  -1.398  1.00 40.91  ? 34  LYS A CB  1 
ATOM   289  C  CG  . LYS A 1 40  ? 7.236   10.364  -0.133  1.00 45.14  ? 34  LYS A CG  1 
ATOM   290  C  CD  . LYS A 1 40  ? 7.802   11.160  1.038   1.00 50.04  ? 34  LYS A CD  1 
ATOM   291  C  CE  . LYS A 1 40  ? 7.141   10.781  2.359   1.00 55.34  ? 34  LYS A CE  1 
ATOM   292  N  NZ  . LYS A 1 40  ? 7.987   11.321  3.467   1.00 60.58  ? 34  LYS A NZ  1 
ATOM   293  N  N   . PHE A 1 41  ? 5.851   10.839  -3.701  1.00 38.24  ? 35  PHE A N   1 
ATOM   294  C  CA  . PHE A 1 41  ? 4.514   11.053  -4.210  1.00 35.98  ? 35  PHE A CA  1 
ATOM   295  C  C   . PHE A 1 41  ? 4.011   9.820   -4.984  1.00 31.13  ? 35  PHE A C   1 
ATOM   296  O  O   . PHE A 1 41  ? 2.925   9.328   -4.727  1.00 29.56  ? 35  PHE A O   1 
ATOM   297  C  CB  . PHE A 1 41  ? 4.563   12.324  -5.100  1.00 36.43  ? 35  PHE A CB  1 
ATOM   298  C  CG  . PHE A 1 41  ? 3.241   12.815  -5.591  1.00 37.47  ? 35  PHE A CG  1 
ATOM   299  C  CD1 . PHE A 1 41  ? 2.048   12.622  -4.869  1.00 40.11  ? 35  PHE A CD1 1 
ATOM   300  C  CD2 . PHE A 1 41  ? 3.195   13.532  -6.802  1.00 40.08  ? 35  PHE A CD2 1 
ATOM   301  C  CE1 . PHE A 1 41  ? 0.840   13.124  -5.374  1.00 43.35  ? 35  PHE A CE1 1 
ATOM   302  C  CE2 . PHE A 1 41  ? 2.002   14.030  -7.307  1.00 41.14  ? 35  PHE A CE2 1 
ATOM   303  C  CZ  . PHE A 1 41  ? 0.826   13.830  -6.585  1.00 43.98  ? 35  PHE A CZ  1 
ATOM   304  N  N   . ALA A 1 42  ? 4.809   9.347   -5.928  1.00 30.45  ? 36  ALA A N   1 
ATOM   305  C  CA  . ALA A 1 42  ? 4.487   8.153   -6.713  1.00 29.42  ? 36  ALA A CA  1 
ATOM   306  C  C   . ALA A 1 42  ? 4.399   6.905   -5.865  1.00 33.07  ? 36  ALA A C   1 
ATOM   307  O  O   . ALA A 1 42  ? 3.520   6.081   -6.090  1.00 40.87  ? 36  ALA A O   1 
ATOM   308  C  CB  . ALA A 1 42  ? 5.529   7.940   -7.788  1.00 26.93  ? 36  ALA A CB  1 
ATOM   309  N  N   . ALA A 1 43  ? 5.305   6.741   -4.899  1.00 34.82  ? 37  ALA A N   1 
ATOM   310  C  CA  . ALA A 1 43  ? 5.279   5.569   -4.000  1.00 32.71  ? 37  ALA A CA  1 
ATOM   311  C  C   . ALA A 1 43  ? 4.039   5.569   -3.173  1.00 31.49  ? 37  ALA A C   1 
ATOM   312  O  O   . ALA A 1 43  ? 3.437   4.529   -3.032  1.00 31.48  ? 37  ALA A O   1 
ATOM   313  C  CB  . ALA A 1 43  ? 6.494   5.493   -3.103  1.00 32.29  ? 37  ALA A CB  1 
ATOM   314  N  N   . ILE A 1 44  ? 3.652   6.728   -2.635  1.00 34.88  ? 38  ILE A N   1 
ATOM   315  C  CA  . ILE A 1 44  ? 2.377   6.850   -1.892  1.00 38.16  ? 38  ILE A CA  1 
ATOM   316  C  C   . ILE A 1 44  ? 1.134   6.554   -2.765  1.00 40.12  ? 38  ILE A C   1 
ATOM   317  O  O   . ILE A 1 44  ? 0.235   5.858   -2.321  1.00 37.69  ? 38  ILE A O   1 
ATOM   318  C  CB  . ILE A 1 44  ? 2.219   8.218   -1.242  1.00 40.69  ? 38  ILE A CB  1 
ATOM   319  C  CG1 . ILE A 1 44  ? 3.216   8.326   -0.085  1.00 45.31  ? 38  ILE A CG1 1 
ATOM   320  C  CG2 . ILE A 1 44  ? 0.807   8.404   -0.687  1.00 37.70  ? 38  ILE A CG2 1 
ATOM   321  C  CD1 . ILE A 1 44  ? 3.251   9.705   0.556   1.00 50.89  ? 38  ILE A CD1 1 
ATOM   322  N  N   . CYS A 1 45  ? 1.099   7.068   -3.992  1.00 36.26  ? 39  CYS A N   1 
ATOM   323  C  CA  . CYS A 1 45  ? 0.040   6.706   -4.911  1.00 35.91  ? 39  CYS A CA  1 
ATOM   324  C  C   . CYS A 1 45  ? 0.020   5.211   -5.173  1.00 34.73  ? 39  CYS A C   1 
ATOM   325  O  O   . CYS A 1 45  ? -1.047  4.590   -5.116  1.00 38.08  ? 39  CYS A O   1 
ATOM   326  C  CB  . CYS A 1 45  ? 0.152   7.483   -6.233  1.00 37.32  ? 39  CYS A CB  1 
ATOM   327  S  SG  . CYS A 1 45  ? -0.203  9.260   -6.045  1.00 40.44  ? 39  CYS A SG  1 
ATOM   328  N  N   . THR A 1 46  ? 1.185   4.625   -5.454  1.00 35.19  ? 40  THR A N   1 
ATOM   329  C  CA  . THR A 1 46  ? 1.284   3.171   -5.742  1.00 30.22  ? 40  THR A CA  1 
ATOM   330  C  C   . THR A 1 46  ? 0.820   2.332   -4.575  1.00 28.77  ? 40  THR A C   1 
ATOM   331  O  O   . THR A 1 46  ? 0.031   1.457   -4.757  1.00 29.00  ? 40  THR A O   1 
ATOM   332  C  CB  . THR A 1 46  ? 2.701   2.763   -6.103  1.00 30.45  ? 40  THR A CB  1 
ATOM   333  O  OG1 . THR A 1 46  ? 3.109   3.468   -7.279  1.00 28.05  ? 40  THR A OG1 1 
ATOM   334  C  CG2 . THR A 1 46  ? 2.799   1.272   -6.392  1.00 33.30  ? 40  THR A CG2 1 
ATOM   335  N  N   . HIS A 1 47  ? 1.262   2.647   -3.362  1.00 29.40  ? 41  HIS A N   1 
ATOM   336  C  CA  . HIS A 1 47  ? 0.793   1.934   -2.193  1.00 29.10  ? 41  HIS A CA  1 
ATOM   337  C  C   . HIS A 1 47  ? -0.733  2.081   -1.983  1.00 32.15  ? 41  HIS A C   1 
ATOM   338  O  O   . HIS A 1 47  ? -1.417  1.099   -1.607  1.00 33.28  ? 41  HIS A O   1 
ATOM   339  C  CB  . HIS A 1 47  ? 1.550   2.376   -0.946  1.00 26.19  ? 41  HIS A CB  1 
ATOM   340  C  CG  . HIS A 1 47  ? 1.073   1.709   0.293   1.00 25.79  ? 41  HIS A CG  1 
ATOM   341  N  ND1 . HIS A 1 47  ? 0.162   2.287   1.144   1.00 28.21  ? 41  HIS A ND1 1 
ATOM   342  C  CD2 . HIS A 1 47  ? 1.345   0.497   0.815   1.00 28.45  ? 41  HIS A CD2 1 
ATOM   343  C  CE1 . HIS A 1 47  ? -0.090  1.487   2.161   1.00 26.70  ? 41  HIS A CE1 1 
ATOM   344  N  NE2 . HIS A 1 47  ? 0.616   0.386   1.985   1.00 31.85  ? 41  HIS A NE2 1 
ATOM   345  N  N   . LEU A 1 48  ? -1.259  3.288   -2.195  1.00 32.55  ? 42  LEU A N   1 
ATOM   346  C  CA  . LEU A 1 48  ? -2.691  3.538   -1.985  1.00 33.68  ? 42  LEU A CA  1 
ATOM   347  C  C   . LEU A 1 48  ? -3.492  2.682   -2.924  1.00 34.15  ? 42  LEU A C   1 
ATOM   348  O  O   . LEU A 1 48  ? -4.441  2.023   -2.506  1.00 35.96  ? 42  LEU A O   1 
ATOM   349  C  CB  . LEU A 1 48  ? -3.084  4.994   -2.201  1.00 40.75  ? 42  LEU A CB  1 
ATOM   350  C  CG  . LEU A 1 48  ? -3.665  5.693   -0.985  1.00 46.04  ? 42  LEU A CG  1 
ATOM   351  C  CD1 . LEU A 1 48  ? -3.896  7.174   -1.260  1.00 50.93  ? 42  LEU A CD1 1 
ATOM   352  C  CD2 . LEU A 1 48  ? -4.956  5.023   -0.575  1.00 45.25  ? 42  LEU A CD2 1 
ATOM   353  N  N   . GLU A 1 49  ? -3.085  2.674   -4.187  1.00 33.58  ? 43  GLU A N   1 
ATOM   354  C  CA  . GLU A 1 49  ? -3.779  1.921   -5.196  1.00 36.08  ? 43  GLU A CA  1 
ATOM   355  C  C   . GLU A 1 49  ? -3.783  0.438   -4.895  1.00 36.34  ? 43  GLU A C   1 
ATOM   356  O  O   . GLU A 1 49  ? -4.825  -0.211  -5.040  1.00 38.77  ? 43  GLU A O   1 
ATOM   357  C  CB  . GLU A 1 49  ? -3.204  2.196   -6.594  1.00 41.68  ? 43  GLU A CB  1 
ATOM   358  C  CG  . GLU A 1 49  ? -3.739  1.245   -7.648  1.00 47.74  ? 43  GLU A CG  1 
ATOM   359  C  CD  . GLU A 1 49  ? -3.912  1.838   -9.028  1.00 53.81  ? 43  GLU A CD  1 
ATOM   360  O  OE1 . GLU A 1 49  ? -3.062  2.618   -9.493  1.00 57.11  ? 43  GLU A OE1 1 
ATOM   361  O  OE2 . GLU A 1 49  ? -4.904  1.453   -9.686  1.00 71.69  ? 43  GLU A OE2 1 
ATOM   362  N  N   . VAL A 1 50  ? -2.642  -0.106  -4.474  1.00 32.33  ? 44  VAL A N   1 
ATOM   363  C  CA  . VAL A 1 50  ? -2.600  -1.512  -4.085  1.00 31.11  ? 44  VAL A CA  1 
ATOM   364  C  C   . VAL A 1 50  ? -3.579  -1.760  -2.950  1.00 30.89  ? 44  VAL A C   1 
ATOM   365  O  O   . VAL A 1 50  ? -4.257  -2.750  -2.964  1.00 33.08  ? 44  VAL A O   1 
ATOM   366  C  CB  . VAL A 1 50  ? -1.173  -2.020  -3.716  1.00 30.76  ? 44  VAL A CB  1 
ATOM   367  C  CG1 . VAL A 1 50  ? -1.205  -3.408  -3.118  1.00 28.85  ? 44  VAL A CG1 1 
ATOM   368  C  CG2 . VAL A 1 50  ? -0.309  -2.059  -4.956  1.00 32.44  ? 44  VAL A CG2 1 
ATOM   369  N  N   . CYS A 1 51  ? -3.654  -0.880  -1.967  1.00 32.43  ? 45  CYS A N   1 
ATOM   370  C  CA  . CYS A 1 51  ? -4.640  -1.061  -0.895  1.00 32.54  ? 45  CYS A CA  1 
ATOM   371  C  C   . CYS A 1 51  ? -6.081  -1.062  -1.421  1.00 33.30  ? 45  CYS A C   1 
ATOM   372  O  O   . CYS A 1 51  ? -6.902  -1.899  -1.000  1.00 30.07  ? 45  CYS A O   1 
ATOM   373  C  CB  . CYS A 1 51  ? -4.459  -0.020  0.222   1.00 33.55  ? 45  CYS A CB  1 
ATOM   374  S  SG  . CYS A 1 51  ? -2.909  -0.273  1.159   1.00 36.17  ? 45  CYS A SG  1 
ATOM   375  N  N   . PHE A 1 52  ? -6.386  -0.157  -2.346  1.00 32.90  ? 46  PHE A N   1 
ATOM   376  C  CA  . PHE A 1 52  ? -7.745  -0.074  -2.898  1.00 33.53  ? 46  PHE A CA  1 
ATOM   377  C  C   . PHE A 1 52  ? -8.061  -1.312  -3.760  1.00 33.49  ? 46  PHE A C   1 
ATOM   378  O  O   . PHE A 1 52  ? -9.147  -1.863  -3.665  1.00 37.99  ? 46  PHE A O   1 
ATOM   379  C  CB  . PHE A 1 52  ? -7.950  1.232   -3.662  1.00 34.18  ? 46  PHE A CB  1 
ATOM   380  C  CG  . PHE A 1 52  ? -8.001  2.483   -2.795  1.00 36.55  ? 46  PHE A CG  1 
ATOM   381  C  CD1 . PHE A 1 52  ? -7.946  2.449   -1.406  1.00 40.23  ? 46  PHE A CD1 1 
ATOM   382  C  CD2 . PHE A 1 52  ? -8.162  3.701   -3.388  1.00 40.98  ? 46  PHE A CD2 1 
ATOM   383  C  CE1 . PHE A 1 52  ? -8.031  3.614   -0.651  1.00 37.30  ? 46  PHE A CE1 1 
ATOM   384  C  CE2 . PHE A 1 52  ? -8.263  4.872   -2.636  1.00 37.64  ? 46  PHE A CE2 1 
ATOM   385  C  CZ  . PHE A 1 52  ? -8.196  4.825   -1.274  1.00 35.91  ? 46  PHE A CZ  1 
ATOM   386  N  N   . MET A 1 53  ? -7.105  -1.805  -4.519  1.00 30.99  ? 47  MET A N   1 
ATOM   387  C  CA  . MET A 1 53  ? -7.360  -2.940  -5.352  1.00 33.03  ? 47  MET A CA  1 
ATOM   388  C  C   . MET A 1 53  ? -7.652  -4.197  -4.533  1.00 40.88  ? 47  MET A C   1 
ATOM   389  O  O   . MET A 1 53  ? -8.548  -5.008  -4.900  1.00 41.44  ? 47  MET A O   1 
ATOM   390  C  CB  . MET A 1 53  ? -6.182  -3.208  -6.281  1.00 34.74  ? 47  MET A CB  1 
ATOM   391  C  CG  . MET A 1 53  ? -6.068  -2.258  -7.455  1.00 38.37  ? 47  MET A CG  1 
ATOM   392  S  SD  . MET A 1 53  ? -4.541  -2.608  -8.375  1.00 44.18  ? 47  MET A SD  1 
ATOM   393  C  CE  . MET A 1 53  ? -5.056  -3.955  -9.424  1.00 43.17  ? 47  MET A CE  1 
ATOM   394  N  N   . TYR A 1 54  ? -6.877  -4.346  -3.452  1.00 38.33  ? 48  TYR A N   1 
ATOM   395  C  CA  . TYR A 1 54  ? -6.900  -5.495  -2.562  1.00 40.06  ? 48  TYR A CA  1 
ATOM   396  C  C   . TYR A 1 54  ? -8.255  -5.593  -1.859  1.00 42.02  ? 48  TYR A C   1 
ATOM   397  O  O   . TYR A 1 54  ? -8.861  -6.684  -1.730  1.00 43.99  ? 48  TYR A O   1 
ATOM   398  C  CB  . TYR A 1 54  ? -5.778  -5.308  -1.527  1.00 37.98  ? 48  TYR A CB  1 
ATOM   399  C  CG  . TYR A 1 54  ? -5.278  -6.533  -0.810  1.00 38.14  ? 48  TYR A CG  1 
ATOM   400  C  CD1 . TYR A 1 54  ? -6.071  -7.232  0.076   1.00 37.12  ? 48  TYR A CD1 1 
ATOM   401  C  CD2 . TYR A 1 54  ? -3.950  -6.950  -0.970  1.00 41.69  ? 48  TYR A CD2 1 
ATOM   402  C  CE1 . TYR A 1 54  ? -5.582  -8.347  0.760   1.00 38.22  ? 48  TYR A CE1 1 
ATOM   403  C  CE2 . TYR A 1 54  ? -3.456  -8.046  -0.286  1.00 39.75  ? 48  TYR A CE2 1 
ATOM   404  C  CZ  . TYR A 1 54  ? -4.270  -8.747  0.581   1.00 38.36  ? 48  TYR A CZ  1 
ATOM   405  O  OH  . TYR A 1 54  ? -3.750  -9.841  1.247   1.00 35.08  ? 48  TYR A OH  1 
ATOM   406  N  N   . SER A 1 55  ? -8.698  -4.444  -1.375  1.00 43.47  ? 49  SER A N   1 
ATOM   407  C  CA  . SER A 1 55  ? -10.068 -4.242  -0.867  1.00 47.08  ? 49  SER A CA  1 
ATOM   408  C  C   . SER A 1 55  ? -11.177 -4.584  -1.881  1.00 45.13  ? 49  SER A C   1 
ATOM   409  O  O   . SER A 1 55  ? -12.147 -5.214  -1.531  1.00 48.76  ? 49  SER A O   1 
ATOM   410  C  CB  . SER A 1 55  ? -10.233 -2.799  -0.420  1.00 46.89  ? 49  SER A CB  1 
ATOM   411  O  OG  . SER A 1 55  ? -11.592 -2.501  -0.390  1.00 64.84  ? 49  SER A OG  1 
ATOM   412  N  N   . ASP A 1 56  ? -11.026 -4.160  -3.122  1.00 44.96  ? 50  ASP A N   1 
ATOM   413  C  CA  . ASP A 1 56  ? -11.998 -4.469  -4.171  1.00 50.74  ? 50  ASP A CA  1 
ATOM   414  C  C   . ASP A 1 56  ? -12.067 -5.907  -4.591  1.00 51.88  ? 50  ASP A C   1 
ATOM   415  O  O   . ASP A 1 56  ? -13.079 -6.323  -5.087  1.00 52.32  ? 50  ASP A O   1 
ATOM   416  C  CB  . ASP A 1 56  ? -11.712 -3.669  -5.446  1.00 52.13  ? 50  ASP A CB  1 
ATOM   417  C  CG  . ASP A 1 56  ? -11.990 -2.225  -5.281  1.00 52.39  ? 50  ASP A CG  1 
ATOM   418  O  OD1 . ASP A 1 56  ? -12.671 -1.850  -4.289  1.00 52.00  ? 50  ASP A OD1 1 
ATOM   419  O  OD2 . ASP A 1 56  ? -11.501 -1.462  -6.131  1.00 58.86  ? 50  ASP A OD2 1 
ATOM   420  N  N   . PHE A 1 57  ? -11.006 -6.676  -4.410  1.00 64.38  ? 51  PHE A N   1 
ATOM   421  C  CA  . PHE A 1 57  ? -11.083 -8.109  -4.673  1.00 64.50  ? 51  PHE A CA  1 
ATOM   422  C  C   . PHE A 1 57  ? -11.591 -8.842  -3.429  1.00 62.15  ? 51  PHE A C   1 
ATOM   423  O  O   . PHE A 1 57  ? -11.077 -9.881  -3.098  1.00 65.63  ? 51  PHE A O   1 
ATOM   424  C  CB  . PHE A 1 57  ? -9.732  -8.663  -5.161  1.00 67.80  ? 51  PHE A CB  1 
ATOM   425  C  CG  . PHE A 1 57  ? -9.153  -7.936  -6.360  1.00 71.98  ? 51  PHE A CG  1 
ATOM   426  C  CD1 . PHE A 1 57  ? -9.917  -7.688  -7.493  1.00 78.34  ? 51  PHE A CD1 1 
ATOM   427  C  CD2 . PHE A 1 57  ? -7.825  -7.521  -6.368  1.00 73.50  ? 51  PHE A CD2 1 
ATOM   428  C  CE1 . PHE A 1 57  ? -9.378  -7.017  -8.590  1.00 79.92  ? 51  PHE A CE1 1 
ATOM   429  C  CE2 . PHE A 1 57  ? -7.283  -6.860  -7.465  1.00 73.77  ? 51  PHE A CE2 1 
ATOM   430  C  CZ  . PHE A 1 57  ? -8.060  -6.601  -8.575  1.00 77.10  ? 51  PHE A CZ  1 
ATOM   431  N  N   . GLY A 1 58  ? -12.594 -8.282  -2.747  1.00 68.92  ? 52  GLY A N   1 
ATOM   432  C  CA  . GLY A 1 58  ? -13.383 -8.976  -1.725  1.00 70.83  ? 52  GLY A CA  1 
ATOM   433  C  C   . GLY A 1 58  ? -14.836 -8.505  -1.753  1.00 75.40  ? 52  GLY A C   1 
ATOM   434  O  O   . GLY A 1 58  ? -15.404 -8.228  -2.826  1.00 75.53  ? 52  GLY A O   1 
ATOM   435  N  N   . HIS A 1 68  ? -17.849 -7.446  0.525   1.00 69.74  ? 74  HIS A N   1 
ATOM   436  C  CA  . HIS A 1 68  ? -17.363 -6.709  1.687   1.00 67.14  ? 74  HIS A CA  1 
ATOM   437  C  C   . HIS A 1 68  ? -16.522 -7.600  2.658   1.00 56.00  ? 74  HIS A C   1 
ATOM   438  O  O   . HIS A 1 68  ? -16.745 -7.620  3.856   1.00 56.53  ? 74  HIS A O   1 
ATOM   439  C  CB  . HIS A 1 68  ? -18.567 -6.043  2.375   1.00 77.31  ? 74  HIS A CB  1 
ATOM   440  C  CG  . HIS A 1 68  ? -18.208 -4.958  3.352   1.00 83.81  ? 74  HIS A CG  1 
ATOM   441  N  ND1 . HIS A 1 68  ? -17.387 -3.897  3.030   1.00 85.08  ? 74  HIS A ND1 1 
ATOM   442  C  CD2 . HIS A 1 68  ? -18.582 -4.763  4.642   1.00 84.19  ? 74  HIS A CD2 1 
ATOM   443  C  CE1 . HIS A 1 68  ? -17.257 -3.105  4.079   1.00 88.57  ? 74  HIS A CE1 1 
ATOM   444  N  NE2 . HIS A 1 68  ? -17.975 -3.606  5.070   1.00 90.58  ? 74  HIS A NE2 1 
ATOM   445  N  N   . ARG A 1 69  ? -15.556 -8.344  2.119   1.00 53.14  ? 75  ARG A N   1 
ATOM   446  C  CA  . ARG A 1 69  ? -14.582 -9.121  2.928   1.00 49.45  ? 75  ARG A CA  1 
ATOM   447  C  C   . ARG A 1 69  ? -13.603 -8.229  3.734   1.00 52.27  ? 75  ARG A C   1 
ATOM   448  O  O   . ARG A 1 69  ? -13.195 -8.601  4.820   1.00 53.55  ? 75  ARG A O   1 
ATOM   449  C  CB  . ARG A 1 69  ? -13.781 -10.079 2.044   1.00 46.05  ? 75  ARG A CB  1 
ATOM   450  C  CG  . ARG A 1 69  ? -12.664 -10.782 2.772   1.00 48.00  ? 75  ARG A CG  1 
ATOM   451  C  CD  . ARG A 1 69  ? -11.919 -11.798 1.929   1.00 45.68  ? 75  ARG A CD  1 
ATOM   452  N  NE  . ARG A 1 69  ? -10.875 -12.440 2.739   1.00 43.64  ? 75  ARG A NE  1 
ATOM   453  C  CZ  . ARG A 1 69  ? -10.213 -13.539 2.397   1.00 47.56  ? 75  ARG A CZ  1 
ATOM   454  N  NH1 . ARG A 1 69  ? -10.460 -14.183 1.263   1.00 46.73  ? 75  ARG A NH1 1 
ATOM   455  N  NH2 . ARG A 1 69  ? -9.304  -14.023 3.220   1.00 55.87  ? 75  ARG A NH2 1 
ATOM   456  N  N   . PHE A 1 70  ? -13.288 -7.043  3.213   1.00 52.99  ? 76  PHE A N   1 
ATOM   457  C  CA  . PHE A 1 70  ? -12.206 -6.221  3.694   1.00 45.80  ? 76  PHE A CA  1 
ATOM   458  C  C   . PHE A 1 70  ? -12.674 -4.861  4.061   1.00 45.73  ? 76  PHE A C   1 
ATOM   459  O  O   . PHE A 1 70  ? -13.493 -4.325  3.396   1.00 51.05  ? 76  PHE A O   1 
ATOM   460  C  CB  . PHE A 1 70  ? -11.166 -6.054  2.589   1.00 42.45  ? 76  PHE A CB  1 
ATOM   461  C  CG  . PHE A 1 70  ? -10.419 -7.314  2.271   1.00 43.26  ? 76  PHE A CG  1 
ATOM   462  C  CD1 . PHE A 1 70  ? -9.678  -7.963  3.254   1.00 40.70  ? 76  PHE A CD1 1 
ATOM   463  C  CD2 . PHE A 1 70  ? -10.412 -7.827  0.989   1.00 45.64  ? 76  PHE A CD2 1 
ATOM   464  C  CE1 . PHE A 1 70  ? -8.976  -9.116  2.973   1.00 43.10  ? 76  PHE A CE1 1 
ATOM   465  C  CE2 . PHE A 1 70  ? -9.705  -8.988  0.695   1.00 46.88  ? 76  PHE A CE2 1 
ATOM   466  C  CZ  . PHE A 1 70  ? -8.990  -9.638  1.691   1.00 46.38  ? 76  PHE A CZ  1 
ATOM   467  N  N   . GLU A 1 71  ? -12.112 -4.289  5.116   1.00 52.53  ? 77  GLU A N   1 
ATOM   468  C  CA  . GLU A 1 71  ? -12.337 -2.890  5.477   1.00 49.87  ? 77  GLU A CA  1 
ATOM   469  C  C   . GLU A 1 71  ? -11.078 -2.090  5.179   1.00 45.09  ? 77  GLU A C   1 
ATOM   470  O  O   . GLU A 1 71  ? -10.026 -2.390  5.687   1.00 48.80  ? 77  GLU A O   1 
ATOM   471  C  CB  . GLU A 1 71  ? -12.652 -2.776  6.959   1.00 55.36  ? 77  GLU A CB  1 
ATOM   472  C  CG  . GLU A 1 71  ? -13.192 -1.413  7.364   1.00 57.97  ? 77  GLU A CG  1 
ATOM   473  C  CD  . GLU A 1 71  ? -14.606 -1.243  6.894   1.00 55.12  ? 77  GLU A CD  1 
ATOM   474  O  OE1 . GLU A 1 71  ? -15.452 -2.054  7.328   1.00 54.56  ? 77  GLU A OE1 1 
ATOM   475  O  OE2 . GLU A 1 71  ? -14.838 -0.356  6.055   1.00 56.32  ? 77  GLU A OE2 1 
ATOM   476  N  N   . ILE A 1 72  ? -11.199 -1.085  4.339   1.00 46.34  ? 78  ILE A N   1 
ATOM   477  C  CA  . ILE A 1 72  ? -10.090 -0.206  4.012   1.00 48.53  ? 78  ILE A CA  1 
ATOM   478  C  C   . ILE A 1 72  ? -9.838  0.752   5.169   1.00 47.39  ? 78  ILE A C   1 
ATOM   479  O  O   . ILE A 1 72  ? -10.727 1.502   5.572   1.00 44.60  ? 78  ILE A O   1 
ATOM   480  C  CB  . ILE A 1 72  ? -10.332 0.571   2.700   1.00 51.29  ? 78  ILE A CB  1 
ATOM   481  C  CG1 . ILE A 1 72  ? -9.103  1.385   2.330   1.00 57.97  ? 78  ILE A CG1 1 
ATOM   482  C  CG2 . ILE A 1 72  ? -11.510 1.535   2.799   1.00 56.21  ? 78  ILE A CG2 1 
ATOM   483  C  CD1 . ILE A 1 72  ? -7.857  0.569   2.077   1.00 61.35  ? 78  ILE A CD1 1 
ATOM   484  N  N   . ILE A 1 73  ? -8.625  0.705   5.711   1.00 43.86  ? 79  ILE A N   1 
ATOM   485  C  CA  . ILE A 1 73  ? -8.213  1.639   6.746   1.00 44.41  ? 79  ILE A CA  1 
ATOM   486  C  C   . ILE A 1 73  ? -7.312  2.719   6.146   1.00 42.08  ? 79  ILE A C   1 
ATOM   487  O  O   . ILE A 1 73  ? -7.481  3.900   6.456   1.00 43.36  ? 79  ILE A O   1 
ATOM   488  C  CB  . ILE A 1 73  ? -7.535  0.880   7.898   1.00 47.96  ? 79  ILE A CB  1 
ATOM   489  C  CG1 . ILE A 1 73  ? -8.528  -0.106  8.536   1.00 50.59  ? 79  ILE A CG1 1 
ATOM   490  C  CG2 . ILE A 1 73  ? -6.982  1.842   8.947   1.00 44.99  ? 79  ILE A CG2 1 
ATOM   491  C  CD1 . ILE A 1 73  ? -7.860  -1.348  9.098   1.00 54.38  ? 79  ILE A CD1 1 
ATOM   492  N  N   . GLU A 1 74  ? -6.367  2.314   5.289   1.00 40.78  ? 80  GLU A N   1 
ATOM   493  C  CA  . GLU A 1 74  ? -5.447  3.250   4.620   1.00 40.63  ? 80  GLU A CA  1 
ATOM   494  C  C   . GLU A 1 74  ? -6.220  4.219   3.762   1.00 41.61  ? 80  GLU A C   1 
ATOM   495  O  O   . GLU A 1 74  ? -7.170  3.808   3.088   1.00 39.68  ? 80  GLU A O   1 
ATOM   496  C  CB  . GLU A 1 74  ? -4.453  2.499   3.744   1.00 43.83  ? 80  GLU A CB  1 
ATOM   497  C  CG  . GLU A 1 74  ? -3.395  3.350   3.043   1.00 46.67  ? 80  GLU A CG  1 
ATOM   498  C  CD  . GLU A 1 74  ? -2.452  4.074   3.997   1.00 47.51  ? 80  GLU A CD  1 
ATOM   499  O  OE1 . GLU A 1 74  ? -2.570  5.329   4.115   1.00 47.10  ? 80  GLU A OE1 1 
ATOM   500  O  OE2 . GLU A 1 74  ? -1.581  3.393   4.595   1.00 42.22  ? 80  GLU A OE2 1 
ATOM   501  N  N   . GLY A 1 75  ? -5.831  5.497   3.809   1.00 39.05  ? 81  GLY A N   1 
ATOM   502  C  CA  . GLY A 1 75  ? -6.455  6.523   2.982   1.00 42.85  ? 81  GLY A CA  1 
ATOM   503  C  C   . GLY A 1 75  ? -7.570  7.346   3.618   1.00 43.19  ? 81  GLY A C   1 
ATOM   504  O  O   . GLY A 1 75  ? -8.001  8.365   3.059   1.00 45.90  ? 81  GLY A O   1 
ATOM   505  N  N   . ARG A 1 76  ? -8.061  6.894   4.759   1.00 40.46  ? 82  ARG A N   1 
ATOM   506  C  CA  . ARG A 1 76  ? -8.886  7.714   5.616   1.00 40.52  ? 82  ARG A CA  1 
ATOM   507  C  C   . ARG A 1 76  ? -7.990  8.663   6.402   1.00 44.77  ? 82  ARG A C   1 
ATOM   508  O  O   . ARG A 1 76  ? -6.835  8.352   6.618   1.00 47.93  ? 82  ARG A O   1 
ATOM   509  C  CB  . ARG A 1 76  ? -9.601  6.839   6.596   1.00 40.88  ? 82  ARG A CB  1 
ATOM   510  C  CG  . ARG A 1 76  ? -10.514 5.830   5.957   1.00 43.06  ? 82  ARG A CG  1 
ATOM   511  C  CD  . ARG A 1 76  ? -10.940 4.864   7.031   1.00 49.70  ? 82  ARG A CD  1 
ATOM   512  N  NE  . ARG A 1 76  ? -11.754 3.799   6.464   1.00 62.02  ? 82  ARG A NE  1 
ATOM   513  C  CZ  . ARG A 1 76  ? -13.042 3.900   6.123   1.00 63.46  ? 82  ARG A CZ  1 
ATOM   514  N  NH1 . ARG A 1 76  ? -13.732 5.035   6.285   1.00 58.04  ? 82  ARG A NH1 1 
ATOM   515  N  NH2 . ARG A 1 76  ? -13.647 2.827   5.619   1.00 67.78  ? 82  ARG A NH2 1 
ATOM   516  N  N   . ASP A 1 77  ? -8.529  9.807   6.829   1.00 51.32  ? 83  ASP A N   1 
ATOM   517  C  CA  . ASP A 1 77  ? -7.912  10.638  7.882   1.00 52.26  ? 83  ASP A CA  1 
ATOM   518  C  C   . ASP A 1 77  ? -7.859  9.841   9.214   1.00 53.06  ? 83  ASP A C   1 
ATOM   519  O  O   . ASP A 1 77  ? -8.533  8.798   9.398   1.00 49.37  ? 83  ASP A O   1 
ATOM   520  C  CB  . ASP A 1 77  ? -8.675  11.957  8.089   1.00 55.05  ? 83  ASP A CB  1 
ATOM   521  C  CG  . ASP A 1 77  ? -10.122 11.727  8.498   1.00 62.25  ? 83  ASP A CG  1 
ATOM   522  O  OD1 . ASP A 1 77  ? -10.877 11.234  7.634   1.00 74.48  ? 83  ASP A OD1 1 
ATOM   523  O  OD2 . ASP A 1 77  ? -10.488 11.968  9.672   1.00 64.18  ? 83  ASP A OD2 1 
ATOM   524  N  N   . ARG A 1 78  ? -7.071  10.347  10.150  1.00 50.43  ? 84  ARG A N   1 
ATOM   525  C  CA  . ARG A 1 78  ? -6.686  9.528   11.306  1.00 55.78  ? 84  ARG A CA  1 
ATOM   526  C  C   . ARG A 1 78  ? -7.810  9.270   12.293  1.00 53.07  ? 84  ARG A C   1 
ATOM   527  O  O   . ARG A 1 78  ? -7.907  8.149   12.823  1.00 52.29  ? 84  ARG A O   1 
ATOM   528  C  CB  . ARG A 1 78  ? -5.419  10.078  11.970  1.00 58.37  ? 84  ARG A CB  1 
ATOM   529  C  CG  . ARG A 1 78  ? -4.250  10.045  10.992  1.00 60.03  ? 84  ARG A CG  1 
ATOM   530  C  CD  . ARG A 1 78  ? -2.986  10.596  11.578  1.00 64.27  ? 84  ARG A CD  1 
ATOM   531  N  NE  . ARG A 1 78  ? -2.095  9.512   11.964  1.00 69.70  ? 84  ARG A NE  1 
ATOM   532  C  CZ  . ARG A 1 78  ? -0.874  9.279   11.479  1.00 67.95  ? 84  ARG A CZ  1 
ATOM   533  N  NH1 . ARG A 1 78  ? -0.307  10.062  10.561  1.00 69.33  ? 84  ARG A NH1 1 
ATOM   534  N  NH2 . ARG A 1 78  ? -0.191  8.253   11.967  1.00 70.98  ? 84  ARG A NH2 1 
ATOM   535  N  N   . ILE A 1 79  ? -8.698  10.259  12.449  1.00 54.36  ? 85  ILE A N   1 
ATOM   536  C  CA  . ILE A 1 79  ? -9.921  10.122  13.255  1.00 48.69  ? 85  ILE A CA  1 
ATOM   537  C  C   . ILE A 1 79  ? -10.757 8.955   12.752  1.00 47.55  ? 85  ILE A C   1 
ATOM   538  O  O   . ILE A 1 79  ? -11.065 8.036   13.511  1.00 51.87  ? 85  ILE A O   1 
ATOM   539  C  CB  . ILE A 1 79  ? -10.785 11.406  13.210  1.00 52.72  ? 85  ILE A CB  1 
ATOM   540  C  CG1 . ILE A 1 79  ? -10.044 12.609  13.799  1.00 49.47  ? 85  ILE A CG1 1 
ATOM   541  C  CG2 . ILE A 1 79  ? -12.103 11.221  13.972  1.00 54.61  ? 85  ILE A CG2 1 
ATOM   542  C  CD1 . ILE A 1 79  ? -10.496 13.909  13.177  1.00 49.88  ? 85  ILE A CD1 1 
ATOM   543  N  N   . MET A 1 80  ? -11.102 8.976   11.470  1.00 52.88  ? 86  MET A N   1 
ATOM   544  C  CA  . MET A 1 80  ? -11.887 7.873   10.861  1.00 54.63  ? 86  MET A CA  1 
ATOM   545  C  C   . MET A 1 80  ? -11.217 6.490   10.913  1.00 50.90  ? 86  MET A C   1 
ATOM   546  O  O   . MET A 1 80  ? -11.896 5.472   11.172  1.00 46.84  ? 86  MET A O   1 
ATOM   547  C  CB  . MET A 1 80  ? -12.284 8.193   9.395   1.00 58.50  ? 86  MET A CB  1 
ATOM   548  C  CG  . MET A 1 80  ? -13.452 9.167   9.278   1.00 65.33  ? 86  MET A CG  1 
ATOM   549  S  SD  . MET A 1 80  ? -14.945 8.666   10.207  1.00 68.37  ? 86  MET A SD  1 
ATOM   550  C  CE  . MET A 1 80  ? -15.423 7.124   9.416   1.00 61.98  ? 86  MET A CE  1 
ATOM   551  N  N   . ALA A 1 81  ? -9.907  6.457   10.655  1.00 49.81  ? 87  ALA A N   1 
ATOM   552  C  CA  . ALA A 1 81  ? -9.128  5.213   10.713  1.00 48.38  ? 87  ALA A CA  1 
ATOM   553  C  C   . ALA A 1 81  ? -9.156  4.599   12.097  1.00 44.09  ? 87  ALA A C   1 
ATOM   554  O  O   . ALA A 1 81  ? -9.374  3.378   12.228  1.00 37.78  ? 87  ALA A O   1 
ATOM   555  C  CB  . ALA A 1 81  ? -7.687  5.474   10.310  1.00 52.83  ? 87  ALA A CB  1 
ATOM   556  N  N   . TRP A 1 82  ? -8.943  5.448   13.114  1.00 38.79  ? 88  TRP A N   1 
ATOM   557  C  CA  . TRP A 1 82  ? -8.976  4.976   14.489  1.00 44.84  ? 88  TRP A CA  1 
ATOM   558  C  C   . TRP A 1 82  ? -10.390 4.638   14.909  1.00 46.23  ? 88  TRP A C   1 
ATOM   559  O  O   . TRP A 1 82  ? -10.580 3.633   15.583  1.00 47.02  ? 88  TRP A O   1 
ATOM   560  C  CB  . TRP A 1 82  ? -8.288  5.940   15.463  1.00 46.33  ? 88  TRP A CB  1 
ATOM   561  C  CG  . TRP A 1 82  ? -6.782  5.808   15.392  1.00 47.36  ? 88  TRP A CG  1 
ATOM   562  C  CD1 . TRP A 1 82  ? -5.878  6.742   14.904  1.00 51.39  ? 88  TRP A CD1 1 
ATOM   563  C  CD2 . TRP A 1 82  ? -6.003  4.674   15.772  1.00 43.56  ? 88  TRP A CD2 1 
ATOM   564  N  NE1 . TRP A 1 82  ? -4.603  6.256   14.995  1.00 50.14  ? 88  TRP A NE1 1 
ATOM   565  C  CE2 . TRP A 1 82  ? -4.647  4.988   15.513  1.00 43.75  ? 88  TRP A CE2 1 
ATOM   566  C  CE3 . TRP A 1 82  ? -6.311  3.428   16.330  1.00 46.81  ? 88  TRP A CE3 1 
ATOM   567  C  CZ2 . TRP A 1 82  ? -3.605  4.106   15.802  1.00 41.97  ? 88  TRP A CZ2 1 
ATOM   568  C  CZ3 . TRP A 1 82  ? -5.272  2.545   16.612  1.00 43.32  ? 88  TRP A CZ3 1 
ATOM   569  C  CH2 . TRP A 1 82  ? -3.933  2.893   16.341  1.00 42.06  ? 88  TRP A CH2 1 
ATOM   570  N  N   . THR A 1 83  ? -11.382 5.420   14.469  1.00 45.81  ? 89  THR A N   1 
ATOM   571  C  CA  . THR A 1 83  ? -12.794 5.037   14.670  1.00 45.82  ? 89  THR A CA  1 
ATOM   572  C  C   . THR A 1 83  ? -13.107 3.674   14.081  1.00 47.17  ? 89  THR A C   1 
ATOM   573  O  O   . THR A 1 83  ? -13.805 2.863   14.722  1.00 46.49  ? 89  THR A O   1 
ATOM   574  C  CB  . THR A 1 83  ? -13.781 6.070   14.072  1.00 51.04  ? 89  THR A CB  1 
ATOM   575  O  OG1 . THR A 1 83  ? -13.532 7.355   14.651  1.00 47.31  ? 89  THR A OG1 1 
ATOM   576  C  CG2 . THR A 1 83  ? -15.277 5.660   14.304  1.00 48.63  ? 89  THR A CG2 1 
ATOM   577  N  N   . VAL A 1 84  ? -12.607 3.402   12.870  1.00 46.77  ? 90  VAL A N   1 
ATOM   578  C  CA  . VAL A 1 84  ? -12.865 2.085   12.233  1.00 45.20  ? 90  VAL A CA  1 
ATOM   579  C  C   . VAL A 1 84  ? -12.142 0.976   13.018  1.00 47.46  ? 90  VAL A C   1 
ATOM   580  O  O   . VAL A 1 84  ? -12.703 -0.099  13.254  1.00 48.19  ? 90  VAL A O   1 
ATOM   581  C  CB  . VAL A 1 84  ? -12.483 2.035   10.717  1.00 44.51  ? 90  VAL A CB  1 
ATOM   582  C  CG1 . VAL A 1 84  ? -12.725 0.650   10.142  1.00 47.88  ? 90  VAL A CG1 1 
ATOM   583  C  CG2 . VAL A 1 84  ? -13.270 3.035   9.875   1.00 47.04  ? 90  VAL A CG2 1 
ATOM   584  N  N   . VAL A 1 85  ? -10.902 1.239   13.430  1.00 51.12  ? 91  VAL A N   1 
ATOM   585  C  CA  . VAL A 1 85  ? -10.120 0.230   14.159  1.00 49.41  ? 91  VAL A CA  1 
ATOM   586  C  C   . VAL A 1 85  ? -10.743 -0.072  15.520  1.00 46.07  ? 91  VAL A C   1 
ATOM   587  O  O   . VAL A 1 85  ? -10.865 -1.218  15.875  1.00 43.38  ? 91  VAL A O   1 
ATOM   588  C  CB  . VAL A 1 85  ? -8.632  0.634   14.292  1.00 50.63  ? 91  VAL A CB  1 
ATOM   589  C  CG1 . VAL A 1 85  ? -7.880  -0.319  15.225  1.00 52.44  ? 91  VAL A CG1 1 
ATOM   590  C  CG2 . VAL A 1 85  ? -7.964  0.687   12.912  1.00 49.83  ? 91  VAL A CG2 1 
ATOM   591  N  N   . ASN A 1 86  ? -11.166 0.951   16.254  1.00 52.32  ? 92  ASN A N   1 
ATOM   592  C  CA  . ASN A 1 86  ? -11.790 0.741   17.573  1.00 59.56  ? 92  ASN A CA  1 
ATOM   593  C  C   . ASN A 1 86  ? -13.118 0.007   17.473  1.00 58.42  ? 92  ASN A C   1 
ATOM   594  O  O   . ASN A 1 86  ? -13.406 -0.860  18.296  1.00 67.93  ? 92  ASN A O   1 
ATOM   595  C  CB  . ASN A 1 86  ? -11.911 2.047   18.377  1.00 63.92  ? 92  ASN A CB  1 
ATOM   596  C  CG  . ASN A 1 86  ? -10.542 2.564   18.864  1.00 77.89  ? 92  ASN A CG  1 
ATOM   597  O  OD1 . ASN A 1 86  ? -9.522  2.461   18.166  1.00 78.29  ? 92  ASN A OD1 1 
ATOM   598  N  ND2 . ASN A 1 86  ? -10.517 3.113   20.068  1.00 83.36  ? 92  ASN A ND2 1 
ATOM   599  N  N   . SER A 1 87  ? -13.893 0.304   16.441  1.00 56.23  ? 93  SER A N   1 
ATOM   600  C  CA  . SER A 1 87  ? -15.156 -0.392  16.209  1.00 54.07  ? 93  SER A CA  1 
ATOM   601  C  C   . SER A 1 87  ? -14.934 -1.863  15.828  1.00 52.38  ? 93  SER A C   1 
ATOM   602  O  O   . SER A 1 87  ? -15.738 -2.737  16.192  1.00 53.01  ? 93  SER A O   1 
ATOM   603  C  CB  . SER A 1 87  ? -16.005 0.355   15.155  1.00 56.79  ? 93  SER A CB  1 
ATOM   604  O  OG  . SER A 1 87  ? -16.687 -0.559  14.303  1.00 63.14  ? 93  SER A OG  1 
ATOM   605  N  N   . ILE A 1 88  ? -13.859 -2.149  15.105  1.00 47.49  ? 94  ILE A N   1 
ATOM   606  C  CA  . ILE A 1 88  ? -13.510 -3.538  14.823  1.00 51.11  ? 94  ILE A CA  1 
ATOM   607  C  C   . ILE A 1 88  ? -12.997 -4.272  16.072  1.00 52.55  ? 94  ILE A C   1 
ATOM   608  O  O   . ILE A 1 88  ? -13.291 -5.465  16.255  1.00 54.65  ? 94  ILE A O   1 
ATOM   609  C  CB  . ILE A 1 88  ? -12.491 -3.669  13.642  1.00 53.07  ? 94  ILE A CB  1 
ATOM   610  C  CG1 . ILE A 1 88  ? -13.142 -3.208  12.323  1.00 47.40  ? 94  ILE A CG1 1 
ATOM   611  C  CG2 . ILE A 1 88  ? -12.008 -5.123  13.484  1.00 47.96  ? 94  ILE A CG2 1 
ATOM   612  C  CD1 . ILE A 1 88  ? -12.159 -2.765  11.274  1.00 46.11  ? 94  ILE A CD1 1 
ATOM   613  N  N   . CYS A 1 89  ? -12.224 -3.587  16.914  1.00 54.83  ? 95  CYS A N   1 
ATOM   614  C  CA  . CYS A 1 89  ? -11.654 -4.217  18.118  1.00 55.75  ? 95  CYS A CA  1 
ATOM   615  C  C   . CYS A 1 89  ? -12.753 -4.565  19.135  1.00 58.99  ? 95  CYS A C   1 
ATOM   616  O  O   . CYS A 1 89  ? -12.885 -5.717  19.540  1.00 60.67  ? 95  CYS A O   1 
ATOM   617  C  CB  . CYS A 1 89  ? -10.549 -3.332  18.704  1.00 59.32  ? 95  CYS A CB  1 
ATOM   618  S  SG  . CYS A 1 89  ? -9.063  -3.256  17.636  1.00 69.06  ? 95  CYS A SG  1 
ATOM   619  N  N   . ASN A 1 90  ? -13.596 -3.593  19.466  1.00 64.02  ? 96  ASN A N   1 
ATOM   620  C  CA  . ASN A 1 90  ? -14.779 -3.831  20.323  1.00 68.15  ? 96  ASN A CA  1 
ATOM   621  C  C   . ASN A 1 90  ? -15.739 -4.940  19.891  1.00 64.07  ? 96  ASN A C   1 
ATOM   622  O  O   . ASN A 1 90  ? -16.267 -5.649  20.750  1.00 69.60  ? 96  ASN A O   1 
ATOM   623  C  CB  . ASN A 1 90  ? -15.566 -2.535  20.530  1.00 66.63  ? 96  ASN A CB  1 
ATOM   624  C  CG  . ASN A 1 90  ? -14.815 -1.548  21.397  1.00 73.46  ? 96  ASN A CG  1 
ATOM   625  O  OD1 . ASN A 1 90  ? -13.611 -1.695  21.624  1.00 76.87  ? 96  ASN A OD1 1 
ATOM   626  N  ND2 . ASN A 1 90  ? -15.517 -0.539  21.893  1.00 80.69  ? 96  ASN A ND2 1 
ATOM   627  N  N   . THR A 1 91  ? -15.961 -5.109  18.594  1.00 62.11  ? 97  THR A N   1 
ATOM   628  C  CA  . THR A 1 91  ? -17.002 -6.053  18.135  1.00 66.06  ? 97  THR A CA  1 
ATOM   629  C  C   . THR A 1 91  ? -16.476 -7.423  17.686  1.00 67.15  ? 97  THR A C   1 
ATOM   630  O  O   . THR A 1 91  ? -17.268 -8.290  17.310  1.00 63.93  ? 97  THR A O   1 
ATOM   631  C  CB  . THR A 1 91  ? -17.900 -5.460  17.018  1.00 65.31  ? 97  THR A CB  1 
ATOM   632  O  OG1 . THR A 1 91  ? -17.236 -5.544  15.748  1.00 68.32  ? 97  THR A OG1 1 
ATOM   633  C  CG2 . THR A 1 91  ? -18.300 -3.995  17.336  1.00 70.04  ? 97  THR A CG2 1 
ATOM   634  N  N   . THR A 1 92  ? -15.156 -7.603  17.693  1.00 69.96  ? 98  THR A N   1 
ATOM   635  C  CA  . THR A 1 92  ? -14.529 -8.910  17.396  1.00 67.22  ? 98  THR A CA  1 
ATOM   636  C  C   . THR A 1 92  ? -13.675 -9.457  18.547  1.00 63.23  ? 98  THR A C   1 
ATOM   637  O  O   . THR A 1 92  ? -13.558 -10.673 18.707  1.00 65.69  ? 98  THR A O   1 
ATOM   638  C  CB  . THR A 1 92  ? -13.665 -8.800  16.138  1.00 66.06  ? 98  THR A CB  1 
ATOM   639  O  OG1 . THR A 1 92  ? -12.676 -7.789  16.353  1.00 58.94  ? 98  THR A OG1 1 
ATOM   640  C  CG2 . THR A 1 92  ? -14.544 -8.425  14.914  1.00 63.21  ? 98  THR A CG2 1 
ATOM   641  N  N   . GLY A 1 93  ? -13.108 -8.559  19.350  1.00 60.29  ? 99  GLY A N   1 
ATOM   642  C  CA  . GLY A 1 93  ? -12.331 -8.917  20.516  1.00 63.18  ? 99  GLY A CA  1 
ATOM   643  C  C   . GLY A 1 93  ? -10.847 -8.843  20.253  1.00 69.13  ? 99  GLY A C   1 
ATOM   644  O  O   . GLY A 1 93  ? -10.047 -9.053  21.186  1.00 70.33  ? 99  GLY A O   1 
ATOM   645  N  N   . VAL A 1 94  ? -10.478 -8.509  19.003  1.00 71.07  ? 100 VAL A N   1 
ATOM   646  C  CA  . VAL A 1 94  ? -9.084  -8.546  18.554  1.00 65.06  ? 100 VAL A CA  1 
ATOM   647  C  C   . VAL A 1 94  ? -8.317  -7.328  19.078  1.00 60.43  ? 100 VAL A C   1 
ATOM   648  O  O   . VAL A 1 94  ? -8.872  -6.244  19.258  1.00 55.18  ? 100 VAL A O   1 
ATOM   649  C  CB  . VAL A 1 94  ? -8.920  -8.705  17.009  1.00 69.33  ? 100 VAL A CB  1 
ATOM   650  C  CG1 . VAL A 1 94  ? -9.797  -9.833  16.447  1.00 68.56  ? 100 VAL A CG1 1 
ATOM   651  C  CG2 . VAL A 1 94  ? -9.187  -7.403  16.279  1.00 75.09  ? 100 VAL A CG2 1 
ATOM   652  N  N   . GLU A 1 95  ? -7.031  -7.551  19.307  1.00 58.49  ? 101 GLU A N   1 
ATOM   653  C  CA  . GLU A 1 95  ? -6.118  -6.602  19.921  1.00 58.21  ? 101 GLU A CA  1 
ATOM   654  C  C   . GLU A 1 95  ? -5.936  -5.371  19.039  1.00 52.24  ? 101 GLU A C   1 
ATOM   655  O  O   . GLU A 1 95  ? -5.931  -5.485  17.813  1.00 53.02  ? 101 GLU A O   1 
ATOM   656  C  CB  . GLU A 1 95  ? -4.786  -7.319  20.147  1.00 66.96  ? 101 GLU A CB  1 
ATOM   657  C  CG  . GLU A 1 95  ? -3.840  -6.727  21.178  1.00 71.83  ? 101 GLU A CG  1 
ATOM   658  C  CD  . GLU A 1 95  ? -2.558  -7.543  21.256  1.00 74.97  ? 101 GLU A CD  1 
ATOM   659  O  OE1 . GLU A 1 95  ? -2.675  -8.752  21.598  1.00 71.52  ? 101 GLU A OE1 1 
ATOM   660  O  OE2 . GLU A 1 95  ? -1.459  -6.998  20.942  1.00 69.01  ? 101 GLU A OE2 1 
ATOM   661  N  N   . LYS A 1 96  ? -5.843  -4.202  19.681  1.00 56.06  ? 102 LYS A N   1 
ATOM   662  C  CA  . LYS A 1 96  ? -5.614  -2.895  19.022  1.00 57.08  ? 102 LYS A CA  1 
ATOM   663  C  C   . LYS A 1 96  ? -4.165  -2.802  18.548  1.00 57.75  ? 102 LYS A C   1 
ATOM   664  O  O   . LYS A 1 96  ? -3.272  -3.040  19.346  1.00 55.84  ? 102 LYS A O   1 
ATOM   665  C  CB  . LYS A 1 96  ? -5.808  -1.720  20.005  1.00 55.32  ? 102 LYS A CB  1 
ATOM   666  C  CG  . LYS A 1 96  ? -7.122  -0.952  19.923  1.00 65.07  ? 102 LYS A CG  1 
ATOM   667  C  CD  . LYS A 1 96  ? -7.933  -1.009  21.208  1.00 66.73  ? 102 LYS A CD  1 
ATOM   668  C  CE  . LYS A 1 96  ? -9.112  -0.063  21.171  1.00 72.30  ? 102 LYS A CE  1 
ATOM   669  N  NZ  . LYS A 1 96  ? -10.222 -0.573  22.027  1.00 78.58  ? 102 LYS A NZ  1 
ATOM   670  N  N   . PRO A 1 97  ? -3.920  -2.425  17.278  1.00 57.64  ? 103 PRO A N   1 
ATOM   671  C  CA  . PRO A 1 97  ? -2.538  -2.210  16.856  1.00 58.03  ? 103 PRO A CA  1 
ATOM   672  C  C   . PRO A 1 97  ? -2.043  -0.848  17.336  1.00 58.88  ? 103 PRO A C   1 
ATOM   673  O  O   . PRO A 1 97  ? -2.857  0.013   17.639  1.00 57.54  ? 103 PRO A O   1 
ATOM   674  C  CB  . PRO A 1 97  ? -2.643  -2.243  15.338  1.00 56.41  ? 103 PRO A CB  1 
ATOM   675  C  CG  . PRO A 1 97  ? -3.965  -1.609  15.071  1.00 57.22  ? 103 PRO A CG  1 
ATOM   676  C  CD  . PRO A 1 97  ? -4.857  -2.145  16.170  1.00 61.07  ? 103 PRO A CD  1 
ATOM   677  N  N   . LYS A 1 98  ? -0.729  -0.681  17.435  1.00 59.73  ? 104 LYS A N   1 
ATOM   678  C  CA  . LYS A 1 98  ? -0.131  0.574   17.886  1.00 64.84  ? 104 LYS A CA  1 
ATOM   679  C  C   . LYS A 1 98  ? -0.044  1.541   16.725  1.00 62.06  ? 104 LYS A C   1 
ATOM   680  O  O   . LYS A 1 98  ? 0.074   2.751   16.924  1.00 65.34  ? 104 LYS A O   1 
ATOM   681  C  CB  . LYS A 1 98  ? 1.263   0.340   18.503  1.00 72.83  ? 104 LYS A CB  1 
ATOM   682  C  CG  . LYS A 1 98  ? 1.232   -0.088  19.975  1.00 82.44  ? 104 LYS A CG  1 
ATOM   683  C  CD  . LYS A 1 98  ? 2.372   -1.039  20.374  1.00 91.51  ? 104 LYS A CD  1 
ATOM   684  C  CE  . LYS A 1 98  ? 2.255   -2.426  19.713  1.00 92.63  ? 104 LYS A CE  1 
ATOM   685  N  NZ  . LYS A 1 98  ? 2.672   -3.574  20.571  1.00 82.07  ? 104 LYS A NZ  1 
ATOM   686  N  N   . PHE A 1 99  ? -0.077  0.990   15.515  1.00 58.97  ? 105 PHE A N   1 
ATOM   687  C  CA  . PHE A 1 99  ? -0.048  1.750   14.285  1.00 56.82  ? 105 PHE A CA  1 
ATOM   688  C  C   . PHE A 1 99  ? -1.241  1.341   13.441  1.00 48.88  ? 105 PHE A C   1 
ATOM   689  O  O   . PHE A 1 99  ? -1.701  0.213   13.492  1.00 46.41  ? 105 PHE A O   1 
ATOM   690  C  CB  . PHE A 1 99  ? 1.232   1.453   13.504  1.00 62.59  ? 105 PHE A CB  1 
ATOM   691  C  CG  . PHE A 1 99  ? 2.490   1.938   14.171  1.00 73.65  ? 105 PHE A CG  1 
ATOM   692  C  CD1 . PHE A 1 99  ? 2.562   3.208   14.753  1.00 83.85  ? 105 PHE A CD1 1 
ATOM   693  C  CD2 . PHE A 1 99  ? 3.628   1.141   14.182  1.00 79.81  ? 105 PHE A CD2 1 
ATOM   694  C  CE1 . PHE A 1 99  ? 3.735   3.649   15.357  1.00 92.60  ? 105 PHE A CE1 1 
ATOM   695  C  CE2 . PHE A 1 99  ? 4.800   1.580   14.778  1.00 86.65  ? 105 PHE A CE2 1 
ATOM   696  C  CZ  . PHE A 1 99  ? 4.857   2.832   15.367  1.00 90.89  ? 105 PHE A CZ  1 
ATOM   697  N  N   . LEU A 1 100 ? -1.755  2.273   12.668  1.00 43.33  ? 106 LEU A N   1 
ATOM   698  C  CA  . LEU A 1 100 ? -2.850  1.949   11.803  1.00 41.77  ? 106 LEU A CA  1 
ATOM   699  C  C   . LEU A 1 100 ? -2.302  0.967   10.771  1.00 40.96  ? 106 LEU A C   1 
ATOM   700  O  O   . LEU A 1 100 ? -1.297  1.259   10.161  1.00 44.08  ? 106 LEU A O   1 
ATOM   701  C  CB  . LEU A 1 100 ? -3.377  3.218   11.149  1.00 40.69  ? 106 LEU A CB  1 
ATOM   702  C  CG  . LEU A 1 100 ? -4.085  4.175   12.115  1.00 41.44  ? 106 LEU A CG  1 
ATOM   703  C  CD1 . LEU A 1 100 ? -4.295  5.541   11.483  1.00 42.75  ? 106 LEU A CD1 1 
ATOM   704  C  CD2 . LEU A 1 100 ? -5.411  3.593   12.595  1.00 42.03  ? 106 LEU A CD2 1 
ATOM   705  N  N   . PRO A 1 101 ? -2.912  -0.227  10.618  1.00 38.09  ? 107 PRO A N   1 
ATOM   706  C  CA  . PRO A 1 101 ? -2.609  -1.053  9.464   1.00 35.47  ? 107 PRO A CA  1 
ATOM   707  C  C   . PRO A 1 101 ? -3.431  -0.572  8.254   1.00 35.60  ? 107 PRO A C   1 
ATOM   708  O  O   . PRO A 1 101 ? -4.099  0.450   8.335   1.00 31.57  ? 107 PRO A O   1 
ATOM   709  C  CB  . PRO A 1 101 ? -3.072  -2.450  9.903   1.00 38.36  ? 107 PRO A CB  1 
ATOM   710  C  CG  . PRO A 1 101 ? -3.720  -2.296  11.236  1.00 37.66  ? 107 PRO A CG  1 
ATOM   711  C  CD  . PRO A 1 101 ? -3.983  -0.839  11.410  1.00 39.07  ? 107 PRO A CD  1 
ATOM   712  N  N   . ASP A 1 102 ? -3.391  -1.326  7.166   1.00 35.08  ? 108 ASP A N   1 
ATOM   713  C  CA  . ASP A 1 102 ? -4.011  -0.927  5.899   1.00 37.84  ? 108 ASP A CA  1 
ATOM   714  C  C   . ASP A 1 102 ? -5.444  -1.456  5.635   1.00 39.58  ? 108 ASP A C   1 
ATOM   715  O  O   . ASP A 1 102 ? -6.214  -0.806  4.921   1.00 38.03  ? 108 ASP A O   1 
ATOM   716  C  CB  . ASP A 1 102 ? -3.100  -1.392  4.769   1.00 33.91  ? 108 ASP A CB  1 
ATOM   717  C  CG  . ASP A 1 102 ? -1.769  -0.689  4.789   1.00 33.93  ? 108 ASP A CG  1 
ATOM   718  O  OD1 . ASP A 1 102 ? -1.804  0.559   4.859   1.00 33.52  ? 108 ASP A OD1 1 
ATOM   719  O  OD2 . ASP A 1 102 ? -0.714  -1.371  4.713   1.00 29.51  ? 108 ASP A OD2 1 
ATOM   720  N  N   . LEU A 1 103 ? -5.740  -2.650  6.147   1.00 40.35  ? 109 LEU A N   1 
ATOM   721  C  CA  . LEU A 1 103 ? -7.014  -3.343  5.922   1.00 44.81  ? 109 LEU A CA  1 
ATOM   722  C  C   . LEU A 1 103 ? -7.364  -4.227  7.117   1.00 46.46  ? 109 LEU A C   1 
ATOM   723  O  O   . LEU A 1 103 ? -6.502  -4.562  7.952   1.00 44.54  ? 109 LEU A O   1 
ATOM   724  C  CB  . LEU A 1 103 ? -6.983  -4.266  4.685   1.00 47.84  ? 109 LEU A CB  1 
ATOM   725  C  CG  . LEU A 1 103 ? -6.513  -3.813  3.287   1.00 51.23  ? 109 LEU A CG  1 
ATOM   726  C  CD1 . LEU A 1 103 ? -6.465  -4.991  2.332   1.00 52.10  ? 109 LEU A CD1 1 
ATOM   727  C  CD2 . LEU A 1 103 ? -7.376  -2.739  2.681   1.00 53.26  ? 109 LEU A CD2 1 
ATOM   728  N  N   . TYR A 1 104 ? -8.633  -4.608  7.181   1.00 47.04  ? 110 TYR A N   1 
ATOM   729  C  CA  . TYR A 1 104 ? -9.096  -5.667  8.087   1.00 45.26  ? 110 TYR A CA  1 
ATOM   730  C  C   . TYR A 1 104 ? -9.766  -6.710  7.232   1.00 43.36  ? 110 TYR A C   1 
ATOM   731  O  O   . TYR A 1 104 ? -10.451 -6.358  6.284   1.00 41.02  ? 110 TYR A O   1 
ATOM   732  C  CB  . TYR A 1 104 ? -10.057 -5.117  9.129   1.00 45.65  ? 110 TYR A CB  1 
ATOM   733  C  CG  . TYR A 1 104 ? -10.423 -6.155  10.133  1.00 48.08  ? 110 TYR A CG  1 
ATOM   734  C  CD1 . TYR A 1 104 ? -9.526  -6.539  11.120  1.00 52.08  ? 110 TYR A CD1 1 
ATOM   735  C  CD2 . TYR A 1 104 ? -11.663 -6.775  10.095  1.00 48.56  ? 110 TYR A CD2 1 
ATOM   736  C  CE1 . TYR A 1 104 ? -9.855  -7.533  12.034  1.00 57.08  ? 110 TYR A CE1 1 
ATOM   737  C  CE2 . TYR A 1 104 ? -12.003 -7.761  10.995  1.00 49.49  ? 110 TYR A CE2 1 
ATOM   738  C  CZ  . TYR A 1 104 ? -11.113 -8.144  11.960  1.00 56.08  ? 110 TYR A CZ  1 
ATOM   739  O  OH  . TYR A 1 104 ? -11.494 -9.125  12.864  1.00 69.45  ? 110 TYR A OH  1 
ATOM   740  N  N   . ASP A 1 105 ? -9.529  -7.981  7.541   1.00 42.06  ? 111 ASP A N   1 
ATOM   741  C  CA  . ASP A 1 105 ? -10.079 -9.117  6.791   1.00 41.20  ? 111 ASP A CA  1 
ATOM   742  C  C   . ASP A 1 105 ? -11.147 -9.702  7.719   1.00 45.29  ? 111 ASP A C   1 
ATOM   743  O  O   . ASP A 1 105 ? -10.822 -10.241 8.816   1.00 46.73  ? 111 ASP A O   1 
ATOM   744  C  CB  . ASP A 1 105 ? -8.951  -10.123 6.517   1.00 39.27  ? 111 ASP A CB  1 
ATOM   745  C  CG  . ASP A 1 105 ? -9.376  -11.301 5.662   1.00 41.76  ? 111 ASP A CG  1 
ATOM   746  O  OD1 . ASP A 1 105 ? -10.552 -11.710 5.641   1.00 45.27  ? 111 ASP A OD1 1 
ATOM   747  O  OD2 . ASP A 1 105 ? -8.503  -11.884 4.994   1.00 50.45  ? 111 ASP A OD2 1 
ATOM   748  N  N   . TYR A 1 106 ? -12.413 -9.529  7.327   1.00 46.13  ? 112 TYR A N   1 
ATOM   749  C  CA  . TYR A 1 106 ? -13.556 -10.078 8.100   1.00 49.09  ? 112 TYR A CA  1 
ATOM   750  C  C   . TYR A 1 106 ? -13.678 -11.622 7.989   1.00 49.16  ? 112 TYR A C   1 
ATOM   751  O  O   . TYR A 1 106 ? -14.202 -12.263 8.904   1.00 53.60  ? 112 TYR A O   1 
ATOM   752  C  CB  . TYR A 1 106 ? -14.878 -9.436  7.695   1.00 45.69  ? 112 TYR A CB  1 
ATOM   753  C  CG  . TYR A 1 106 ? -15.074 -7.974  8.072   1.00 39.79  ? 112 TYR A CG  1 
ATOM   754  C  CD1 . TYR A 1 106 ? -15.368 -7.581  9.370   1.00 35.61  ? 112 TYR A CD1 1 
ATOM   755  C  CD2 . TYR A 1 106 ? -15.042 -6.994  7.087   1.00 41.32  ? 112 TYR A CD2 1 
ATOM   756  C  CE1 . TYR A 1 106 ? -15.558 -6.230  9.685   1.00 35.72  ? 112 TYR A CE1 1 
ATOM   757  C  CE2 . TYR A 1 106 ? -15.247 -5.659  7.384   1.00 40.25  ? 112 TYR A CE2 1 
ATOM   758  C  CZ  . TYR A 1 106 ? -15.495 -5.279  8.671   1.00 37.48  ? 112 TYR A CZ  1 
ATOM   759  O  OH  . TYR A 1 106 ? -15.678 -3.930  8.851   1.00 41.75  ? 112 TYR A OH  1 
ATOM   760  N  N   . LYS A 1 107 ? -13.187 -12.214 6.902   1.00 46.94  ? 113 LYS A N   1 
ATOM   761  C  CA  . LYS A 1 107 ? -13.116 -13.666 6.811   1.00 50.64  ? 113 LYS A CA  1 
ATOM   762  C  C   . LYS A 1 107 ? -12.139 -14.244 7.833   1.00 53.92  ? 113 LYS A C   1 
ATOM   763  O  O   . LYS A 1 107 ? -12.561 -14.859 8.793   1.00 58.94  ? 113 LYS A O   1 
ATOM   764  C  CB  . LYS A 1 107 ? -12.765 -14.124 5.402   1.00 53.99  ? 113 LYS A CB  1 
ATOM   765  C  CG  . LYS A 1 107 ? -12.670 -15.636 5.250   1.00 61.20  ? 113 LYS A CG  1 
ATOM   766  C  CD  . LYS A 1 107 ? -12.723 -16.044 3.783   1.00 68.40  ? 113 LYS A CD  1 
ATOM   767  C  CE  . LYS A 1 107 ? -12.203 -17.455 3.591   1.00 77.12  ? 113 LYS A CE  1 
ATOM   768  N  NZ  . LYS A 1 107 ? -12.145 -17.829 2.150   1.00 78.88  ? 113 LYS A NZ  1 
ATOM   769  N  N   . GLU A 1 108 ? -10.847 -13.988 7.666   1.00 58.31  ? 114 GLU A N   1 
ATOM   770  C  CA  . GLU A 1 108 ? -9.805  -14.550 8.549   1.00 57.14  ? 114 GLU A CA  1 
ATOM   771  C  C   . GLU A 1 108 ? -9.674  -13.837 9.911   1.00 56.01  ? 114 GLU A C   1 
ATOM   772  O  O   . GLU A 1 108 ? -8.907  -14.274 10.777  1.00 54.86  ? 114 GLU A O   1 
ATOM   773  C  CB  . GLU A 1 108 ? -8.463  -14.544 7.831   1.00 57.31  ? 114 GLU A CB  1 
ATOM   774  C  CG  . GLU A 1 108 ? -8.466  -15.285 6.500   1.00 60.04  ? 114 GLU A CG  1 
ATOM   775  C  CD  . GLU A 1 108 ? -8.674  -16.773 6.658   1.00 70.30  ? 114 GLU A CD  1 
ATOM   776  O  OE1 . GLU A 1 108 ? -8.038  -17.379 7.554   1.00 76.13  ? 114 GLU A OE1 1 
ATOM   777  O  OE2 . GLU A 1 108 ? -9.473  -17.341 5.880   1.00 80.86  ? 114 GLU A OE2 1 
ATOM   778  N  N   . ASN A 1 109 ? -10.386 -12.722 10.066  1.00 55.01  ? 115 ASN A N   1 
ATOM   779  C  CA  . ASN A 1 109 ? -10.513 -12.015 11.342  1.00 61.79  ? 115 ASN A CA  1 
ATOM   780  C  C   . ASN A 1 109 ? -9.159  -11.533 11.812  1.00 57.73  ? 115 ASN A C   1 
ATOM   781  O  O   . ASN A 1 109 ? -8.740  -11.821 12.922  1.00 60.48  ? 115 ASN A O   1 
ATOM   782  C  CB  . ASN A 1 109 ? -11.246 -12.877 12.391  1.00 62.56  ? 115 ASN A CB  1 
ATOM   783  C  CG  . ASN A 1 109 ? -12.605 -13.342 11.892  1.00 62.46  ? 115 ASN A CG  1 
ATOM   784  O  OD1 . ASN A 1 109 ? -12.762 -14.486 11.456  1.00 68.15  ? 115 ASN A OD1 1 
ATOM   785  N  ND2 . ASN A 1 109 ? -13.579 -12.437 11.897  1.00 59.33  ? 115 ASN A ND2 1 
ATOM   786  N  N   . ARG A 1 110 ? -8.493  -10.791 10.929  1.00 52.93  ? 116 ARG A N   1 
ATOM   787  C  CA  . ARG A 1 110 ? -7.210  -10.164 11.220  1.00 46.65  ? 116 ARG A CA  1 
ATOM   788  C  C   . ARG A 1 110 ? -7.007  -8.931  10.409  1.00 41.78  ? 116 ARG A C   1 
ATOM   789  O  O   . ARG A 1 110 ? -7.423  -8.883  9.255   1.00 44.69  ? 116 ARG A O   1 
ATOM   790  C  CB  . ARG A 1 110 ? -6.039  -11.115 10.920  1.00 46.11  ? 116 ARG A CB  1 
ATOM   791  C  CG  . ARG A 1 110 ? -5.781  -11.428 9.445   1.00 41.67  ? 116 ARG A CG  1 
ATOM   792  C  CD  . ARG A 1 110 ? -5.237  -12.834 9.246   1.00 40.73  ? 116 ARG A CD  1 
ATOM   793  N  NE  . ARG A 1 110 ? -5.138  -13.182 7.830   1.00 45.88  ? 116 ARG A NE  1 
ATOM   794  C  CZ  . ARG A 1 110 ? -4.843  -14.395 7.327   1.00 48.13  ? 116 ARG A CZ  1 
ATOM   795  N  NH1 . ARG A 1 110 ? -4.595  -15.434 8.102   1.00 49.33  ? 116 ARG A NH1 1 
ATOM   796  N  NH2 . ARG A 1 110 ? -4.816  -14.577 6.007   1.00 51.52  ? 116 ARG A NH2 1 
ATOM   797  N  N   . PHE A 1 111 ? -6.309  -7.972  11.005  1.00 40.93  ? 117 PHE A N   1 
ATOM   798  C  CA  . PHE A 1 111 ? -5.729  -6.849  10.284  1.00 38.16  ? 117 PHE A CA  1 
ATOM   799  C  C   . PHE A 1 111 ? -4.627  -7.263  9.324   1.00 42.42  ? 117 PHE A C   1 
ATOM   800  O  O   . PHE A 1 111 ? -3.956  -8.301  9.504   1.00 42.96  ? 117 PHE A O   1 
ATOM   801  C  CB  . PHE A 1 111 ? -5.138  -5.865  11.242  1.00 38.96  ? 117 PHE A CB  1 
ATOM   802  C  CG  . PHE A 1 111 ? -6.148  -5.189  12.094  1.00 39.02  ? 117 PHE A CG  1 
ATOM   803  C  CD1 . PHE A 1 111 ? -6.885  -4.123  11.594  1.00 40.31  ? 117 PHE A CD1 1 
ATOM   804  C  CD2 . PHE A 1 111 ? -6.397  -5.638  13.392  1.00 38.15  ? 117 PHE A CD2 1 
ATOM   805  C  CE1 . PHE A 1 111 ? -7.830  -3.473  12.399  1.00 43.81  ? 117 PHE A CE1 1 
ATOM   806  C  CE2 . PHE A 1 111 ? -7.348  -5.016  14.183  1.00 41.21  ? 117 PHE A CE2 1 
ATOM   807  C  CZ  . PHE A 1 111 ? -8.068  -3.927  13.690  1.00 41.99  ? 117 PHE A CZ  1 
ATOM   808  N  N   . ILE A 1 112 ? -4.450  -6.443  8.280   1.00 41.99  ? 118 ILE A N   1 
ATOM   809  C  CA  . ILE A 1 112 ? -3.402  -6.680  7.290   1.00 38.16  ? 118 ILE A CA  1 
ATOM   810  C  C   . ILE A 1 112 ? -2.619  -5.414  7.139   1.00 34.43  ? 118 ILE A C   1 
ATOM   811  O  O   . ILE A 1 112 ? -3.197  -4.339  7.020   1.00 32.58  ? 118 ILE A O   1 
ATOM   812  C  CB  . ILE A 1 112 ? -3.966  -7.044  5.892   1.00 44.91  ? 118 ILE A CB  1 
ATOM   813  C  CG1 . ILE A 1 112 ? -4.866  -8.279  5.969   1.00 43.94  ? 118 ILE A CG1 1 
ATOM   814  C  CG2 . ILE A 1 112 ? -2.836  -7.242  4.862   1.00 43.01  ? 118 ILE A CG2 1 
ATOM   815  C  CD1 . ILE A 1 112 ? -5.822  -8.349  4.818   1.00 44.73  ? 118 ILE A CD1 1 
ATOM   816  N  N   . GLU A 1 113 ? -1.300  -5.557  7.154   1.00 34.97  ? 119 GLU A N   1 
ATOM   817  C  CA  . GLU A 1 113 ? -0.398  -4.524  6.671   1.00 33.74  ? 119 GLU A CA  1 
ATOM   818  C  C   . GLU A 1 113 ? 0.075   -4.883  5.268   1.00 33.21  ? 119 GLU A C   1 
ATOM   819  O  O   . GLU A 1 113 ? 0.552   -5.986  5.032   1.00 32.21  ? 119 GLU A O   1 
ATOM   820  C  CB  . GLU A 1 113 ? 0.812   -4.379  7.597   1.00 31.58  ? 119 GLU A CB  1 
ATOM   821  C  CG  . GLU A 1 113 ? 1.889   -3.416  7.109   1.00 32.53  ? 119 GLU A CG  1 
ATOM   822  C  CD  . GLU A 1 113 ? 1.378   -2.016  6.804   1.00 34.12  ? 119 GLU A CD  1 
ATOM   823  O  OE1 . GLU A 1 113 ? 0.388   -1.571  7.429   1.00 31.52  ? 119 GLU A OE1 1 
ATOM   824  O  OE2 . GLU A 1 113 ? 1.963   -1.364  5.911   1.00 36.56  ? 119 GLU A OE2 1 
ATOM   825  N  N   . ILE A 1 114 ? -0.016  -3.928  4.360   1.00 33.62  ? 120 ILE A N   1 
ATOM   826  C  CA  . ILE A 1 114 ? 0.363   -4.129  2.973   1.00 37.30  ? 120 ILE A CA  1 
ATOM   827  C  C   . ILE A 1 114 ? 1.672   -3.406  2.712   1.00 33.40  ? 120 ILE A C   1 
ATOM   828  O  O   . ILE A 1 114 ? 1.770   -2.190  3.025   1.00 34.88  ? 120 ILE A O   1 
ATOM   829  C  CB  . ILE A 1 114 ? -0.656  -3.480  2.008   1.00 38.38  ? 120 ILE A CB  1 
ATOM   830  C  CG1 . ILE A 1 114 ? -1.997  -4.187  2.064   1.00 42.92  ? 120 ILE A CG1 1 
ATOM   831  C  CG2 . ILE A 1 114 ? -0.118  -3.441  0.577   1.00 38.65  ? 120 ILE A CG2 1 
ATOM   832  C  CD1 . ILE A 1 114 ? -1.957  -5.614  1.582   1.00 48.72  ? 120 ILE A CD1 1 
ATOM   833  N  N   . GLY A 1 115 ? 2.608   -4.100  2.045   1.00 27.19  ? 121 GLY A N   1 
ATOM   834  C  CA  . GLY A 1 115 ? 3.886   -3.473  1.629   1.00 25.87  ? 121 GLY A CA  1 
ATOM   835  C  C   . GLY A 1 115 ? 4.129   -3.563  0.158   1.00 26.26  ? 121 GLY A C   1 
ATOM   836  O  O   . GLY A 1 115 ? 3.863   -4.593  -0.456  1.00 27.50  ? 121 GLY A O   1 
ATOM   837  N  N   . VAL A 1 116 ? 4.629   -2.477  -0.419  1.00 28.08  ? 122 VAL A N   1 
ATOM   838  C  CA  . VAL A 1 116 ? 5.113   -2.463  -1.798  1.00 29.11  ? 122 VAL A CA  1 
ATOM   839  C  C   . VAL A 1 116 ? 6.562   -1.967  -1.845  1.00 29.65  ? 122 VAL A C   1 
ATOM   840  O  O   . VAL A 1 116 ? 6.875   -0.913  -1.304  1.00 30.80  ? 122 VAL A O   1 
ATOM   841  C  CB  . VAL A 1 116 ? 4.234   -1.595  -2.711  1.00 28.14  ? 122 VAL A CB  1 
ATOM   842  C  CG1 . VAL A 1 116 ? 4.748   -1.697  -4.151  1.00 27.94  ? 122 VAL A CG1 1 
ATOM   843  C  CG2 . VAL A 1 116 ? 2.791   -2.047  -2.576  1.00 29.08  ? 122 VAL A CG2 1 
ATOM   844  N  N   . THR A 1 117 ? 7.429   -2.753  -2.471  1.00 31.37  ? 123 THR A N   1 
ATOM   845  C  CA  . THR A 1 117 ? 8.851   -2.578  -2.375  1.00 34.27  ? 123 THR A CA  1 
ATOM   846  C  C   . THR A 1 117 ? 9.537   -2.618  -3.719  1.00 33.48  ? 123 THR A C   1 
ATOM   847  O  O   . THR A 1 117 ? 9.274   -3.478  -4.565  1.00 34.84  ? 123 THR A O   1 
ATOM   848  C  CB  . THR A 1 117 ? 9.525   -3.612  -1.411  1.00 37.89  ? 123 THR A CB  1 
ATOM   849  O  OG1 . THR A 1 117 ? 10.923  -3.316  -1.280  1.00 39.11  ? 123 THR A OG1 1 
ATOM   850  C  CG2 . THR A 1 117 ? 9.408   -5.052  -1.908  1.00 41.23  ? 123 THR A CG2 1 
ATOM   851  N  N   . ARG A 1 118 ? 10.464  -1.691  -3.868  1.00 35.96  ? 124 ARG A N   1 
ATOM   852  C  CA  . ARG A 1 118 ? 11.407  -1.695  -4.971  1.00 39.08  ? 124 ARG A CA  1 
ATOM   853  C  C   . ARG A 1 118 ? 12.595  -2.650  -4.788  1.00 41.14  ? 124 ARG A C   1 
ATOM   854  O  O   . ARG A 1 118 ? 13.310  -2.911  -5.750  1.00 51.85  ? 124 ARG A O   1 
ATOM   855  C  CB  . ARG A 1 118 ? 11.892  -0.265  -5.176  1.00 37.53  ? 124 ARG A CB  1 
ATOM   856  C  CG  . ARG A 1 118 ? 10.797  0.603   -5.760  1.00 37.40  ? 124 ARG A CG  1 
ATOM   857  C  CD  . ARG A 1 118 ? 10.928  2.035   -5.318  1.00 37.09  ? 124 ARG A CD  1 
ATOM   858  N  NE  . ARG A 1 118 ? 10.187  2.342   -4.108  1.00 35.98  ? 124 ARG A NE  1 
ATOM   859  C  CZ  . ARG A 1 118 ? 10.190  3.524   -3.532  1.00 36.57  ? 124 ARG A CZ  1 
ATOM   860  N  NH1 . ARG A 1 118 ? 9.522   3.735   -2.424  1.00 37.07  ? 124 ARG A NH1 1 
ATOM   861  N  NH2 . ARG A 1 118 ? 10.890  4.512   -4.061  1.00 46.80  ? 124 ARG A NH2 1 
ATOM   862  N  N   . ARG A 1 119 ? 12.810  -3.162  -3.580  1.00 44.25  ? 125 ARG A N   1 
ATOM   863  C  CA  . ARG A 1 119 ? 13.930  -4.079  -3.281  1.00 41.99  ? 125 ARG A CA  1 
ATOM   864  C  C   . ARG A 1 119 ? 13.403  -5.524  -3.231  1.00 47.00  ? 125 ARG A C   1 
ATOM   865  O  O   . ARG A 1 119 ? 12.368  -5.815  -3.828  1.00 49.01  ? 125 ARG A O   1 
ATOM   866  C  CB  . ARG A 1 119 ? 14.562  -3.659  -1.953  1.00 41.85  ? 125 ARG A CB  1 
ATOM   867  C  CG  . ARG A 1 119 ? 15.246  -2.292  -1.955  1.00 44.03  ? 125 ARG A CG  1 
ATOM   868  C  CD  . ARG A 1 119 ? 15.612  -1.960  -0.504  1.00 50.46  ? 125 ARG A CD  1 
ATOM   869  N  NE  . ARG A 1 119 ? 14.434  -1.571  0.291   1.00 55.45  ? 125 ARG A NE  1 
ATOM   870  C  CZ  . ARG A 1 119 ? 14.330  -1.581  1.627   1.00 56.17  ? 125 ARG A CZ  1 
ATOM   871  N  NH1 . ARG A 1 119 ? 15.326  -2.002  2.405   1.00 54.15  ? 125 ARG A NH1 1 
ATOM   872  N  NH2 . ARG A 1 119 ? 13.182  -1.190  2.196   1.00 52.89  ? 125 ARG A NH2 1 
ATOM   873  N  N   . GLU A 1 120 ? 14.119  -6.430  -2.569  1.00 50.47  ? 126 GLU A N   1 
ATOM   874  C  CA  . GLU A 1 120 ? 13.679  -7.812  -2.385  1.00 55.34  ? 126 GLU A CA  1 
ATOM   875  C  C   . GLU A 1 120 ? 12.563  -7.900  -1.376  1.00 49.78  ? 126 GLU A C   1 
ATOM   876  O  O   . GLU A 1 120 ? 12.544  -7.166  -0.384  1.00 44.68  ? 126 GLU A O   1 
ATOM   877  C  CB  . GLU A 1 120 ? 14.833  -8.746  -1.947  1.00 66.84  ? 126 GLU A CB  1 
ATOM   878  C  CG  . GLU A 1 120 ? 15.737  -9.234  -3.100  1.00 78.32  ? 126 GLU A CG  1 
ATOM   879  C  CD  . GLU A 1 120 ? 16.970  -8.368  -3.352  1.00 86.14  ? 126 GLU A CD  1 
ATOM   880  O  OE1 . GLU A 1 120 ? 17.009  -7.171  -2.942  1.00 91.30  ? 126 GLU A OE1 1 
ATOM   881  O  OE2 . GLU A 1 120 ? 17.914  -8.902  -3.977  1.00 88.19  ? 126 GLU A OE2 1 
ATOM   882  N  N   . VAL A 1 121 ? 11.631  -8.818  -1.637  1.00 47.55  ? 127 VAL A N   1 
ATOM   883  C  CA  . VAL A 1 121 ? 10.462  -8.959  -0.785  1.00 44.21  ? 127 VAL A CA  1 
ATOM   884  C  C   . VAL A 1 121 ? 10.805  -9.377  0.637   1.00 41.86  ? 127 VAL A C   1 
ATOM   885  O  O   . VAL A 1 121 ? 10.166  -8.874  1.554   1.00 41.27  ? 127 VAL A O   1 
ATOM   886  C  CB  . VAL A 1 121 ? 9.313   -9.837  -1.410  1.00 44.65  ? 127 VAL A CB  1 
ATOM   887  C  CG1 . VAL A 1 121 ? 8.745   -9.172  -2.665  1.00 42.65  ? 127 VAL A CG1 1 
ATOM   888  C  CG2 . VAL A 1 121 ? 9.733   -11.261 -1.718  1.00 39.96  ? 127 VAL A CG2 1 
ATOM   889  N  N   . HIS A 1 122 ? 11.791  -10.269 0.829   1.00 44.59  ? 128 HIS A N   1 
ATOM   890  C  CA  . HIS A 1 122 ? 12.153  -10.759 2.183   1.00 46.49  ? 128 HIS A CA  1 
ATOM   891  C  C   . HIS A 1 122 ? 12.727  -9.641  3.013   1.00 43.38  ? 128 HIS A C   1 
ATOM   892  O  O   . HIS A 1 122 ? 12.399  -9.500  4.189   1.00 39.12  ? 128 HIS A O   1 
ATOM   893  C  CB  . HIS A 1 122 ? 13.092  -12.010 2.198   1.00 55.61  ? 128 HIS A CB  1 
ATOM   894  C  CG  . HIS A 1 122 ? 14.464  -11.784 1.631   1.00 63.70  ? 128 HIS A CG  1 
ATOM   895  N  ND1 . HIS A 1 122 ? 14.747  -11.900 0.282   1.00 73.94  ? 128 HIS A ND1 1 
ATOM   896  C  CD2 . HIS A 1 122 ? 15.636  -11.473 2.230   1.00 73.10  ? 128 HIS A CD2 1 
ATOM   897  C  CE1 . HIS A 1 122 ? 16.029  -11.662 0.074   1.00 68.80  ? 128 HIS A CE1 1 
ATOM   898  N  NE2 . HIS A 1 122 ? 16.590  -11.389 1.238   1.00 75.51  ? 128 HIS A NE2 1 
ATOM   899  N  N   . ILE A 1 123 ? 13.557  -8.822  2.385   1.00 42.43  ? 129 ILE A N   1 
ATOM   900  C  CA  . ILE A 1 123 ? 14.127  -7.663  3.066   1.00 47.77  ? 129 ILE A CA  1 
ATOM   901  C  C   . ILE A 1 123 ? 13.050  -6.718  3.600   1.00 45.56  ? 129 ILE A C   1 
ATOM   902  O  O   . ILE A 1 123 ? 13.056  -6.392  4.797   1.00 48.06  ? 129 ILE A O   1 
ATOM   903  C  CB  . ILE A 1 123 ? 15.142  -6.949  2.147   1.00 51.93  ? 129 ILE A CB  1 
ATOM   904  C  CG1 . ILE A 1 123 ? 16.459  -7.760  2.176   1.00 57.42  ? 129 ILE A CG1 1 
ATOM   905  C  CG2 . ILE A 1 123 ? 15.356  -5.491  2.562   1.00 53.36  ? 129 ILE A CG2 1 
ATOM   906  C  CD1 . ILE A 1 123 ? 17.452  -7.414  1.078   1.00 60.84  ? 129 ILE A CD1 1 
ATOM   907  N  N   . TYR A 1 124 ? 12.125  -6.312  2.720   1.00 42.33  ? 130 TYR A N   1 
ATOM   908  C  CA  . TYR A 1 124 ? 10.994  -5.459  3.112   1.00 40.55  ? 130 TYR A CA  1 
ATOM   909  C  C   . TYR A 1 124 ? 10.066  -6.141  4.103   1.00 37.63  ? 130 TYR A C   1 
ATOM   910  O  O   . TYR A 1 124 ? 9.596   -5.501  5.048   1.00 36.67  ? 130 TYR A O   1 
ATOM   911  C  CB  . TYR A 1 124 ? 10.188  -4.980  1.905   1.00 43.85  ? 130 TYR A CB  1 
ATOM   912  C  CG  . TYR A 1 124 ? 9.361   -3.760  2.192   1.00 45.95  ? 130 TYR A CG  1 
ATOM   913  C  CD1 . TYR A 1 124 ? 9.945   -2.522  2.321   1.00 50.03  ? 130 TYR A CD1 1 
ATOM   914  C  CD2 . TYR A 1 124 ? 7.996   -3.839  2.351   1.00 50.93  ? 130 TYR A CD2 1 
ATOM   915  C  CE1 . TYR A 1 124 ? 9.190   -1.390  2.602   1.00 53.40  ? 130 TYR A CE1 1 
ATOM   916  C  CE2 . TYR A 1 124 ? 7.230   -2.711  2.630   1.00 51.61  ? 130 TYR A CE2 1 
ATOM   917  C  CZ  . TYR A 1 124 ? 7.816   -1.481  2.746   1.00 49.67  ? 130 TYR A CZ  1 
ATOM   918  O  OH  . TYR A 1 124 ? 7.031   -0.353  3.011   1.00 46.58  ? 130 TYR A OH  1 
ATOM   919  N  N   . TYR A 1 125 ? 9.817   -7.438  3.918   1.00 37.58  ? 131 TYR A N   1 
ATOM   920  C  CA  . TYR A 1 125 ? 8.999   -8.158  4.857   1.00 40.93  ? 131 TYR A CA  1 
ATOM   921  C  C   . TYR A 1 125 ? 9.619   -8.004  6.237   1.00 46.00  ? 131 TYR A C   1 
ATOM   922  O  O   . TYR A 1 125 ? 8.932   -7.603  7.175   1.00 48.59  ? 131 TYR A O   1 
ATOM   923  C  CB  . TYR A 1 125 ? 8.823   -9.640  4.481   1.00 44.62  ? 131 TYR A CB  1 
ATOM   924  C  CG  . TYR A 1 125 ? 7.961   -10.416 5.481   1.00 46.56  ? 131 TYR A CG  1 
ATOM   925  C  CD1 . TYR A 1 125 ? 8.490   -10.887 6.698   1.00 49.16  ? 131 TYR A CD1 1 
ATOM   926  C  CD2 . TYR A 1 125 ? 6.618   -10.647 5.232   1.00 48.31  ? 131 TYR A CD2 1 
ATOM   927  C  CE1 . TYR A 1 125 ? 7.703   -11.579 7.618   1.00 48.10  ? 131 TYR A CE1 1 
ATOM   928  C  CE2 . TYR A 1 125 ? 5.820   -11.337 6.153   1.00 50.43  ? 131 TYR A CE2 1 
ATOM   929  C  CZ  . TYR A 1 125 ? 6.367   -11.796 7.336   1.00 48.96  ? 131 TYR A CZ  1 
ATOM   930  O  OH  . TYR A 1 125 ? 5.569   -12.467 8.219   1.00 54.38  ? 131 TYR A OH  1 
ATOM   931  N  N   . LEU A 1 126 ? 10.908  -8.308  6.369   1.00 47.02  ? 132 LEU A N   1 
ATOM   932  C  CA  . LEU A 1 126 ? 11.573  -8.171  7.681   1.00 50.00  ? 132 LEU A CA  1 
ATOM   933  C  C   . LEU A 1 126 ? 11.411  -6.804  8.307   1.00 41.99  ? 132 LEU A C   1 
ATOM   934  O  O   . LEU A 1 126 ? 11.080  -6.750  9.471   1.00 40.87  ? 132 LEU A O   1 
ATOM   935  C  CB  . LEU A 1 126 ? 13.075  -8.508  7.615   1.00 53.93  ? 132 LEU A CB  1 
ATOM   936  C  CG  . LEU A 1 126 ? 13.331  -10.003 7.462   1.00 50.46  ? 132 LEU A CG  1 
ATOM   937  C  CD1 . LEU A 1 126 ? 14.751  -10.239 7.003   1.00 48.03  ? 132 LEU A CD1 1 
ATOM   938  C  CD2 . LEU A 1 126 ? 12.980  -10.739 8.752   1.00 54.39  ? 132 LEU A CD2 1 
ATOM   939  N  N   . GLU A 1 127 ? 11.627  -5.730  7.547   1.00 39.84  ? 133 GLU A N   1 
ATOM   940  C  CA  . GLU A 1 127 ? 11.402  -4.355  8.066   1.00 45.11  ? 133 GLU A CA  1 
ATOM   941  C  C   . GLU A 1 127 ? 10.010  -4.103  8.626   1.00 48.88  ? 133 GLU A C   1 
ATOM   942  O  O   . GLU A 1 127 ? 9.871   -3.492  9.687   1.00 54.79  ? 133 GLU A O   1 
ATOM   943  C  CB  . GLU A 1 127 ? 11.681  -3.283  7.020   1.00 46.24  ? 133 GLU A CB  1 
ATOM   944  C  CG  . GLU A 1 127 ? 13.164  -3.117  6.733   1.00 52.84  ? 133 GLU A CG  1 
ATOM   945  C  CD  . GLU A 1 127 ? 13.473  -1.991  5.760   1.00 58.14  ? 133 GLU A CD  1 
ATOM   946  O  OE1 . GLU A 1 127 ? 12.587  -1.138  5.529   1.00 67.81  ? 133 GLU A OE1 1 
ATOM   947  O  OE2 . GLU A 1 127 ? 14.611  -1.947  5.234   1.00 51.63  ? 133 GLU A OE2 1 
ATOM   948  N  N   . LYS A 1 128 ? 8.981   -4.575  7.928   1.00 47.43  ? 134 LYS A N   1 
ATOM   949  C  CA  . LYS A 1 128 ? 7.629   -4.440  8.439   1.00 46.22  ? 134 LYS A CA  1 
ATOM   950  C  C   . LYS A 1 128 ? 7.428   -5.234  9.699   1.00 46.83  ? 134 LYS A C   1 
ATOM   951  O  O   . LYS A 1 128 ? 6.891   -4.723  10.666  1.00 49.84  ? 134 LYS A O   1 
ATOM   952  C  CB  . LYS A 1 128 ? 6.576   -4.886  7.403   1.00 48.98  ? 134 LYS A CB  1 
ATOM   953  C  CG  . LYS A 1 128 ? 6.339   -3.887  6.300   1.00 47.21  ? 134 LYS A CG  1 
ATOM   954  C  CD  . LYS A 1 128 ? 5.651   -2.608  6.760   1.00 45.82  ? 134 LYS A CD  1 
ATOM   955  C  CE  . LYS A 1 128 ? 5.247   -1.818  5.516   1.00 43.41  ? 134 LYS A CE  1 
ATOM   956  N  NZ  . LYS A 1 128 ? 4.677   -0.496  5.796   1.00 41.58  ? 134 LYS A NZ  1 
ATOM   957  N  N   . ALA A 1 129 ? 7.807   -6.505  9.679   1.00 51.57  ? 135 ALA A N   1 
ATOM   958  C  CA  . ALA A 1 129 ? 7.683   -7.341  10.874  1.00 52.95  ? 135 ALA A CA  1 
ATOM   959  C  C   . ALA A 1 129 ? 8.363   -6.656  12.054  1.00 54.62  ? 135 ALA A C   1 
ATOM   960  O  O   . ALA A 1 129 ? 7.781   -6.605  13.124  1.00 68.58  ? 135 ALA A O   1 
ATOM   961  C  CB  . ALA A 1 129 ? 8.247   -8.742  10.643  1.00 51.19  ? 135 ALA A CB  1 
ATOM   962  N  N   . ASN A 1 130 ? 9.542   -6.062  11.843  1.00 55.22  ? 136 ASN A N   1 
ATOM   963  C  CA  . ASN A 1 130 ? 10.288  -5.428  12.935  1.00 55.26  ? 136 ASN A CA  1 
ATOM   964  C  C   . ASN A 1 130 ? 9.570   -4.197  13.449  1.00 55.15  ? 136 ASN A C   1 
ATOM   965  O  O   . ASN A 1 130 ? 9.628   -3.922  14.633  1.00 63.05  ? 136 ASN A O   1 
ATOM   966  C  CB  . ASN A 1 130 ? 11.749  -5.097  12.540  1.00 57.32  ? 136 ASN A CB  1 
ATOM   967  C  CG  . ASN A 1 130 ? 12.639  -4.732  13.742  1.00 59.80  ? 136 ASN A CG  1 
ATOM   968  O  OD1 . ASN A 1 130 ? 13.511  -3.868  13.650  1.00 62.64  ? 136 ASN A OD1 1 
ATOM   969  N  ND2 . ASN A 1 130 ? 12.439  -5.406  14.857  1.00 61.92  ? 136 ASN A ND2 1 
ATOM   970  N  N   . LYS A 1 131 ? 8.875   -3.462  12.591  1.00 54.99  ? 137 LYS A N   1 
ATOM   971  C  CA  . LYS A 1 131 ? 8.100   -2.307  13.067  1.00 61.04  ? 137 LYS A CA  1 
ATOM   972  C  C   . LYS A 1 131 ? 6.797   -2.648  13.846  1.00 59.56  ? 137 LYS A C   1 
ATOM   973  O  O   . LYS A 1 131 ? 6.257   -1.775  14.494  1.00 64.40  ? 137 LYS A O   1 
ATOM   974  C  CB  . LYS A 1 131 ? 7.811   -1.341  11.914  1.00 63.81  ? 137 LYS A CB  1 
ATOM   975  C  CG  . LYS A 1 131 ? 7.384   0.036   12.391  1.00 73.84  ? 137 LYS A CG  1 
ATOM   976  C  CD  . LYS A 1 131 ? 8.013   1.165   11.572  1.00 87.68  ? 137 LYS A CD  1 
ATOM   977  C  CE  . LYS A 1 131 ? 7.742   2.529   12.210  1.00 92.86  ? 137 LYS A CE  1 
ATOM   978  N  NZ  . LYS A 1 131 ? 8.075   3.661   11.298  1.00 95.57  ? 137 LYS A NZ  1 
ATOM   979  N  N   . ILE A 1 132 ? 6.327   -3.899  13.793  1.00 62.50  ? 138 ILE A N   1 
ATOM   980  C  CA  . ILE A 1 132 ? 5.087   -4.359  14.442  1.00 69.62  ? 138 ILE A CA  1 
ATOM   981  C  C   . ILE A 1 132 ? 5.371   -5.202  15.704  1.00 76.22  ? 138 ILE A C   1 
ATOM   982  O  O   . ILE A 1 132 ? 5.593   -6.421  15.642  1.00 69.58  ? 138 ILE A O   1 
ATOM   983  C  CB  . ILE A 1 132 ? 4.234   -5.165  13.416  1.00 77.14  ? 138 ILE A CB  1 
ATOM   984  C  CG1 . ILE A 1 132 ? 3.682   -4.227  12.323  1.00 67.53  ? 138 ILE A CG1 1 
ATOM   985  C  CG2 . ILE A 1 132 ? 3.082   -5.931  14.088  1.00 87.13  ? 138 ILE A CG2 1 
ATOM   986  C  CD1 . ILE A 1 132 ? 3.421   -4.921  11.011  1.00 62.70  ? 138 ILE A CD1 1 
ATOM   987  N  N   . GLU A 1 135 ? 2.249   -7.156  16.978  1.00 76.89  ? 141 GLU A N   1 
ATOM   988  C  CA  . GLU A 1 135 ? 0.979   -7.870  17.160  1.00 81.05  ? 141 GLU A CA  1 
ATOM   989  C  C   . GLU A 1 135 ? 0.923   -8.996  16.155  1.00 74.43  ? 141 GLU A C   1 
ATOM   990  O  O   . GLU A 1 135 ? 1.932   -9.265  15.513  1.00 66.43  ? 141 GLU A O   1 
ATOM   991  C  CB  . GLU A 1 135 ? -0.208  -6.925  16.926  1.00 85.73  ? 141 GLU A CB  1 
ATOM   992  C  CG  . GLU A 1 135 ? -1.511  -7.281  17.656  1.00 84.82  ? 141 GLU A CG  1 
ATOM   993  C  CD  . GLU A 1 135 ? -2.727  -6.628  17.022  1.00 86.24  ? 141 GLU A CD  1 
ATOM   994  O  OE1 . GLU A 1 135 ? -3.248  -7.112  15.984  1.00 83.71  ? 141 GLU A OE1 1 
ATOM   995  O  OE2 . GLU A 1 135 ? -3.150  -5.599  17.572  1.00 88.73  ? 141 GLU A OE2 1 
ATOM   996  N  N   . LYS A 1 136 ? -0.243  -9.650  16.033  1.00 74.25  ? 142 LYS A N   1 
ATOM   997  C  CA  . LYS A 1 136 ? -0.566  -10.561 14.921  1.00 74.07  ? 142 LYS A CA  1 
ATOM   998  C  C   . LYS A 1 136 ? -1.362  -9.893  13.778  1.00 62.22  ? 142 LYS A C   1 
ATOM   999  O  O   . LYS A 1 136 ? -2.370  -10.420 13.297  1.00 56.21  ? 142 LYS A O   1 
ATOM   1000 C  CB  . LYS A 1 136 ? -1.303  -11.794 15.446  1.00 83.25  ? 142 LYS A CB  1 
ATOM   1001 C  CG  . LYS A 1 136 ? -0.533  -12.563 16.525  1.00 94.58  ? 142 LYS A CG  1 
ATOM   1002 C  CD  . LYS A 1 136 ? -1.304  -13.753 17.107  1.00 98.61  ? 142 LYS A CD  1 
ATOM   1003 C  CE  . LYS A 1 136 ? -2.684  -13.381 17.662  1.00 96.15  ? 142 LYS A CE  1 
ATOM   1004 N  NZ  . LYS A 1 136 ? -2.682  -12.140 18.489  1.00 90.18  ? 142 LYS A NZ  1 
ATOM   1005 N  N   . THR A 1 137 ? -0.887  -8.722  13.367  1.00 52.26  ? 143 THR A N   1 
ATOM   1006 C  CA  . THR A 1 137 ? -1.164  -8.152  12.050  1.00 49.75  ? 143 THR A CA  1 
ATOM   1007 C  C   . THR A 1 137 ? -0.526  -9.044  10.919  1.00 47.95  ? 143 THR A C   1 
ATOM   1008 O  O   . THR A 1 137 ? 0.641   -9.362  10.916  1.00 44.83  ? 143 THR A O   1 
ATOM   1009 C  CB  . THR A 1 137 ? -0.687  -6.660  11.983  1.00 47.51  ? 143 THR A CB  1 
ATOM   1010 O  OG1 . THR A 1 137 ? -1.285  -5.890  13.051  1.00 48.47  ? 143 THR A OG1 1 
ATOM   1011 C  CG2 . THR A 1 137 ? -1.024  -5.994  10.637  1.00 44.55  ? 143 THR A CG2 1 
ATOM   1012 N  N   . HIS A 1 138 ? -1.325  -9.428  9.942   1.00 46.50  ? 144 HIS A N   1 
ATOM   1013 C  CA  . HIS A 1 138 ? -0.851  -10.229 8.832   1.00 42.15  ? 144 HIS A CA  1 
ATOM   1014 C  C   . HIS A 1 138 ? -0.141  -9.304  7.843   1.00 41.48  ? 144 HIS A C   1 
ATOM   1015 O  O   . HIS A 1 138 ? -0.589  -8.182  7.592   1.00 43.88  ? 144 HIS A O   1 
ATOM   1016 C  CB  . HIS A 1 138 ? -2.066  -10.908 8.209   1.00 44.65  ? 144 HIS A CB  1 
ATOM   1017 C  CG  . HIS A 1 138 ? -1.743  -12.056 7.329   1.00 41.36  ? 144 HIS A CG  1 
ATOM   1018 N  ND1 . HIS A 1 138 ? -1.577  -13.323 7.818   1.00 46.84  ? 144 HIS A ND1 1 
ATOM   1019 C  CD2 . HIS A 1 138 ? -1.583  -12.141 5.989   1.00 45.21  ? 144 HIS A CD2 1 
ATOM   1020 C  CE1 . HIS A 1 138 ? -1.298  -14.145 6.819   1.00 48.83  ? 144 HIS A CE1 1 
ATOM   1021 N  NE2 . HIS A 1 138 ? -1.285  -13.450 5.697   1.00 45.85  ? 144 HIS A NE2 1 
ATOM   1022 N  N   . ILE A 1 139 ? 0.985   -9.750  7.301   1.00 41.33  ? 145 ILE A N   1 
ATOM   1023 C  CA  . ILE A 1 139 ? 1.795   -8.910  6.418   1.00 37.52  ? 145 ILE A CA  1 
ATOM   1024 C  C   . ILE A 1 139 ? 1.787   -9.523  5.032   1.00 34.57  ? 145 ILE A C   1 
ATOM   1025 O  O   . ILE A 1 139 ? 1.955   -10.734 4.908   1.00 35.50  ? 145 ILE A O   1 
ATOM   1026 C  CB  . ILE A 1 139 ? 3.234   -8.754  6.908   1.00 35.98  ? 145 ILE A CB  1 
ATOM   1027 C  CG1 . ILE A 1 139 ? 3.265   -8.016  8.272   1.00 40.92  ? 145 ILE A CG1 1 
ATOM   1028 C  CG2 . ILE A 1 139 ? 4.044   -7.997  5.877   1.00 34.84  ? 145 ILE A CG2 1 
ATOM   1029 C  CD1 . ILE A 1 139 ? 4.598   -8.063  9.042   1.00 38.49  ? 145 ILE A CD1 1 
ATOM   1030 N  N   . HIS A 1 140 ? 1.593   -8.685  4.005   1.00 30.95  ? 146 HIS A N   1 
ATOM   1031 C  CA  . HIS A 1 140 ? 1.624   -9.137  2.614   1.00 32.56  ? 146 HIS A CA  1 
ATOM   1032 C  C   . HIS A 1 140 ? 2.423   -8.107  1.866   1.00 31.10  ? 146 HIS A C   1 
ATOM   1033 O  O   . HIS A 1 140 ? 2.071   -6.920  1.886   1.00 30.79  ? 146 HIS A O   1 
ATOM   1034 C  CB  . HIS A 1 140 ? 0.202   -9.269  2.044   1.00 33.31  ? 146 HIS A CB  1 
ATOM   1035 C  CG  . HIS A 1 140 ? 0.125   -10.069 0.777   1.00 34.14  ? 146 HIS A CG  1 
ATOM   1036 N  ND1 . HIS A 1 140 ? -1.001  -10.774 0.412   1.00 33.99  ? 146 HIS A ND1 1 
ATOM   1037 C  CD2 . HIS A 1 140 ? 1.032   -10.281 -0.206  1.00 35.79  ? 146 HIS A CD2 1 
ATOM   1038 C  CE1 . HIS A 1 140 ? -0.773  -11.409 -0.723  1.00 33.83  ? 146 HIS A CE1 1 
ATOM   1039 N  NE2 . HIS A 1 140 ? 0.446   -11.116 -1.129  1.00 34.88  ? 146 HIS A NE2 1 
ATOM   1040 N  N   . ILE A 1 141 ? 3.511   -8.552  1.240   1.00 30.98  ? 147 ILE A N   1 
ATOM   1041 C  CA  . ILE A 1 141 ? 4.440   -7.673  0.520   1.00 32.03  ? 147 ILE A CA  1 
ATOM   1042 C  C   . ILE A 1 141 ? 4.370   -7.998  -0.956  1.00 31.78  ? 147 ILE A C   1 
ATOM   1043 O  O   . ILE A 1 141 ? 4.394   -9.157  -1.297  1.00 32.12  ? 147 ILE A O   1 
ATOM   1044 C  CB  . ILE A 1 141 ? 5.933   -7.901  0.950   1.00 33.49  ? 147 ILE A CB  1 
ATOM   1045 C  CG1 . ILE A 1 141 ? 6.103   -7.754  2.453   1.00 33.12  ? 147 ILE A CG1 1 
ATOM   1046 C  CG2 . ILE A 1 141 ? 6.882   -6.972  0.186   1.00 33.12  ? 147 ILE A CG2 1 
ATOM   1047 C  CD1 . ILE A 1 141 ? 5.514   -6.480  3.005   1.00 36.37  ? 147 ILE A CD1 1 
ATOM   1048 N  N   . PHE A 1 142 ? 4.389   -6.971  -1.803  1.00 32.66  ? 148 PHE A N   1 
ATOM   1049 C  CA  . PHE A 1 142 ? 4.443   -7.089  -3.262  1.00 31.71  ? 148 PHE A CA  1 
ATOM   1050 C  C   . PHE A 1 142 ? 5.638   -6.339  -3.769  1.00 30.28  ? 148 PHE A C   1 
ATOM   1051 O  O   . PHE A 1 142 ? 6.037   -5.374  -3.180  1.00 33.87  ? 148 PHE A O   1 
ATOM   1052 C  CB  . PHE A 1 142 ? 3.217   -6.410  -3.896  1.00 32.11  ? 148 PHE A CB  1 
ATOM   1053 C  CG  . PHE A 1 142 ? 1.926   -7.098  -3.583  1.00 33.52  ? 148 PHE A CG  1 
ATOM   1054 C  CD1 . PHE A 1 142 ? 1.502   -8.179  -4.358  1.00 31.42  ? 148 PHE A CD1 1 
ATOM   1055 C  CD2 . PHE A 1 142 ? 1.125   -6.669  -2.515  1.00 32.07  ? 148 PHE A CD2 1 
ATOM   1056 C  CE1 . PHE A 1 142 ? 0.314   -8.802  -4.080  1.00 32.03  ? 148 PHE A CE1 1 
ATOM   1057 C  CE2 . PHE A 1 142 ? -0.049  -7.326  -2.217  1.00 32.53  ? 148 PHE A CE2 1 
ATOM   1058 C  CZ  . PHE A 1 142 ? -0.466  -8.384  -3.015  1.00 30.88  ? 148 PHE A CZ  1 
ATOM   1059 N  N   . SER A 1 143 ? 6.184   -6.764  -4.885  1.00 31.43  ? 149 SER A N   1 
ATOM   1060 C  CA  . SER A 1 143 ? 7.313   -6.111  -5.483  1.00 32.44  ? 149 SER A CA  1 
ATOM   1061 C  C   . SER A 1 143 ? 6.862   -5.622  -6.839  1.00 29.36  ? 149 SER A C   1 
ATOM   1062 O  O   . SER A 1 143 ? 5.775   -5.849  -7.199  1.00 34.13  ? 149 SER A O   1 
ATOM   1063 C  CB  . SER A 1 143 ? 8.488   -7.089  -5.540  1.00 35.12  ? 149 SER A CB  1 
ATOM   1064 O  OG  . SER A 1 143 ? 8.358   -8.040  -6.572  1.00 36.29  ? 149 SER A OG  1 
ATOM   1065 N  N   . PHE A 1 144 ? 7.668   -4.856  -7.548  1.00 33.07  ? 150 PHE A N   1 
ATOM   1066 C  CA  . PHE A 1 144 ? 7.428   -4.531  -8.945  1.00 31.80  ? 150 PHE A CA  1 
ATOM   1067 C  C   . PHE A 1 144 ? 7.994   -5.593  -9.884  1.00 30.89  ? 150 PHE A C   1 
ATOM   1068 O  O   . PHE A 1 144 ? 8.187   -5.346  -11.052 1.00 38.61  ? 150 PHE A O   1 
ATOM   1069 C  CB  . PHE A 1 144 ? 8.063   -3.194  -9.258  1.00 32.99  ? 150 PHE A CB  1 
ATOM   1070 C  CG  . PHE A 1 144 ? 7.472   -2.068  -8.499  1.00 33.12  ? 150 PHE A CG  1 
ATOM   1071 C  CD1 . PHE A 1 144 ? 7.875   -1.798  -7.183  1.00 31.36  ? 150 PHE A CD1 1 
ATOM   1072 C  CD2 . PHE A 1 144 ? 6.485   -1.250  -9.098  1.00 29.71  ? 150 PHE A CD2 1 
ATOM   1073 C  CE1 . PHE A 1 144 ? 7.318   -0.721  -6.491  1.00 31.12  ? 150 PHE A CE1 1 
ATOM   1074 C  CE2 . PHE A 1 144 ? 5.941   -0.184  -8.409  1.00 28.50  ? 150 PHE A CE2 1 
ATOM   1075 C  CZ  . PHE A 1 144 ? 6.330   0.071   -7.100  1.00 28.06  ? 150 PHE A CZ  1 
ATOM   1076 N  N   . THR A 1 145 ? 8.259   -6.781  -9.388  1.00 34.19  ? 151 THR A N   1 
ATOM   1077 C  CA  . THR A 1 145 ? 8.791   -7.874  -10.188 1.00 38.46  ? 151 THR A CA  1 
ATOM   1078 C  C   . THR A 1 145 ? 7.855   -9.094  -10.210 1.00 38.02  ? 151 THR A C   1 
ATOM   1079 O  O   . THR A 1 145 ? 8.165   -10.093 -10.852 1.00 41.90  ? 151 THR A O   1 
ATOM   1080 C  CB  . THR A 1 145 ? 10.160  -8.362  -9.607  1.00 39.79  ? 151 THR A CB  1 
ATOM   1081 O  OG1 . THR A 1 145 ? 9.924   -9.150  -8.439  1.00 41.95  ? 151 THR A OG1 1 
ATOM   1082 C  CG2 . THR A 1 145 ? 11.078  -7.201  -9.223  1.00 38.64  ? 151 THR A CG2 1 
ATOM   1083 N  N   . GLY A 1 146 ? 6.743   -9.045  -9.496  1.00 39.72  ? 152 GLY A N   1 
ATOM   1084 C  CA  . GLY A 1 146 ? 5.840   -10.194 -9.416  1.00 42.50  ? 152 GLY A CA  1 
ATOM   1085 C  C   . GLY A 1 146 ? 6.157   -11.145 -8.285  1.00 43.06  ? 152 GLY A C   1 
ATOM   1086 O  O   . GLY A 1 146 ? 5.612   -12.241 -8.242  1.00 45.78  ? 152 GLY A O   1 
ATOM   1087 N  N   . GLU A 1 147 ? 7.053   -10.744 -7.390  1.00 45.06  ? 153 GLU A N   1 
ATOM   1088 C  CA  . GLU A 1 147 ? 7.379   -11.537 -6.225  1.00 45.58  ? 153 GLU A CA  1 
ATOM   1089 C  C   . GLU A 1 147 ? 6.465   -10.983 -5.170  1.00 41.83  ? 153 GLU A C   1 
ATOM   1090 O  O   . GLU A 1 147 ? 6.055   -9.827  -5.230  1.00 41.10  ? 153 GLU A O   1 
ATOM   1091 C  CB  . GLU A 1 147 ? 8.835   -11.367 -5.767  1.00 52.97  ? 153 GLU A CB  1 
ATOM   1092 C  CG  . GLU A 1 147 ? 9.962   -11.935 -6.643  1.00 62.19  ? 153 GLU A CG  1 
ATOM   1093 C  CD  . GLU A 1 147 ? 11.371  -11.720 -6.015  1.00 79.54  ? 153 GLU A CD  1 
ATOM   1094 O  OE1 . GLU A 1 147 ? 11.602  -10.781 -5.178  1.00 79.13  ? 153 GLU A OE1 1 
ATOM   1095 O  OE2 . GLU A 1 147 ? 12.278  -12.516 -6.344  1.00 88.21  ? 153 GLU A OE2 1 
ATOM   1096 N  N   . GLU A 1 148 ? 6.137   -11.817 -4.208  1.00 40.57  ? 154 GLU A N   1 
ATOM   1097 C  CA  . GLU A 1 148 ? 5.346   -11.414 -3.099  1.00 41.73  ? 154 GLU A CA  1 
ATOM   1098 C  C   . GLU A 1 148 ? 5.767   -12.292 -1.936  1.00 40.95  ? 154 GLU A C   1 
ATOM   1099 O  O   . GLU A 1 148 ? 6.329   -13.347 -2.167  1.00 42.54  ? 154 GLU A O   1 
ATOM   1100 C  CB  . GLU A 1 148 ? 3.845   -11.544 -3.431  1.00 47.04  ? 154 GLU A CB  1 
ATOM   1101 C  CG  . GLU A 1 148 ? 3.343   -12.957 -3.681  1.00 47.24  ? 154 GLU A CG  1 
ATOM   1102 C  CD  . GLU A 1 148 ? 1.862   -13.047 -4.067  1.00 48.22  ? 154 GLU A CD  1 
ATOM   1103 O  OE1 . GLU A 1 148 ? 0.985   -12.287 -3.584  1.00 48.09  ? 154 GLU A OE1 1 
ATOM   1104 O  OE2 . GLU A 1 148 ? 1.549   -13.941 -4.858  1.00 47.28  ? 154 GLU A OE2 1 
ATOM   1105 N  N   . MET A 1 149 ? 5.557   -11.813 -0.713  1.00 36.87  ? 155 MET A N   1 
ATOM   1106 C  CA  . MET A 1 149 ? 5.742   -12.597 0.470   1.00 36.75  ? 155 MET A CA  1 
ATOM   1107 C  C   . MET A 1 149 ? 4.686   -12.268 1.506   1.00 35.42  ? 155 MET A C   1 
ATOM   1108 O  O   . MET A 1 149 ? 4.356   -11.124 1.675   1.00 35.82  ? 155 MET A O   1 
ATOM   1109 C  CB  . MET A 1 149 ? 7.106   -12.329 1.094   1.00 39.67  ? 155 MET A CB  1 
ATOM   1110 C  CG  . MET A 1 149 ? 7.401   -13.260 2.266   1.00 42.14  ? 155 MET A CG  1 
ATOM   1111 S  SD  . MET A 1 149 ? 9.037   -13.047 2.950   1.00 50.45  ? 155 MET A SD  1 
ATOM   1112 C  CE  . MET A 1 149 ? 9.965   -13.916 1.678   1.00 53.69  ? 155 MET A CE  1 
ATOM   1113 N  N   . ALA A 1 150 ? 4.213   -13.267 2.241   1.00 36.66  ? 156 ALA A N   1 
ATOM   1114 C  CA  . ALA A 1 150 ? 3.209   -13.052 3.272   1.00 38.97  ? 156 ALA A CA  1 
ATOM   1115 C  C   . ALA A 1 150 ? 3.361   -13.977 4.475   1.00 39.44  ? 156 ALA A C   1 
ATOM   1116 O  O   . ALA A 1 150 ? 3.753   -15.138 4.342   1.00 39.30  ? 156 ALA A O   1 
ATOM   1117 C  CB  . ALA A 1 150 ? 1.826   -13.236 2.663   1.00 40.70  ? 156 ALA A CB  1 
ATOM   1118 N  N   . THR A 1 151 ? 2.983   -13.464 5.634   1.00 39.75  ? 157 THR A N   1 
ATOM   1119 C  CA  . THR A 1 151 ? 2.973   -14.218 6.865   1.00 41.29  ? 157 THR A CA  1 
ATOM   1120 C  C   . THR A 1 151 ? 2.479   -15.660 6.690   1.00 46.66  ? 157 THR A C   1 
ATOM   1121 O  O   . THR A 1 151 ? 1.385   -15.889 6.131   1.00 48.00  ? 157 THR A O   1 
ATOM   1122 C  CB  . THR A 1 151 ? 2.098   -13.512 7.909   1.00 41.33  ? 157 THR A CB  1 
ATOM   1123 O  OG1 . THR A 1 151 ? 2.488   -12.126 7.994   1.00 38.45  ? 157 THR A OG1 1 
ATOM   1124 C  CG2 . THR A 1 151 ? 2.269   -14.188 9.259   1.00 40.85  ? 157 THR A CG2 1 
ATOM   1125 N  N   . LYS A 1 152 ? 3.309   -16.615 7.153   1.00 49.88  ? 158 LYS A N   1 
ATOM   1126 C  CA  . LYS A 1 152 ? 3.027   -18.065 7.111   1.00 52.04  ? 158 LYS A CA  1 
ATOM   1127 C  C   . LYS A 1 152 ? 2.731   -18.549 5.703   1.00 52.69  ? 158 LYS A C   1 
ATOM   1128 O  O   . LYS A 1 152 ? 2.075   -19.570 5.550   1.00 55.79  ? 158 LYS A O   1 
ATOM   1129 C  CB  . LYS A 1 152 ? 1.861   -18.457 8.064   1.00 54.91  ? 158 LYS A CB  1 
ATOM   1130 C  CG  . LYS A 1 152 ? 2.222   -18.361 9.535   1.00 63.38  ? 158 LYS A CG  1 
ATOM   1131 C  CD  . LYS A 1 152 ? 1.057   -17.969 10.452  1.00 72.32  ? 158 LYS A CD  1 
ATOM   1132 C  CE  . LYS A 1 152 ? 1.578   -17.568 11.840  1.00 76.84  ? 158 LYS A CE  1 
ATOM   1133 N  NZ  . LYS A 1 152 ? 0.515   -17.205 12.823  1.00 75.92  ? 158 LYS A NZ  1 
ATOM   1134 N  N   . ALA A 1 153 ? 3.219   -17.825 4.685   1.00 54.33  ? 159 ALA A N   1 
ATOM   1135 C  CA  . ALA A 1 153 ? 2.842   -18.031 3.273   1.00 52.85  ? 159 ALA A CA  1 
ATOM   1136 C  C   . ALA A 1 153 ? 1.326   -18.113 3.018   1.00 53.14  ? 159 ALA A C   1 
ATOM   1137 O  O   . ALA A 1 153 ? 0.882   -18.765 2.095   1.00 53.11  ? 159 ALA A O   1 
ATOM   1138 C  CB  . ALA A 1 153 ? 3.547   -19.259 2.702   1.00 50.70  ? 159 ALA A CB  1 
ATOM   1139 N  N   . ASP A 1 154 ? 0.540   -17.435 3.837   1.00 50.22  ? 160 ASP A N   1 
ATOM   1140 C  CA  . ASP A 1 154 ? -0.878  -17.380 3.639   1.00 49.08  ? 160 ASP A CA  1 
ATOM   1141 C  C   . ASP A 1 154 ? -1.111  -16.105 2.817   1.00 46.50  ? 160 ASP A C   1 
ATOM   1142 O  O   . ASP A 1 154 ? -1.064  -15.004 3.352   1.00 48.55  ? 160 ASP A O   1 
ATOM   1143 C  CB  . ASP A 1 154 ? -1.590  -17.326 5.001   1.00 48.78  ? 160 ASP A CB  1 
ATOM   1144 C  CG  . ASP A 1 154 ? -3.090  -17.118 4.871   1.00 52.06  ? 160 ASP A CG  1 
ATOM   1145 O  OD1 . ASP A 1 154 ? -3.622  -17.117 3.730   1.00 59.85  ? 160 ASP A OD1 1 
ATOM   1146 O  OD2 . ASP A 1 154 ? -3.750  -16.927 5.915   1.00 51.33  ? 160 ASP A OD2 1 
ATOM   1147 N  N   . TYR A 1 155 ? -1.373  -16.265 1.530   1.00 43.93  ? 161 TYR A N   1 
ATOM   1148 C  CA  . TYR A 1 155 ? -1.560  -15.133 0.619   1.00 44.36  ? 161 TYR A CA  1 
ATOM   1149 C  C   . TYR A 1 155 ? -2.963  -14.490 0.596   1.00 43.29  ? 161 TYR A C   1 
ATOM   1150 O  O   . TYR A 1 155 ? -3.192  -13.612 -0.231  1.00 46.65  ? 161 TYR A O   1 
ATOM   1151 C  CB  . TYR A 1 155 ? -1.135  -15.555 -0.794  1.00 45.41  ? 161 TYR A CB  1 
ATOM   1152 C  CG  . TYR A 1 155 ? 0.318   -15.897 -0.833  1.00 50.03  ? 161 TYR A CG  1 
ATOM   1153 C  CD1 . TYR A 1 155 ? 1.276   -14.869 -0.788  1.00 51.20  ? 161 TYR A CD1 1 
ATOM   1154 C  CD2 . TYR A 1 155 ? 0.759   -17.222 -0.840  1.00 48.41  ? 161 TYR A CD2 1 
ATOM   1155 C  CE1 . TYR A 1 155 ? 2.619   -15.146 -0.775  1.00 51.35  ? 161 TYR A CE1 1 
ATOM   1156 C  CE2 . TYR A 1 155 ? 2.120   -17.503 -0.828  1.00 51.50  ? 161 TYR A CE2 1 
ATOM   1157 C  CZ  . TYR A 1 155 ? 3.037   -16.451 -0.792  1.00 51.10  ? 161 TYR A CZ  1 
ATOM   1158 O  OH  . TYR A 1 155 ? 4.381   -16.653 -0.783  1.00 52.34  ? 161 TYR A OH  1 
ATOM   1159 N  N   . THR A 1 156 ? -3.885  -14.916 1.473   1.00 45.38  ? 162 THR A N   1 
ATOM   1160 C  CA  . THR A 1 156 ? -5.202  -14.266 1.668   1.00 44.47  ? 162 THR A CA  1 
ATOM   1161 C  C   . THR A 1 156 ? -6.122  -14.323 0.420   1.00 48.46  ? 162 THR A C   1 
ATOM   1162 O  O   . THR A 1 156 ? -7.191  -14.910 0.485   1.00 48.55  ? 162 THR A O   1 
ATOM   1163 C  CB  . THR A 1 156 ? -5.033  -12.811 2.200   1.00 43.11  ? 162 THR A CB  1 
ATOM   1164 O  OG1 . THR A 1 156 ? -4.504  -12.844 3.519   1.00 42.36  ? 162 THR A OG1 1 
ATOM   1165 C  CG2 . THR A 1 156 ? -6.330  -12.048 2.260   1.00 45.13  ? 162 THR A CG2 1 
ATOM   1166 N  N   . LEU A 1 157 ? -5.718  -13.686 -0.688  1.00 52.06  ? 163 LEU A N   1 
ATOM   1167 C  CA  . LEU A 1 157 ? -6.505  -13.640 -1.930  1.00 47.80  ? 163 LEU A CA  1 
ATOM   1168 C  C   . LEU A 1 157 ? -6.230  -14.817 -2.833  1.00 44.30  ? 163 LEU A C   1 
ATOM   1169 O  O   . LEU A 1 157 ? -5.221  -15.505 -2.700  1.00 39.17  ? 163 LEU A O   1 
ATOM   1170 C  CB  . LEU A 1 157 ? -6.199  -12.390 -2.732  1.00 48.04  ? 163 LEU A CB  1 
ATOM   1171 C  CG  . LEU A 1 157 ? -6.425  -11.080 -1.999  1.00 51.90  ? 163 LEU A CG  1 
ATOM   1172 C  CD1 . LEU A 1 157 ? -5.591  -9.986  -2.664  1.00 51.76  ? 163 LEU A CD1 1 
ATOM   1173 C  CD2 . LEU A 1 157 ? -7.911  -10.746 -1.941  1.00 50.17  ? 163 LEU A CD2 1 
ATOM   1174 N  N   . ASP A 1 158 ? -7.132  -14.998 -3.785  1.00 45.94  ? 164 ASP A N   1 
ATOM   1175 C  CA  . ASP A 1 158 ? -6.969  -16.014 -4.824  1.00 52.51  ? 164 ASP A CA  1 
ATOM   1176 C  C   . ASP A 1 158 ? -5.952  -15.531 -5.860  1.00 46.32  ? 164 ASP A C   1 
ATOM   1177 O  O   . ASP A 1 158 ? -5.544  -14.375 -5.837  1.00 41.35  ? 164 ASP A O   1 
ATOM   1178 C  CB  . ASP A 1 158 ? -8.325  -16.396 -5.461  1.00 57.46  ? 164 ASP A CB  1 
ATOM   1179 C  CG  . ASP A 1 158 ? -9.057  -15.212 -6.116  1.00 62.44  ? 164 ASP A CG  1 
ATOM   1180 O  OD1 . ASP A 1 158 ? -8.668  -14.031 -5.948  1.00 63.68  ? 164 ASP A OD1 1 
ATOM   1181 O  OD2 . ASP A 1 158 ? -10.058 -15.480 -6.803  1.00 74.36  ? 164 ASP A OD2 1 
ATOM   1182 N  N   . GLU A 1 159 ? -5.550  -16.410 -6.758  1.00 44.28  ? 165 GLU A N   1 
ATOM   1183 C  CA  . GLU A 1 159 ? -4.456  -16.084 -7.640  1.00 49.87  ? 165 GLU A CA  1 
ATOM   1184 C  C   . GLU A 1 159 ? -4.787  -14.958 -8.643  1.00 47.81  ? 165 GLU A C   1 
ATOM   1185 O  O   . GLU A 1 159 ? -3.919  -14.161 -8.986  1.00 50.58  ? 165 GLU A O   1 
ATOM   1186 C  CB  . GLU A 1 159 ? -3.963  -17.336 -8.354  1.00 55.62  ? 165 GLU A CB  1 
ATOM   1187 C  CG  . GLU A 1 159 ? -3.235  -18.287 -7.423  1.00 65.58  ? 165 GLU A CG  1 
ATOM   1188 C  CD  . GLU A 1 159 ? -2.829  -19.595 -8.097  1.00 85.68  ? 165 GLU A CD  1 
ATOM   1189 O  OE1 . GLU A 1 159 ? -2.978  -20.656 -7.447  1.00 95.32  ? 165 GLU A OE1 1 
ATOM   1190 O  OE2 . GLU A 1 159 ? -2.358  -19.578 -9.269  1.00 89.27  ? 165 GLU A OE2 1 
ATOM   1191 N  N   . GLU A 1 160 ? -6.028  -14.903 -9.097  1.00 44.97  ? 166 GLU A N   1 
ATOM   1192 C  CA  . GLU A 1 160 ? -6.473  -13.926 -10.078 1.00 49.32  ? 166 GLU A CA  1 
ATOM   1193 C  C   . GLU A 1 160 ? -6.321  -12.509 -9.528  1.00 44.25  ? 166 GLU A C   1 
ATOM   1194 O  O   . GLU A 1 160 ? -5.814  -11.631 -10.232 1.00 44.14  ? 166 GLU A O   1 
ATOM   1195 C  CB  . GLU A 1 160 ? -7.945  -14.172 -10.472 1.00 56.11  ? 166 GLU A CB  1 
ATOM   1196 C  CG  . GLU A 1 160 ? -8.451  -13.332 -11.651 1.00 61.37  ? 166 GLU A CG  1 
ATOM   1197 C  CD  . GLU A 1 160 ? -9.971  -13.396 -11.837 1.00 71.66  ? 166 GLU A CD  1 
ATOM   1198 O  OE1 . GLU A 1 160 ? -10.681 -14.117 -11.077 1.00 70.49  ? 166 GLU A OE1 1 
ATOM   1199 O  OE2 . GLU A 1 160 ? -10.467 -12.708 -12.758 1.00 73.84  ? 166 GLU A OE2 1 
ATOM   1200 N  N   . SER A 1 161 ? -6.758  -12.316 -8.289  1.00 35.66  ? 167 SER A N   1 
ATOM   1201 C  CA  . SER A 1 161 ? -6.657  -11.052 -7.620  1.00 38.17  ? 167 SER A CA  1 
ATOM   1202 C  C   . SER A 1 161 ? -5.206  -10.638 -7.385  1.00 37.36  ? 167 SER A C   1 
ATOM   1203 O  O   . SER A 1 161 ? -4.814  -9.501  -7.660  1.00 35.37  ? 167 SER A O   1 
ATOM   1204 C  CB  . SER A 1 161 ? -7.396  -11.116 -6.290  1.00 41.08  ? 167 SER A CB  1 
ATOM   1205 O  OG  . SER A 1 161 ? -8.745  -11.514 -6.488  1.00 43.01  ? 167 SER A OG  1 
ATOM   1206 N  N   . ARG A 1 162 ? -4.414  -11.564 -6.871  1.00 36.99  ? 168 ARG A N   1 
ATOM   1207 C  CA  . ARG A 1 162 ? -2.959  -11.361 -6.764  1.00 39.85  ? 168 ARG A CA  1 
ATOM   1208 C  C   . ARG A 1 162 ? -2.279  -11.027 -8.109  1.00 37.75  ? 168 ARG A C   1 
ATOM   1209 O  O   . ARG A 1 162 ? -1.477  -10.076 -8.190  1.00 32.21  ? 168 ARG A O   1 
ATOM   1210 C  CB  . ARG A 1 162 ? -2.297  -12.580 -6.126  1.00 43.12  ? 168 ARG A CB  1 
ATOM   1211 C  CG  . ARG A 1 162 ? -2.658  -12.767 -4.658  1.00 44.71  ? 168 ARG A CG  1 
ATOM   1212 C  CD  . ARG A 1 162 ? -1.741  -13.767 -3.980  1.00 46.27  ? 168 ARG A CD  1 
ATOM   1213 N  NE  . ARG A 1 162 ? -2.195  -15.128 -4.170  1.00 54.39  ? 168 ARG A NE  1 
ATOM   1214 C  CZ  . ARG A 1 162 ? -1.415  -16.206 -4.368  1.00 59.48  ? 168 ARG A CZ  1 
ATOM   1215 N  NH1 . ARG A 1 162 ? -0.090  -16.125 -4.405  1.00 55.38  ? 168 ARG A NH1 1 
ATOM   1216 N  NH2 . ARG A 1 162 ? -1.986  -17.404 -4.544  1.00 62.61  ? 168 ARG A NH2 1 
ATOM   1217 N  N   . ALA A 1 163 ? -2.646  -11.768 -9.155  1.00 36.60  ? 169 ALA A N   1 
ATOM   1218 C  CA  . ALA A 1 163 ? -2.129  -11.509 -10.507 1.00 36.32  ? 169 ALA A CA  1 
ATOM   1219 C  C   . ALA A 1 163 ? -2.506  -10.129 -11.062 1.00 37.19  ? 169 ALA A C   1 
ATOM   1220 O  O   . ALA A 1 163 ? -1.719  -9.511  -11.810 1.00 38.03  ? 169 ALA A O   1 
ATOM   1221 C  CB  . ALA A 1 163 ? -2.544  -12.604 -11.464 1.00 37.56  ? 169 ALA A CB  1 
ATOM   1222 N  N   . ARG A 1 164 ? -3.667  -9.615  -10.685 1.00 35.53  ? 170 ARG A N   1 
ATOM   1223 C  CA  . ARG A 1 164 ? -4.034  -8.269  -11.125 1.00 38.20  ? 170 ARG A CA  1 
ATOM   1224 C  C   . ARG A 1 164 ? -3.168  -7.198  -10.457 1.00 34.17  ? 170 ARG A C   1 
ATOM   1225 O  O   . ARG A 1 164 ? -2.744  -6.248  -11.093 1.00 35.24  ? 170 ARG A O   1 
ATOM   1226 C  CB  . ARG A 1 164 ? -5.524  -7.973  -10.911 1.00 45.19  ? 170 ARG A CB  1 
ATOM   1227 C  CG  . ARG A 1 164 ? -6.419  -8.507  -12.025 1.00 56.91  ? 170 ARG A CG  1 
ATOM   1228 C  CD  . ARG A 1 164 ? -7.901  -8.385  -11.670 1.00 68.32  ? 170 ARG A CD  1 
ATOM   1229 N  NE  . ARG A 1 164 ? -8.778  -9.093  -12.615 1.00 79.66  ? 170 ARG A NE  1 
ATOM   1230 C  CZ  . ARG A 1 164 ? -10.045 -9.485  -12.381 1.00 88.51  ? 170 ARG A CZ  1 
ATOM   1231 N  NH1 . ARG A 1 164 ? -10.652 -9.267  -11.206 1.00 86.73  ? 170 ARG A NH1 1 
ATOM   1232 N  NH2 . ARG A 1 164 ? -10.720 -10.121 -13.341 1.00 88.40  ? 170 ARG A NH2 1 
ATOM   1233 N  N   . ILE A 1 165 ? -2.907  -7.350  -9.175  1.00 33.37  ? 171 ILE A N   1 
ATOM   1234 C  CA  . ILE A 1 165 ? -2.073  -6.407  -8.468  1.00 34.26  ? 171 ILE A CA  1 
ATOM   1235 C  C   . ILE A 1 165 ? -0.662  -6.388  -9.054  1.00 35.83  ? 171 ILE A C   1 
ATOM   1236 O  O   . ILE A 1 165 ? -0.103  -5.317  -9.285  1.00 31.69  ? 171 ILE A O   1 
ATOM   1237 C  CB  . ILE A 1 165 ? -2.055  -6.692  -6.954  1.00 35.48  ? 171 ILE A CB  1 
ATOM   1238 C  CG1 . ILE A 1 165 ? -3.360  -6.210  -6.341  1.00 34.65  ? 171 ILE A CG1 1 
ATOM   1239 C  CG2 . ILE A 1 165 ? -0.918  -5.957  -6.259  1.00 35.59  ? 171 ILE A CG2 1 
ATOM   1240 C  CD1 . ILE A 1 165 ? -3.723  -6.965  -5.098  1.00 39.62  ? 171 ILE A CD1 1 
ATOM   1241 N  N   . LYS A 1 166 ? -0.109  -7.569  -9.321  1.00 35.59  ? 172 LYS A N   1 
ATOM   1242 C  CA  . LYS A 1 166 ? 1.252   -7.658  -9.809  1.00 33.84  ? 172 LYS A CA  1 
ATOM   1243 C  C   . LYS A 1 166 ? 1.349   -7.072  -11.177 1.00 31.60  ? 172 LYS A C   1 
ATOM   1244 O  O   . LYS A 1 166 ? 2.336   -6.455  -11.512 1.00 30.57  ? 172 LYS A O   1 
ATOM   1245 C  CB  . LYS A 1 166 ? 1.715   -9.098  -9.848  1.00 35.06  ? 172 LYS A CB  1 
ATOM   1246 C  CG  . LYS A 1 166 ? 1.842   -9.714  -8.463  1.00 35.56  ? 172 LYS A CG  1 
ATOM   1247 C  CD  . LYS A 1 166 ? 2.055   -11.176 -8.575  1.00 34.71  ? 172 LYS A CD  1 
ATOM   1248 C  CE  . LYS A 1 166 ? 2.261   -11.765 -7.233  1.00 37.05  ? 172 LYS A CE  1 
ATOM   1249 N  NZ  . LYS A 1 166 ? 2.062   -13.226 -7.360  1.00 39.10  ? 172 LYS A NZ  1 
ATOM   1250 N  N   . THR A 1 167 ? 0.323   -7.275  -11.976 1.00 32.25  ? 173 THR A N   1 
ATOM   1251 C  CA  . THR A 1 167 ? 0.326   -6.748  -13.349 1.00 30.88  ? 173 THR A CA  1 
ATOM   1252 C  C   . THR A 1 167 ? 0.315   -5.232  -13.308 1.00 29.42  ? 173 THR A C   1 
ATOM   1253 O  O   . THR A 1 167 ? 1.019   -4.583  -14.085 1.00 27.70  ? 173 THR A O   1 
ATOM   1254 C  CB  . THR A 1 167 ? -0.900  -7.229  -14.141 1.00 30.68  ? 173 THR A CB  1 
ATOM   1255 O  OG1 . THR A 1 167 ? -0.887  -8.664  -14.176 1.00 30.35  ? 173 THR A OG1 1 
ATOM   1256 C  CG2 . THR A 1 167 ? -0.890  -6.643  -15.608 1.00 30.67  ? 173 THR A CG2 1 
ATOM   1257 N  N   . ARG A 1 168 ? -0.483  -4.679  -12.398 1.00 26.50  ? 174 ARG A N   1 
ATOM   1258 C  CA  . ARG A 1 168 ? -0.598  -3.251  -12.287 1.00 27.61  ? 174 ARG A CA  1 
ATOM   1259 C  C   . ARG A 1 168 ? 0.771   -2.659  -11.845 1.00 28.09  ? 174 ARG A C   1 
ATOM   1260 O  O   . ARG A 1 168 ? 1.314   -1.671  -12.462 1.00 29.88  ? 174 ARG A O   1 
ATOM   1261 C  CB  . ARG A 1 168 ? -1.754  -2.903  -11.361 1.00 27.62  ? 174 ARG A CB  1 
ATOM   1262 C  CG  . ARG A 1 168 ? -1.902  -1.430  -11.010 1.00 29.28  ? 174 ARG A CG  1 
ATOM   1263 C  CD  . ARG A 1 168 ? -2.024  -0.568  -12.243 1.00 30.87  ? 174 ARG A CD  1 
ATOM   1264 N  NE  . ARG A 1 168 ? -2.312  0.814   -11.852 1.00 34.92  ? 174 ARG A NE  1 
ATOM   1265 C  CZ  . ARG A 1 168 ? -1.914  1.911   -12.519 1.00 34.24  ? 174 ARG A CZ  1 
ATOM   1266 N  NH1 . ARG A 1 168 ? -1.236  1.844   -13.641 1.00 32.48  ? 174 ARG A NH1 1 
ATOM   1267 N  NH2 . ARG A 1 168 ? -2.218  3.112   -12.044 1.00 37.19  ? 174 ARG A NH2 1 
ATOM   1268 N  N   . LEU A 1 169 ? 1.344   -3.302  -10.837 1.00 26.36  ? 175 LEU A N   1 
ATOM   1269 C  CA  . LEU A 1 169 ? 2.651   -2.919  -10.287 1.00 25.76  ? 175 LEU A CA  1 
ATOM   1270 C  C   . LEU A 1 169 ? 3.722   -3.091  -11.346 1.00 25.11  ? 175 LEU A C   1 
ATOM   1271 O  O   . LEU A 1 169 ? 4.466   -2.171  -11.595 1.00 29.44  ? 175 LEU A O   1 
ATOM   1272 C  CB  . LEU A 1 169 ? 2.980   -3.727  -9.038  1.00 26.67  ? 175 LEU A CB  1 
ATOM   1273 C  CG  . LEU A 1 169 ? 2.181   -3.379  -7.796  1.00 26.99  ? 175 LEU A CG  1 
ATOM   1274 C  CD1 . LEU A 1 169 ? 2.470   -4.407  -6.723  1.00 29.34  ? 175 LEU A CD1 1 
ATOM   1275 C  CD2 . LEU A 1 169 ? 2.529   -1.997  -7.336  1.00 25.65  ? 175 LEU A CD2 1 
ATOM   1276 N  N   . PHE A 1 170 ? 3.772   -4.204  -12.041 1.00 23.32  ? 176 PHE A N   1 
ATOM   1277 C  CA  . PHE A 1 170 ? 4.749   -4.294  -13.113 1.00 26.16  ? 176 PHE A CA  1 
ATOM   1278 C  C   . PHE A 1 170 ? 4.543   -3.194  -14.174 1.00 27.67  ? 176 PHE A C   1 
ATOM   1279 O  O   . PHE A 1 170 ? 5.503   -2.628  -14.684 1.00 29.76  ? 176 PHE A O   1 
ATOM   1280 C  CB  . PHE A 1 170 ? 4.709   -5.656  -13.747 1.00 26.34  ? 176 PHE A CB  1 
ATOM   1281 C  CG  . PHE A 1 170 ? 5.821   -5.934  -14.694 1.00 27.28  ? 176 PHE A CG  1 
ATOM   1282 C  CD1 . PHE A 1 170 ? 7.027   -6.482  -14.232 1.00 33.59  ? 176 PHE A CD1 1 
ATOM   1283 C  CD2 . PHE A 1 170 ? 5.646   -5.774  -16.029 1.00 26.93  ? 176 PHE A CD2 1 
ATOM   1284 C  CE1 . PHE A 1 170 ? 8.077   -6.795  -15.107 1.00 34.83  ? 176 PHE A CE1 1 
ATOM   1285 C  CE2 . PHE A 1 170 ? 6.672   -6.100  -16.927 1.00 31.77  ? 176 PHE A CE2 1 
ATOM   1286 C  CZ  . PHE A 1 170 ? 7.903   -6.603  -16.467 1.00 34.58  ? 176 PHE A CZ  1 
ATOM   1287 N  N   . THR A 1 171 ? 3.301   -2.881  -14.497 1.00 28.65  ? 177 THR A N   1 
ATOM   1288 C  CA  . THR A 1 171 ? 3.007   -1.845  -15.490 1.00 29.96  ? 177 THR A CA  1 
ATOM   1289 C  C   . THR A 1 171 ? 3.437   -0.456  -15.068 1.00 29.58  ? 177 THR A C   1 
ATOM   1290 O  O   . THR A 1 171 ? 3.873   0.337   -15.885 1.00 31.20  ? 177 THR A O   1 
ATOM   1291 C  CB  . THR A 1 171 ? 1.494   -1.806  -15.834 1.00 32.23  ? 177 THR A CB  1 
ATOM   1292 O  OG1 . THR A 1 171 ? 1.051   -3.143  -16.173 1.00 34.48  ? 177 THR A OG1 1 
ATOM   1293 C  CG2 . THR A 1 171 ? 1.232   -0.848  -17.012 1.00 30.02  ? 177 THR A CG2 1 
ATOM   1294 N  N   . ILE A 1 172 ? 3.314   -0.150  -13.793 1.00 32.23  ? 178 ILE A N   1 
ATOM   1295 C  CA  . ILE A 1 172 ? 3.813   1.132   -13.295 1.00 33.50  ? 178 ILE A CA  1 
ATOM   1296 C  C   . ILE A 1 172 ? 5.285   1.175   -13.571 1.00 33.05  ? 178 ILE A C   1 
ATOM   1297 O  O   . ILE A 1 172 ? 5.773   2.148   -14.083 1.00 32.94  ? 178 ILE A O   1 
ATOM   1298 C  CB  . ILE A 1 172 ? 3.512   1.355   -11.782 1.00 34.21  ? 178 ILE A CB  1 
ATOM   1299 C  CG1 . ILE A 1 172 ? 2.003   1.611   -11.587 1.00 34.25  ? 178 ILE A CG1 1 
ATOM   1300 C  CG2 . ILE A 1 172 ? 4.311   2.535   -11.248 1.00 34.32  ? 178 ILE A CG2 1 
ATOM   1301 C  CD1 . ILE A 1 172 ? 1.489   1.530   -10.171 1.00 35.05  ? 178 ILE A CD1 1 
ATOM   1302 N  N   . ARG A 1 173 ? 5.991   0.097   -13.249 1.00 33.72  ? 179 ARG A N   1 
ATOM   1303 C  CA  . ARG A 1 173 ? 7.443   0.089   -13.422 1.00 31.90  ? 179 ARG A CA  1 
ATOM   1304 C  C   . ARG A 1 173 ? 7.813   0.394   -14.855 1.00 30.09  ? 179 ARG A C   1 
ATOM   1305 O  O   . ARG A 1 173 ? 8.771   1.175   -15.138 1.00 29.25  ? 179 ARG A O   1 
ATOM   1306 C  CB  . ARG A 1 173 ? 8.050   -1.256  -12.955 1.00 32.74  ? 179 ARG A CB  1 
ATOM   1307 C  CG  . ARG A 1 173 ? 9.389   -1.656  -13.579 1.00 33.77  ? 179 ARG A CG  1 
ATOM   1308 C  CD  . ARG A 1 173 ? 9.907   -2.886  -12.876 1.00 39.22  ? 179 ARG A CD  1 
ATOM   1309 N  NE  . ARG A 1 173 ? 11.072  -3.495  -13.513 1.00 43.42  ? 179 ARG A NE  1 
ATOM   1310 C  CZ  . ARG A 1 173 ? 11.398  -4.788  -13.425 1.00 44.62  ? 179 ARG A CZ  1 
ATOM   1311 N  NH1 . ARG A 1 173 ? 10.666  -5.642  -12.697 1.00 48.97  ? 179 ARG A NH1 1 
ATOM   1312 N  NH2 . ARG A 1 173 ? 12.470  -5.239  -14.056 1.00 42.73  ? 179 ARG A NH2 1 
ATOM   1313 N  N   . GLN A 1 174 ? 7.091   -0.271  -15.752 1.00 29.30  ? 180 GLN A N   1 
ATOM   1314 C  CA  . GLN A 1 174 ? 7.419   -0.213  -17.147 1.00 30.68  ? 180 GLN A CA  1 
ATOM   1315 C  C   . GLN A 1 174 ? 7.121   1.156   -17.696 1.00 32.35  ? 180 GLN A C   1 
ATOM   1316 O  O   . GLN A 1 174 ? 7.890   1.640   -18.534 1.00 32.49  ? 180 GLN A O   1 
ATOM   1317 C  CB  . GLN A 1 174 ? 6.735   -1.305  -17.955 1.00 30.14  ? 180 GLN A CB  1 
ATOM   1318 C  CG  . GLN A 1 174 ? 7.340   -2.684  -17.722 1.00 33.69  ? 180 GLN A CG  1 
ATOM   1319 C  CD  . GLN A 1 174 ? 8.846   -2.755  -17.956 1.00 31.68  ? 180 GLN A CD  1 
ATOM   1320 O  OE1 . GLN A 1 174 ? 9.366   -2.236  -18.925 1.00 37.05  ? 180 GLN A OE1 1 
ATOM   1321 N  NE2 . GLN A 1 174 ? 9.526   -3.404  -17.076 1.00 30.93  ? 180 GLN A NE2 1 
ATOM   1322 N  N   . GLU A 1 175 ? 6.007   1.743   -17.265 1.00 34.30  ? 181 GLU A N   1 
ATOM   1323 C  CA  . GLU A 1 175 ? 5.699   3.117   -17.633 1.00 40.55  ? 181 GLU A CA  1 
ATOM   1324 C  C   . GLU A 1 175 ? 6.804   4.064   -17.146 1.00 40.49  ? 181 GLU A C   1 
ATOM   1325 O  O   . GLU A 1 175 ? 7.242   4.960   -17.892 1.00 37.04  ? 181 GLU A O   1 
ATOM   1326 C  CB  . GLU A 1 175 ? 4.337   3.576   -17.099 1.00 43.18  ? 181 GLU A CB  1 
ATOM   1327 C  CG  . GLU A 1 175 ? 3.264   3.732   -18.162 1.00 53.63  ? 181 GLU A CG  1 
ATOM   1328 C  CD  . GLU A 1 175 ? 3.653   4.722   -19.258 1.00 58.81  ? 181 GLU A CD  1 
ATOM   1329 O  OE1 . GLU A 1 175 ? 4.042   5.879   -18.941 1.00 63.23  ? 181 GLU A OE1 1 
ATOM   1330 O  OE2 . GLU A 1 175 ? 3.603   4.315   -20.441 1.00 61.11  ? 181 GLU A OE2 1 
ATOM   1331 N  N   . MET A 1 176 ? 7.258   3.842   -15.910 1.00 36.80  ? 182 MET A N   1 
ATOM   1332 C  CA  . MET A 1 176 ? 8.323   4.668   -15.347 1.00 36.29  ? 182 MET A CA  1 
ATOM   1333 C  C   . MET A 1 176 ? 9.559   4.495   -16.176 1.00 39.36  ? 182 MET A C   1 
ATOM   1334 O  O   . MET A 1 176 ? 10.180  5.509   -16.541 1.00 38.95  ? 182 MET A O   1 
ATOM   1335 C  CB  . MET A 1 176 ? 8.581   4.368   -13.878 1.00 34.55  ? 182 MET A CB  1 
ATOM   1336 C  CG  . MET A 1 176 ? 7.457   4.860   -12.966 1.00 36.16  ? 182 MET A CG  1 
ATOM   1337 S  SD  . MET A 1 176 ? 7.986   4.649   -11.290 1.00 37.68  ? 182 MET A SD  1 
ATOM   1338 C  CE  . MET A 1 176 ? 6.543   5.052   -10.338 1.00 44.45  ? 182 MET A CE  1 
ATOM   1339 N  N   . ALA A 1 177 ? 9.892   3.239   -16.517 1.00 34.97  ? 183 ALA A N   1 
ATOM   1340 C  CA  . ALA A 1 177 ? 11.036  2.996   -17.399 1.00 35.53  ? 183 ALA A CA  1 
ATOM   1341 C  C   . ALA A 1 177 ? 10.929  3.713   -18.782 1.00 39.03  ? 183 ALA A C   1 
ATOM   1342 O  O   . ALA A 1 177 ? 11.929  4.278   -19.234 1.00 44.93  ? 183 ALA A O   1 
ATOM   1343 C  CB  . ALA A 1 177 ? 11.280  1.508   -17.570 1.00 34.25  ? 183 ALA A CB  1 
ATOM   1344 N  N   . SER A 1 178 ? 9.750   3.709   -19.425 1.00 36.75  ? 184 SER A N   1 
ATOM   1345 C  CA  . SER A 1 178 ? 9.497   4.445   -20.708 1.00 40.29  ? 184 SER A CA  1 
ATOM   1346 C  C   . SER A 1 178 ? 9.882   5.910   -20.697 1.00 41.08  ? 184 SER A C   1 
ATOM   1347 O  O   . SER A 1 178 ? 10.419  6.444   -21.663 1.00 40.03  ? 184 SER A O   1 
ATOM   1348 C  CB  . SER A 1 178 ? 8.019   4.429   -21.037 1.00 38.60  ? 184 SER A CB  1 
ATOM   1349 O  OG  . SER A 1 178 ? 7.600   3.100   -21.144 1.00 48.35  ? 184 SER A OG  1 
ATOM   1350 N  N   . ARG A 1 179 ? 9.596   6.534   -19.563 1.00 41.18  ? 185 ARG A N   1 
ATOM   1351 C  CA  . ARG A 1 179 ? 9.824   7.931   -19.329 1.00 39.43  ? 185 ARG A CA  1 
ATOM   1352 C  C   . ARG A 1 179 ? 11.146  8.174   -18.619 1.00 40.39  ? 185 ARG A C   1 
ATOM   1353 O  O   . ARG A 1 179 ? 11.391  9.268   -18.190 1.00 42.02  ? 185 ARG A O   1 
ATOM   1354 C  CB  . ARG A 1 179 ? 8.665   8.474   -18.480 1.00 39.42  ? 185 ARG A CB  1 
ATOM   1355 C  CG  . ARG A 1 179 ? 7.307   8.202   -19.115 1.00 38.63  ? 185 ARG A CG  1 
ATOM   1356 C  CD  . ARG A 1 179 ? 6.243   8.891   -18.332 1.00 41.87  ? 185 ARG A CD  1 
ATOM   1357 N  NE  . ARG A 1 179 ? 4.902   8.500   -18.728 1.00 49.07  ? 185 ARG A NE  1 
ATOM   1358 C  CZ  . ARG A 1 179 ? 3.832   9.305   -18.736 1.00 56.06  ? 185 ARG A CZ  1 
ATOM   1359 N  NH1 . ARG A 1 179 ? 3.925   10.606  -18.410 1.00 62.18  ? 185 ARG A NH1 1 
ATOM   1360 N  NH2 . ARG A 1 179 ? 2.644   8.811   -19.085 1.00 51.85  ? 185 ARG A NH2 1 
ATOM   1361 N  N   . SER A 1 180 ? 12.012  7.168   -18.505 1.00 42.87  ? 186 SER A N   1 
ATOM   1362 C  CA  . SER A 1 180 ? 13.311  7.340   -17.852 1.00 41.48  ? 186 SER A CA  1 
ATOM   1363 C  C   . SER A 1 180 ? 13.185  7.756   -16.397 1.00 39.51  ? 186 SER A C   1 
ATOM   1364 O  O   . SER A 1 180 ? 13.976  8.544   -15.907 1.00 40.46  ? 186 SER A O   1 
ATOM   1365 C  CB  . SER A 1 180 ? 14.196  8.314   -18.668 1.00 45.51  ? 186 SER A CB  1 
ATOM   1366 O  OG  . SER A 1 180 ? 15.047  7.553   -19.509 1.00 53.87  ? 186 SER A OG  1 
ATOM   1367 N  N   . LEU A 1 181 ? 12.181  7.209   -15.702 1.00 39.50  ? 187 LEU A N   1 
ATOM   1368 C  CA  . LEU A 1 181 ? 11.949  7.502   -14.297 1.00 36.26  ? 187 LEU A CA  1 
ATOM   1369 C  C   . LEU A 1 181 ? 12.208  6.353   -13.338 1.00 35.78  ? 187 LEU A C   1 
ATOM   1370 O  O   . LEU A 1 181 ? 12.291  6.583   -12.135 1.00 33.05  ? 187 LEU A O   1 
ATOM   1371 C  CB  . LEU A 1 181 ? 10.534  8.022   -14.122 1.00 37.98  ? 187 LEU A CB  1 
ATOM   1372 C  CG  . LEU A 1 181 ? 10.318  9.395   -14.742 1.00 38.33  ? 187 LEU A CG  1 
ATOM   1373 C  CD1 . LEU A 1 181 ? 8.833   9.723   -14.675 1.00 44.04  ? 187 LEU A CD1 1 
ATOM   1374 C  CD2 . LEU A 1 181 ? 11.118  10.448  -13.998 1.00 39.89  ? 187 LEU A CD2 1 
ATOM   1375 N  N   . TRP A 1 182 ? 12.357  5.127   -13.861 1.00 36.42  ? 188 TRP A N   1 
ATOM   1376 C  CA  . TRP A 1 182 ? 12.436  3.946   -13.006 1.00 35.97  ? 188 TRP A CA  1 
ATOM   1377 C  C   . TRP A 1 182 ? 13.748  3.818   -12.196 1.00 37.17  ? 188 TRP A C   1 
ATOM   1378 O  O   . TRP A 1 182 ? 13.734  3.288   -11.075 1.00 40.17  ? 188 TRP A O   1 
ATOM   1379 C  CB  . TRP A 1 182 ? 12.220  2.675   -13.830 1.00 36.62  ? 188 TRP A CB  1 
ATOM   1380 C  CG  . TRP A 1 182 ? 12.460  1.436   -13.033 1.00 34.43  ? 188 TRP A CG  1 
ATOM   1381 C  CD1 . TRP A 1 182 ? 13.509  0.588   -13.149 1.00 31.79  ? 188 TRP A CD1 1 
ATOM   1382 C  CD2 . TRP A 1 182 ? 11.667  0.964   -11.934 1.00 36.15  ? 188 TRP A CD2 1 
ATOM   1383 N  NE1 . TRP A 1 182 ? 13.406  -0.421  -12.216 1.00 33.85  ? 188 TRP A NE1 1 
ATOM   1384 C  CE2 . TRP A 1 182 ? 12.293  -0.207  -11.444 1.00 36.44  ? 188 TRP A CE2 1 
ATOM   1385 C  CE3 . TRP A 1 182 ? 10.477  1.403   -11.331 1.00 36.27  ? 188 TRP A CE3 1 
ATOM   1386 C  CZ2 . TRP A 1 182 ? 11.764  -0.951  -10.381 1.00 35.87  ? 188 TRP A CZ2 1 
ATOM   1387 C  CZ3 . TRP A 1 182 ? 9.933   0.657   -10.274 1.00 34.13  ? 188 TRP A CZ3 1 
ATOM   1388 C  CH2 . TRP A 1 182 ? 10.571  -0.508  -9.812  1.00 34.96  ? 188 TRP A CH2 1 
ATOM   1389 N  N   . ASP A 1 183 ? 14.860  4.275   -12.755 1.00 38.26  ? 189 ASP A N   1 
ATOM   1390 C  CA  . ASP A 1 183 ? 16.156  4.212   -12.054 1.00 42.03  ? 189 ASP A CA  1 
ATOM   1391 C  C   . ASP A 1 183 ? 16.198  5.081   -10.831 1.00 40.37  ? 189 ASP A C   1 
ATOM   1392 O  O   . ASP A 1 183 ? 16.605  4.626   -9.765  1.00 41.87  ? 189 ASP A O   1 
ATOM   1393 C  CB  . ASP A 1 183 ? 17.284  4.564   -13.007 1.00 44.49  ? 189 ASP A CB  1 
ATOM   1394 C  CG  . ASP A 1 183 ? 17.603  3.425   -13.925 1.00 50.14  ? 189 ASP A CG  1 
ATOM   1395 O  OD1 . ASP A 1 183 ? 17.406  2.255   -13.512 1.00 49.97  ? 189 ASP A OD1 1 
ATOM   1396 O  OD2 . ASP A 1 183 ? 18.051  3.685   -15.053 1.00 62.61  ? 189 ASP A OD2 1 
ATOM   1397 N  N   . SER A 1 184 ? 15.738  6.320   -10.998 1.00 39.72  ? 190 SER A N   1 
ATOM   1398 C  CA  . SER A 1 184 ? 15.481  7.222   -9.880  1.00 39.07  ? 190 SER A CA  1 
ATOM   1399 C  C   . SER A 1 184 ? 14.512  6.577   -8.889  1.00 34.98  ? 190 SER A C   1 
ATOM   1400 O  O   . SER A 1 184 ? 14.790  6.516   -7.696  1.00 35.92  ? 190 SER A O   1 
ATOM   1401 C  CB  . SER A 1 184 ? 14.929  8.584   -10.378 1.00 39.00  ? 190 SER A CB  1 
ATOM   1402 O  OG  . SER A 1 184 ? 14.655  9.502   -9.315  1.00 40.45  ? 190 SER A OG  1 
ATOM   1403 N  N   . PHE A 1 185 ? 13.382  6.091   -9.378  1.00 35.52  ? 191 PHE A N   1 
ATOM   1404 C  CA  . PHE A 1 185 ? 12.355  5.552   -8.461  1.00 37.19  ? 191 PHE A CA  1 
ATOM   1405 C  C   . PHE A 1 185 ? 12.899  4.318   -7.678  1.00 35.80  ? 191 PHE A C   1 
ATOM   1406 O  O   . PHE A 1 185 ? 12.725  4.233   -6.474  1.00 37.13  ? 191 PHE A O   1 
ATOM   1407 C  CB  . PHE A 1 185 ? 11.023  5.283   -9.201  1.00 32.93  ? 191 PHE A CB  1 
ATOM   1408 C  CG  . PHE A 1 185 ? 9.895   4.885   -8.291  1.00 32.37  ? 191 PHE A CG  1 
ATOM   1409 C  CD1 . PHE A 1 185 ? 9.318   5.812   -7.418  1.00 33.65  ? 191 PHE A CD1 1 
ATOM   1410 C  CD2 . PHE A 1 185 ? 9.451   3.600   -8.253  1.00 31.38  ? 191 PHE A CD2 1 
ATOM   1411 C  CE1 . PHE A 1 185 ? 8.308   5.459   -6.558  1.00 33.60  ? 191 PHE A CE1 1 
ATOM   1412 C  CE2 . PHE A 1 185 ? 8.431   3.232   -7.370  1.00 33.88  ? 191 PHE A CE2 1 
ATOM   1413 C  CZ  . PHE A 1 185 ? 7.848   4.160   -6.534  1.00 33.96  ? 191 PHE A CZ  1 
ATOM   1414 N  N   . ARG A 1 186 ? 13.628  3.437   -8.353  1.00 40.11  ? 192 ARG A N   1 
ATOM   1415 C  CA  . ARG A 1 186 ? 14.209  2.233   -7.744  1.00 43.34  ? 192 ARG A CA  1 
ATOM   1416 C  C   . ARG A 1 186 ? 15.117  2.569   -6.549  1.00 40.62  ? 192 ARG A C   1 
ATOM   1417 O  O   . ARG A 1 186 ? 15.061  1.925   -5.493  1.00 37.77  ? 192 ARG A O   1 
ATOM   1418 C  CB  . ARG A 1 186 ? 15.007  1.402   -8.784  1.00 44.59  ? 192 ARG A CB  1 
ATOM   1419 C  CG  . ARG A 1 186 ? 15.560  0.111   -8.162  1.00 55.31  ? 192 ARG A CG  1 
ATOM   1420 C  CD  . ARG A 1 186 ? 16.555  -0.704  -9.001  1.00 59.63  ? 192 ARG A CD  1 
ATOM   1421 N  NE  . ARG A 1 186 ? 17.956  -0.203  -9.097  1.00 58.87  ? 192 ARG A NE  1 
ATOM   1422 C  CZ  . ARG A 1 186 ? 18.468  0.490   -10.129 1.00 56.81  ? 192 ARG A CZ  1 
ATOM   1423 N  NH1 . ARG A 1 186 ? 17.721  0.841   -11.187 1.00 61.34  ? 192 ARG A NH1 1 
ATOM   1424 N  NH2 . ARG A 1 186 ? 19.741  0.854   -10.113 1.00 53.23  ? 192 ARG A NH2 1 
ATOM   1425 N  N   . GLN A 1 187 ? 15.971  3.561   -6.712  1.00 38.52  ? 193 GLN A N   1 
ATOM   1426 C  CA  . GLN A 1 187 ? 17.001  3.798   -5.693  1.00 38.75  ? 193 GLN A CA  1 
ATOM   1427 C  C   . GLN A 1 187 ? 16.538  4.733   -4.567  1.00 41.94  ? 193 GLN A C   1 
ATOM   1428 O  O   . GLN A 1 187 ? 17.355  5.085   -3.691  1.00 43.35  ? 193 GLN A O   1 
ATOM   1429 C  CB  . GLN A 1 187 ? 18.268  4.328   -6.335  1.00 36.69  ? 193 GLN A CB  1 
ATOM   1430 C  CG  . GLN A 1 187 ? 18.833  3.431   -7.413  1.00 38.09  ? 193 GLN A CG  1 
ATOM   1431 C  CD  . GLN A 1 187 ? 20.041  4.054   -8.084  1.00 38.62  ? 193 GLN A CD  1 
ATOM   1432 O  OE1 . GLN A 1 187 ? 21.082  4.220   -7.463  1.00 38.40  ? 193 GLN A OE1 1 
ATOM   1433 N  NE2 . GLN A 1 187 ? 19.896  4.420   -9.340  1.00 39.15  ? 193 GLN A NE2 1 
ATOM   1434 N  N   . SER A 1 188 ? 15.247  5.096   -4.538  1.00 38.70  ? 194 SER A N   1 
ATOM   1435 C  CA  . SER A 1 188 ? 14.763  6.033   -3.527  1.00 41.68  ? 194 SER A CA  1 
ATOM   1436 C  C   . SER A 1 188 ? 13.975  5.409   -2.375  1.00 44.00  ? 194 SER A C   1 
ATOM   1437 O  O   . SER A 1 188 ? 13.388  6.153   -1.579  1.00 44.44  ? 194 SER A O   1 
ATOM   1438 C  CB  . SER A 1 188 ? 13.951  7.155   -4.190  1.00 41.59  ? 194 SER A CB  1 
ATOM   1439 O  OG  . SER A 1 188 ? 12.757  6.654   -4.702  1.00 46.81  ? 194 SER A OG  1 
ATOM   1440 N  N   . GLU A 1 189 ? 13.972  4.077   -2.239  1.00 44.05  ? 195 GLU A N   1 
ATOM   1441 C  CA  . GLU A 1 189 ? 13.247  3.462   -1.129  1.00 50.50  ? 195 GLU A CA  1 
ATOM   1442 C  C   . GLU A 1 189 ? 14.101  3.578   0.161   1.00 63.04  ? 195 GLU A C   1 
ATOM   1443 O  O   . GLU A 1 189 ? 13.672  4.229   1.144   1.00 66.47  ? 195 GLU A O   1 
ATOM   1444 C  CB  . GLU A 1 189 ? 12.864  2.003   -1.440  1.00 48.63  ? 195 GLU A CB  1 
ATOM   1445 C  CG  . GLU A 1 189 ? 12.085  1.325   -0.319  1.00 49.35  ? 195 GLU A CG  1 
ATOM   1446 C  CD  . GLU A 1 189 ? 11.318  0.081   -0.764  1.00 56.48  ? 195 GLU A CD  1 
ATOM   1447 O  OE1 . GLU A 1 189 ? 10.504  0.208   -1.710  1.00 57.65  ? 195 GLU A OE1 1 
ATOM   1448 O  OE2 . GLU A 1 189 ? 11.508  -1.021  -0.170  1.00 49.33  ? 195 GLU A OE2 1 
ATOM   1449 N  N   . ARG A 1 190 ? 15.303  2.970   0.118   1.00 68.98  ? 196 ARG A N   1 
ATOM   1450 C  CA  . ARG A 1 190 ? 16.255  2.869   1.257   1.00 77.34  ? 196 ARG A CA  1 
ATOM   1451 C  C   . ARG A 1 190 ? 15.613  2.399   2.551   1.00 75.38  ? 196 ARG A C   1 
ATOM   1452 O  O   . ARG A 1 190 ? 16.284  1.791   3.369   1.00 76.15  ? 196 ARG A O   1 
ATOM   1453 C  CB  . ARG A 1 190 ? 17.016  4.195   1.492   1.00 81.86  ? 196 ARG A CB  1 
ATOM   1454 C  CG  . ARG A 1 190 ? 18.340  4.351   0.740   1.00 88.48  ? 196 ARG A CG  1 
ATOM   1455 C  CD  . ARG A 1 190 ? 18.289  3.826   -0.696  1.00 93.62  ? 196 ARG A CD  1 
ATOM   1456 N  NE  . ARG A 1 190 ? 19.458  4.214   -1.482  1.00 97.66  ? 196 ARG A NE  1 
ATOM   1457 C  CZ  . ARG A 1 190 ? 19.843  3.649   -2.631  1.00 105.10 ? 196 ARG A CZ  1 
ATOM   1458 N  NH1 . ARG A 1 190 ? 19.159  2.636   -3.169  1.00 102.51 ? 196 ARG A NH1 1 
ATOM   1459 N  NH2 . ARG A 1 190 ? 20.931  4.109   -3.259  1.00 109.22 ? 196 ARG A NH2 1 
HETATM 1460 MN MN  . MN  B 2 .   ? 1.194   -0.453  4.131   1.00 33.80  ? 201 MN  A MN  1 
HETATM 1461 MN MN  . MN  C 2 .   ? -0.967  2.117   5.949   1.00 38.79  ? 202 MN  A MN  1 
HETATM 1462 N  NAD . HWM D 3 .   ? 8.692   7.740   1.721   1.00 39.91  ? 203 HWM A NAD 1 
HETATM 1463 N  NAA . HWM D 3 .   ? 9.598   8.134   0.833   1.00 42.71  ? 203 HWM A NAA 1 
HETATM 1464 N  NAB . HWM D 3 .   ? 9.493   7.424   -0.259  1.00 41.45  ? 203 HWM A NAB 1 
HETATM 1465 N  NAC . HWM D 3 .   ? 8.554   6.539   -0.128  1.00 40.63  ? 203 HWM A NAC 1 
HETATM 1466 C  CAE . HWM D 3 .   ? 8.059   6.720   1.112   1.00 44.36  ? 203 HWM A CAE 1 
HETATM 1467 C  CAF . HWM D 3 .   ? 7.026   6.042   1.642   1.00 42.16  ? 203 HWM A CAF 1 
HETATM 1468 C  CAI . HWM D 3 .   ? 6.729   6.071   3.019   1.00 42.12  ? 203 HWM A CAI 1 
HETATM 1469 C  CAJ . HWM D 3 .   ? 5.603   5.378   3.497   1.00 38.94  ? 203 HWM A CAJ 1 
HETATM 1470 C  CAG . HWM D 3 .   ? 6.153   5.352   0.800   1.00 36.84  ? 203 HWM A CAG 1 
HETATM 1471 C  CAH . HWM D 3 .   ? 5.031   4.684   1.290   1.00 36.18  ? 203 HWM A CAH 1 
HETATM 1472 C  CAK . HWM D 3 .   ? 4.734   4.702   2.630   1.00 36.51  ? 203 HWM A CAK 1 
HETATM 1473 N  NAL . HWM D 3 .   ? 3.701   4.015   3.160   1.00 38.82  ? 203 HWM A NAL 1 
HETATM 1474 C  CAM . HWM D 3 .   ? 3.890   2.645   3.164   1.00 34.84  ? 203 HWM A CAM 1 
HETATM 1475 C  CAN . HWM D 3 .   ? 2.927   1.827   3.699   1.00 37.03  ? 203 HWM A CAN 1 
HETATM 1476 O  OAO . HWM D 3 .   ? 3.054   0.476   3.631   1.00 35.29  ? 203 HWM A OAO 1 
HETATM 1477 C  CAS . HWM D 3 .   ? 1.773   2.337   4.311   1.00 38.38  ? 203 HWM A CAS 1 
HETATM 1478 O  OAT . HWM D 3 .   ? 0.947   1.556   4.824   1.00 36.98  ? 203 HWM A OAT 1 
HETATM 1479 C  CAR . HWM D 3 .   ? 1.609   3.726   4.313   1.00 34.68  ? 203 HWM A CAR 1 
HETATM 1480 C  CAQ . HWM D 3 .   ? 2.573   4.555   3.736   1.00 37.88  ? 203 HWM A CAQ 1 
HETATM 1481 C  CAP . HWM D 3 .   ? 2.364   5.940   3.760   1.00 37.12  ? 203 HWM A CAP 1 
HETATM 1482 C  C1  . EDO E 4 .   ? -3.149  5.614   7.762   1.00 64.57  ? 204 EDO A C1  1 
HETATM 1483 O  O1  . EDO E 4 .   ? -4.527  5.731   7.280   1.00 71.49  ? 204 EDO A O1  1 
HETATM 1484 C  C2  . EDO E 4 .   ? -2.272  6.804   7.341   1.00 63.87  ? 204 EDO A C2  1 
HETATM 1485 O  O2  . EDO E 4 .   ? -1.528  6.379   6.159   1.00 58.34  ? 204 EDO A O2  1 
HETATM 1486 O  O   . HOH F 5 .   ? -0.324  0.849   7.681   1.00 30.31  ? 301 HOH A O   1 
HETATM 1487 O  O   . HOH F 5 .   ? 10.103  6.722   -3.096  1.00 51.32  ? 302 HOH A O   1 
HETATM 1488 O  O   . HOH F 5 .   ? 4.556   -0.104  1.579   1.00 35.91  ? 303 HOH A O   1 
HETATM 1489 O  O   . HOH F 5 .   ? 0.113   3.433   9.560   1.00 50.15  ? 304 HOH A O   1 
HETATM 1490 O  O   . HOH F 5 .   ? -3.059  2.589   7.124   1.00 36.50  ? 305 HOH A O   1 
HETATM 1491 O  O   . HOH F 5 .   ? -0.179  3.642   6.915   1.00 25.99  ? 306 HOH A O   1 
HETATM 1492 O  O   . HOH F 5 .   ? 2.972   0.903   7.581   1.00 52.46  ? 307 HOH A O   1 
HETATM 1493 O  O   . HOH F 5 .   ? 8.004   1.493   0.792   1.00 50.10  ? 308 HOH A O   1 
HETATM 1494 O  O   . HOH F 5 .   ? -1.817  7.558   1.873   1.00 50.46  ? 309 HOH A O   1 
HETATM 1495 O  O   . HOH F 5 .   ? 3.580   11.419  3.973   1.00 61.88  ? 310 HOH A O   1 
HETATM 1496 O  O   . HOH F 5 .   ? 5.113   3.289   6.951   1.00 50.01  ? 311 HOH A O   1 
HETATM 1497 O  O   . HOH F 5 .   ? 1.973   7.465   8.520   1.00 49.56  ? 312 HOH A O   1 
HETATM 1498 O  O   . HOH F 5 .   ? 4.990   9.317   5.460   1.00 61.04  ? 313 HOH A O   1 
# 
loop_
_pdbx_poly_seq_scheme.asym_id 
_pdbx_poly_seq_scheme.entity_id 
_pdbx_poly_seq_scheme.seq_id 
_pdbx_poly_seq_scheme.mon_id 
_pdbx_poly_seq_scheme.ndb_seq_num 
_pdbx_poly_seq_scheme.pdb_seq_num 
_pdbx_poly_seq_scheme.auth_seq_num 
_pdbx_poly_seq_scheme.pdb_mon_id 
_pdbx_poly_seq_scheme.auth_mon_id 
_pdbx_poly_seq_scheme.pdb_strand_id 
_pdbx_poly_seq_scheme.pdb_ins_code 
_pdbx_poly_seq_scheme.hetero 
A 1 1   MET 1   -5  ?   ?   ?   A . n 
A 1 2   GLY 2   -4  ?   ?   ?   A . n 
A 1 3   SER 3   -3  ?   ?   ?   A . n 
A 1 4   GLY 4   -2  ?   ?   ?   A . n 
A 1 5   MET 5   -1  -1  MET MET A . n 
A 1 6   ALA 6   0   0   ALA ALA A . n 
A 1 7   MET 7   1   1   MET MET A . n 
A 1 8   GLU 8   2   2   GLU GLU A . n 
A 1 9   ASP 9   3   3   ASP ASP A . n 
A 1 10  PHE 10  4   4   PHE PHE A . n 
A 1 11  VAL 11  5   5   VAL VAL A . n 
A 1 12  ARG 12  6   6   ARG ARG A . n 
A 1 13  GLN 13  7   7   GLN GLN A . n 
A 1 14  CYS 14  8   8   CYS CYS A . n 
A 1 15  PHE 15  9   9   PHE PHE A . n 
A 1 16  ASN 16  10  10  ASN ASN A . n 
A 1 17  PRO 17  11  11  PRO PRO A . n 
A 1 18  MET 18  12  12  MET MET A . n 
A 1 19  ILE 19  13  13  ILE ILE A . n 
A 1 20  VAL 20  14  14  VAL VAL A . n 
A 1 21  GLU 21  15  15  GLU GLU A . n 
A 1 22  LEU 22  16  16  LEU LEU A . n 
A 1 23  ALA 23  17  17  ALA ALA A . n 
A 1 24  GLU 24  18  18  GLU GLU A . n 
A 1 25  LYS 25  19  19  LYS LYS A . n 
A 1 26  ALA 26  20  20  ALA ALA A . n 
A 1 27  MET 27  21  21  MET MET A . n 
A 1 28  LYS 28  22  22  LYS LYS A . n 
A 1 29  GLU 29  23  23  GLU GLU A . n 
A 1 30  TYR 30  24  24  TYR TYR A . n 
A 1 31  GLY 31  25  25  GLY GLY A . n 
A 1 32  GLU 32  26  26  GLU GLU A . n 
A 1 33  ASP 33  27  27  ASP ASP A . n 
A 1 34  PRO 34  28  28  PRO PRO A . n 
A 1 35  LYS 35  29  29  LYS LYS A . n 
A 1 36  ILE 36  30  30  ILE ILE A . n 
A 1 37  GLU 37  31  31  GLU GLU A . n 
A 1 38  THR 38  32  32  THR THR A . n 
A 1 39  ASN 39  33  33  ASN ASN A . n 
A 1 40  LYS 40  34  34  LYS LYS A . n 
A 1 41  PHE 41  35  35  PHE PHE A . n 
A 1 42  ALA 42  36  36  ALA ALA A . n 
A 1 43  ALA 43  37  37  ALA ALA A . n 
A 1 44  ILE 44  38  38  ILE ILE A . n 
A 1 45  CYS 45  39  39  CYS CYS A . n 
A 1 46  THR 46  40  40  THR THR A . n 
A 1 47  HIS 47  41  41  HIS HIS A . n 
A 1 48  LEU 48  42  42  LEU LEU A . n 
A 1 49  GLU 49  43  43  GLU GLU A . n 
A 1 50  VAL 50  44  44  VAL VAL A . n 
A 1 51  CYS 51  45  45  CYS CYS A . n 
A 1 52  PHE 52  46  46  PHE PHE A . n 
A 1 53  MET 53  47  47  MET MET A . n 
A 1 54  TYR 54  48  48  TYR TYR A . n 
A 1 55  SER 55  49  49  SER SER A . n 
A 1 56  ASP 56  50  50  ASP ASP A . n 
A 1 57  PHE 57  51  51  PHE PHE A . n 
A 1 58  GLY 58  52  52  GLY GLY A . n 
A 1 59  SER 59  65  ?   ?   ?   A . n 
A 1 60  GLY 60  66  ?   ?   ?   A . n 
A 1 61  ASP 61  67  ?   ?   ?   A . n 
A 1 62  PRO 62  68  ?   ?   ?   A . n 
A 1 63  ASN 63  69  ?   ?   ?   A . n 
A 1 64  ALA 64  70  ?   ?   ?   A . n 
A 1 65  LEU 65  71  ?   ?   ?   A . n 
A 1 66  LEU 66  72  ?   ?   ?   A . n 
A 1 67  LYS 67  73  ?   ?   ?   A . n 
A 1 68  HIS 68  74  74  HIS HIS A . n 
A 1 69  ARG 69  75  75  ARG ARG A . n 
A 1 70  PHE 70  76  76  PHE PHE A . n 
A 1 71  GLU 71  77  77  GLU GLU A . n 
A 1 72  ILE 72  78  78  ILE ILE A . n 
A 1 73  ILE 73  79  79  ILE ILE A . n 
A 1 74  GLU 74  80  80  GLU GLU A . n 
A 1 75  GLY 75  81  81  GLY GLY A . n 
A 1 76  ARG 76  82  82  ARG ARG A . n 
A 1 77  ASP 77  83  83  ASP ASP A . n 
A 1 78  ARG 78  84  84  ARG ARG A . n 
A 1 79  ILE 79  85  85  ILE ILE A . n 
A 1 80  MET 80  86  86  MET MET A . n 
A 1 81  ALA 81  87  87  ALA ALA A . n 
A 1 82  TRP 82  88  88  TRP TRP A . n 
A 1 83  THR 83  89  89  THR THR A . n 
A 1 84  VAL 84  90  90  VAL VAL A . n 
A 1 85  VAL 85  91  91  VAL VAL A . n 
A 1 86  ASN 86  92  92  ASN ASN A . n 
A 1 87  SER 87  93  93  SER SER A . n 
A 1 88  ILE 88  94  94  ILE ILE A . n 
A 1 89  CYS 89  95  95  CYS CYS A . n 
A 1 90  ASN 90  96  96  ASN ASN A . n 
A 1 91  THR 91  97  97  THR THR A . n 
A 1 92  THR 92  98  98  THR THR A . n 
A 1 93  GLY 93  99  99  GLY GLY A . n 
A 1 94  VAL 94  100 100 VAL VAL A . n 
A 1 95  GLU 95  101 101 GLU GLU A . n 
A 1 96  LYS 96  102 102 LYS LYS A . n 
A 1 97  PRO 97  103 103 PRO PRO A . n 
A 1 98  LYS 98  104 104 LYS LYS A . n 
A 1 99  PHE 99  105 105 PHE PHE A . n 
A 1 100 LEU 100 106 106 LEU LEU A . n 
A 1 101 PRO 101 107 107 PRO PRO A . n 
A 1 102 ASP 102 108 108 ASP ASP A . n 
A 1 103 LEU 103 109 109 LEU LEU A . n 
A 1 104 TYR 104 110 110 TYR TYR A . n 
A 1 105 ASP 105 111 111 ASP ASP A . n 
A 1 106 TYR 106 112 112 TYR TYR A . n 
A 1 107 LYS 107 113 113 LYS LYS A . n 
A 1 108 GLU 108 114 114 GLU GLU A . n 
A 1 109 ASN 109 115 115 ASN ASN A . n 
A 1 110 ARG 110 116 116 ARG ARG A . n 
A 1 111 PHE 111 117 117 PHE PHE A . n 
A 1 112 ILE 112 118 118 ILE ILE A . n 
A 1 113 GLU 113 119 119 GLU GLU A . n 
A 1 114 ILE 114 120 120 ILE ILE A . n 
A 1 115 GLY 115 121 121 GLY GLY A . n 
A 1 116 VAL 116 122 122 VAL VAL A . n 
A 1 117 THR 117 123 123 THR THR A . n 
A 1 118 ARG 118 124 124 ARG ARG A . n 
A 1 119 ARG 119 125 125 ARG ARG A . n 
A 1 120 GLU 120 126 126 GLU GLU A . n 
A 1 121 VAL 121 127 127 VAL VAL A . n 
A 1 122 HIS 122 128 128 HIS HIS A . n 
A 1 123 ILE 123 129 129 ILE ILE A . n 
A 1 124 TYR 124 130 130 TYR TYR A . n 
A 1 125 TYR 125 131 131 TYR TYR A . n 
A 1 126 LEU 126 132 132 LEU LEU A . n 
A 1 127 GLU 127 133 133 GLU GLU A . n 
A 1 128 LYS 128 134 134 LYS LYS A . n 
A 1 129 ALA 129 135 135 ALA ALA A . n 
A 1 130 ASN 130 136 136 ASN ASN A . n 
A 1 131 LYS 131 137 137 LYS LYS A . n 
A 1 132 ILE 132 138 138 ILE ILE A . n 
A 1 133 LYS 133 139 ?   ?   ?   A . n 
A 1 134 SER 134 140 ?   ?   ?   A . n 
A 1 135 GLU 135 141 141 GLU GLU A . n 
A 1 136 LYS 136 142 142 LYS LYS A . n 
A 1 137 THR 137 143 143 THR THR A . n 
A 1 138 HIS 138 144 144 HIS HIS A . n 
A 1 139 ILE 139 145 145 ILE ILE A . n 
A 1 140 HIS 140 146 146 HIS HIS A . n 
A 1 141 ILE 141 147 147 ILE ILE A . n 
A 1 142 PHE 142 148 148 PHE PHE A . n 
A 1 143 SER 143 149 149 SER SER A . n 
A 1 144 PHE 144 150 150 PHE PHE A . n 
A 1 145 THR 145 151 151 THR THR A . n 
A 1 146 GLY 146 152 152 GLY GLY A . n 
A 1 147 GLU 147 153 153 GLU GLU A . n 
A 1 148 GLU 148 154 154 GLU GLU A . n 
A 1 149 MET 149 155 155 MET MET A . n 
A 1 150 ALA 150 156 156 ALA ALA A . n 
A 1 151 THR 151 157 157 THR THR A . n 
A 1 152 LYS 152 158 158 LYS LYS A . n 
A 1 153 ALA 153 159 159 ALA ALA A . n 
A 1 154 ASP 154 160 160 ASP ASP A . n 
A 1 155 TYR 155 161 161 TYR TYR A . n 
A 1 156 THR 156 162 162 THR THR A . n 
A 1 157 LEU 157 163 163 LEU LEU A . n 
A 1 158 ASP 158 164 164 ASP ASP A . n 
A 1 159 GLU 159 165 165 GLU GLU A . n 
A 1 160 GLU 160 166 166 GLU GLU A . n 
A 1 161 SER 161 167 167 SER SER A . n 
A 1 162 ARG 162 168 168 ARG ARG A . n 
A 1 163 ALA 163 169 169 ALA ALA A . n 
A 1 164 ARG 164 170 170 ARG ARG A . n 
A 1 165 ILE 165 171 171 ILE ILE A . n 
A 1 166 LYS 166 172 172 LYS LYS A . n 
A 1 167 THR 167 173 173 THR THR A . n 
A 1 168 ARG 168 174 174 ARG ARG A . n 
A 1 169 LEU 169 175 175 LEU LEU A . n 
A 1 170 PHE 170 176 176 PHE PHE A . n 
A 1 171 THR 171 177 177 THR THR A . n 
A 1 172 ILE 172 178 178 ILE ILE A . n 
A 1 173 ARG 173 179 179 ARG ARG A . n 
A 1 174 GLN 174 180 180 GLN GLN A . n 
A 1 175 GLU 175 181 181 GLU GLU A . n 
A 1 176 MET 176 182 182 MET MET A . n 
A 1 177 ALA 177 183 183 ALA ALA A . n 
A 1 178 SER 178 184 184 SER SER A . n 
A 1 179 ARG 179 185 185 ARG ARG A . n 
A 1 180 SER 180 186 186 SER SER A . n 
A 1 181 LEU 181 187 187 LEU LEU A . n 
A 1 182 TRP 182 188 188 TRP TRP A . n 
A 1 183 ASP 183 189 189 ASP ASP A . n 
A 1 184 SER 184 190 190 SER SER A . n 
A 1 185 PHE 185 191 191 PHE PHE A . n 
A 1 186 ARG 186 192 192 ARG ARG A . n 
A 1 187 GLN 187 193 193 GLN GLN A . n 
A 1 188 SER 188 194 194 SER SER A . n 
A 1 189 GLU 189 195 195 GLU GLU A . n 
A 1 190 ARG 190 196 196 ARG ARG A . n 
A 1 191 GLY 191 197 ?   ?   ?   A . n 
A 1 192 GLU 192 198 ?   ?   ?   A . n 
# 
loop_
_pdbx_nonpoly_scheme.asym_id 
_pdbx_nonpoly_scheme.entity_id 
_pdbx_nonpoly_scheme.mon_id 
_pdbx_nonpoly_scheme.ndb_seq_num 
_pdbx_nonpoly_scheme.pdb_seq_num 
_pdbx_nonpoly_scheme.auth_seq_num 
_pdbx_nonpoly_scheme.pdb_mon_id 
_pdbx_nonpoly_scheme.auth_mon_id 
_pdbx_nonpoly_scheme.pdb_strand_id 
_pdbx_nonpoly_scheme.pdb_ins_code 
B 2 MN  1  201 197 MN  MN  A . 
C 2 MN  1  202 198 MN  MN  A . 
D 3 HWM 1  203 212 HWM DRG A . 
E 4 EDO 1  204 213 EDO EDO A . 
F 5 HOH 1  301 201 HOH HOH A . 
F 5 HOH 2  302 211 HOH HOH A . 
F 5 HOH 3  303 199 HOH HOH A . 
F 5 HOH 4  304 207 HOH HOH A . 
F 5 HOH 5  305 202 HOH HOH A . 
F 5 HOH 6  306 200 HOH HOH A . 
F 5 HOH 7  307 208 HOH HOH A . 
F 5 HOH 8  308 210 HOH HOH A . 
F 5 HOH 9  309 204 HOH HOH A . 
F 5 HOH 10 310 205 HOH HOH A . 
F 5 HOH 11 311 209 HOH HOH A . 
F 5 HOH 12 312 203 HOH HOH A . 
F 5 HOH 13 313 206 HOH HOH A . 
# 
_pdbx_struct_assembly.id                   1 
_pdbx_struct_assembly.details              author_and_software_defined_assembly 
_pdbx_struct_assembly.method_details       PISA 
_pdbx_struct_assembly.oligomeric_details   monomeric 
_pdbx_struct_assembly.oligomeric_count     1 
# 
_pdbx_struct_assembly_gen.assembly_id       1 
_pdbx_struct_assembly_gen.oper_expression   1 
_pdbx_struct_assembly_gen.asym_id_list      A,B,C,D,E,F 
# 
loop_
_pdbx_struct_assembly_prop.biol_id 
_pdbx_struct_assembly_prop.type 
_pdbx_struct_assembly_prop.value 
_pdbx_struct_assembly_prop.details 
1 'ABSA (A^2)' 430  ? 
1 MORE         -3   ? 
1 'SSA (A^2)'  9360 ? 
# 
_pdbx_struct_oper_list.id                   1 
_pdbx_struct_oper_list.type                 'identity operation' 
_pdbx_struct_oper_list.name                 1_555 
_pdbx_struct_oper_list.symmetry_operation   x,y,z 
_pdbx_struct_oper_list.matrix[1][1]         1.0000000000 
_pdbx_struct_oper_list.matrix[1][2]         0.0000000000 
_pdbx_struct_oper_list.matrix[1][3]         0.0000000000 
_pdbx_struct_oper_list.vector[1]            0.0000000000 
_pdbx_struct_oper_list.matrix[2][1]         0.0000000000 
_pdbx_struct_oper_list.matrix[2][2]         1.0000000000 
_pdbx_struct_oper_list.matrix[2][3]         0.0000000000 
_pdbx_struct_oper_list.vector[2]            0.0000000000 
_pdbx_struct_oper_list.matrix[3][1]         0.0000000000 
_pdbx_struct_oper_list.matrix[3][2]         0.0000000000 
_pdbx_struct_oper_list.matrix[3][3]         1.0000000000 
_pdbx_struct_oper_list.vector[3]            0.0000000000 
# 
loop_
_pdbx_struct_conn_angle.id 
_pdbx_struct_conn_angle.ptnr1_label_atom_id 
_pdbx_struct_conn_angle.ptnr1_label_alt_id 
_pdbx_struct_conn_angle.ptnr1_label_asym_id 
_pdbx_struct_conn_angle.ptnr1_label_comp_id 
_pdbx_struct_conn_angle.ptnr1_label_seq_id 
_pdbx_struct_conn_angle.ptnr1_auth_atom_id 
_pdbx_struct_conn_angle.ptnr1_auth_asym_id 
_pdbx_struct_conn_angle.ptnr1_auth_comp_id 
_pdbx_struct_conn_angle.ptnr1_auth_seq_id 
_pdbx_struct_conn_angle.ptnr1_PDB_ins_code 
_pdbx_struct_conn_angle.ptnr1_symmetry 
_pdbx_struct_conn_angle.ptnr2_label_atom_id 
_pdbx_struct_conn_angle.ptnr2_label_alt_id 
_pdbx_struct_conn_angle.ptnr2_label_asym_id 
_pdbx_struct_conn_angle.ptnr2_label_comp_id 
_pdbx_struct_conn_angle.ptnr2_label_seq_id 
_pdbx_struct_conn_angle.ptnr2_auth_atom_id 
_pdbx_struct_conn_angle.ptnr2_auth_asym_id 
_pdbx_struct_conn_angle.ptnr2_auth_comp_id 
_pdbx_struct_conn_angle.ptnr2_auth_seq_id 
_pdbx_struct_conn_angle.ptnr2_PDB_ins_code 
_pdbx_struct_conn_angle.ptnr2_symmetry 
_pdbx_struct_conn_angle.ptnr3_label_atom_id 
_pdbx_struct_conn_angle.ptnr3_label_alt_id 
_pdbx_struct_conn_angle.ptnr3_label_asym_id 
_pdbx_struct_conn_angle.ptnr3_label_comp_id 
_pdbx_struct_conn_angle.ptnr3_label_seq_id 
_pdbx_struct_conn_angle.ptnr3_auth_atom_id 
_pdbx_struct_conn_angle.ptnr3_auth_asym_id 
_pdbx_struct_conn_angle.ptnr3_auth_comp_id 
_pdbx_struct_conn_angle.ptnr3_auth_seq_id 
_pdbx_struct_conn_angle.ptnr3_PDB_ins_code 
_pdbx_struct_conn_angle.ptnr3_symmetry 
_pdbx_struct_conn_angle.value 
_pdbx_struct_conn_angle.value_esd 
1  NE2 ? A HIS 47  ? A HIS 41  ? 1_555 MN ? B MN . ? A MN 201 ? 1_555 OD2 ? A ASP 102 ? A ASP 108 ? 1_555 100.1 ? 
2  NE2 ? A HIS 47  ? A HIS 41  ? 1_555 MN ? B MN . ? A MN 201 ? 1_555 OE2 ? A GLU 113 ? A GLU 119 ? 1_555 171.2 ? 
3  OD2 ? A ASP 102 ? A ASP 108 ? 1_555 MN ? B MN . ? A MN 201 ? 1_555 OE2 ? A GLU 113 ? A GLU 119 ? 1_555 85.0  ? 
4  NE2 ? A HIS 47  ? A HIS 41  ? 1_555 MN ? B MN . ? A MN 201 ? 1_555 O   ? A ILE 114 ? A ILE 120 ? 1_555 83.4  ? 
5  OD2 ? A ASP 102 ? A ASP 108 ? 1_555 MN ? B MN . ? A MN 201 ? 1_555 O   ? A ILE 114 ? A ILE 120 ? 1_555 91.8  ? 
6  OE2 ? A GLU 113 ? A GLU 119 ? 1_555 MN ? B MN . ? A MN 201 ? 1_555 O   ? A ILE 114 ? A ILE 120 ? 1_555 89.3  ? 
7  NE2 ? A HIS 47  ? A HIS 41  ? 1_555 MN ? B MN . ? A MN 201 ? 1_555 OAO ? D HWM .   ? A HWM 203 ? 1_555 81.2  ? 
8  OD2 ? A ASP 102 ? A ASP 108 ? 1_555 MN ? B MN . ? A MN 201 ? 1_555 OAO ? D HWM .   ? A HWM 203 ? 1_555 178.0 ? 
9  OE2 ? A GLU 113 ? A GLU 119 ? 1_555 MN ? B MN . ? A MN 201 ? 1_555 OAO ? D HWM .   ? A HWM 203 ? 1_555 93.8  ? 
10 O   ? A ILE 114 ? A ILE 120 ? 1_555 MN ? B MN . ? A MN 201 ? 1_555 OAO ? D HWM .   ? A HWM 203 ? 1_555 89.9  ? 
11 NE2 ? A HIS 47  ? A HIS 41  ? 1_555 MN ? B MN . ? A MN 201 ? 1_555 OAT ? D HWM .   ? A HWM 203 ? 1_555 86.2  ? 
12 OD2 ? A ASP 102 ? A ASP 108 ? 1_555 MN ? B MN . ? A MN 201 ? 1_555 OAT ? D HWM .   ? A HWM 203 ? 1_555 101.9 ? 
13 OE2 ? A GLU 113 ? A GLU 119 ? 1_555 MN ? B MN . ? A MN 201 ? 1_555 OAT ? D HWM .   ? A HWM 203 ? 1_555 99.9  ? 
14 O   ? A ILE 114 ? A ILE 120 ? 1_555 MN ? B MN . ? A MN 201 ? 1_555 OAT ? D HWM .   ? A HWM 203 ? 1_555 164.1 ? 
15 OAO ? D HWM .   ? A HWM 203 ? 1_555 MN ? B MN . ? A MN 201 ? 1_555 OAT ? D HWM .   ? A HWM 203 ? 1_555 76.6  ? 
16 OE2 ? A GLU 74  ? A GLU 80  ? 1_555 MN ? C MN . ? A MN 202 ? 1_555 OD1 ? A ASP 102 ? A ASP 108 ? 1_555 90.0  ? 
17 OE2 ? A GLU 74  ? A GLU 80  ? 1_555 MN ? C MN . ? A MN 202 ? 1_555 OAT ? D HWM .   ? A HWM 203 ? 1_555 94.7  ? 
18 OD1 ? A ASP 102 ? A ASP 108 ? 1_555 MN ? C MN . ? A MN 202 ? 1_555 OAT ? D HWM .   ? A HWM 203 ? 1_555 84.0  ? 
19 OE2 ? A GLU 74  ? A GLU 80  ? 1_555 MN ? C MN . ? A MN 202 ? 1_555 O   ? F HOH .   ? A HOH 301 ? 1_555 173.1 ? 
20 OD1 ? A ASP 102 ? A ASP 108 ? 1_555 MN ? C MN . ? A MN 202 ? 1_555 O   ? F HOH .   ? A HOH 301 ? 1_555 95.6  ? 
21 OAT ? D HWM .   ? A HWM 203 ? 1_555 MN ? C MN . ? A MN 202 ? 1_555 O   ? F HOH .   ? A HOH 301 ? 1_555 90.1  ? 
22 OE2 ? A GLU 74  ? A GLU 80  ? 1_555 MN ? C MN . ? A MN 202 ? 1_555 O   ? F HOH .   ? A HOH 305 ? 1_555 86.5  ? 
23 OD1 ? A ASP 102 ? A ASP 108 ? 1_555 MN ? C MN . ? A MN 202 ? 1_555 O   ? F HOH .   ? A HOH 305 ? 1_555 93.0  ? 
24 OAT ? D HWM .   ? A HWM 203 ? 1_555 MN ? C MN . ? A MN 202 ? 1_555 O   ? F HOH .   ? A HOH 305 ? 1_555 176.7 ? 
25 O   ? F HOH .   ? A HOH 301 ? 1_555 MN ? C MN . ? A MN 202 ? 1_555 O   ? F HOH .   ? A HOH 305 ? 1_555 89.1  ? 
26 OE2 ? A GLU 74  ? A GLU 80  ? 1_555 MN ? C MN . ? A MN 202 ? 1_555 O   ? F HOH .   ? A HOH 306 ? 1_555 87.7  ? 
27 OD1 ? A ASP 102 ? A ASP 108 ? 1_555 MN ? C MN . ? A MN 202 ? 1_555 O   ? F HOH .   ? A HOH 306 ? 1_555 177.6 ? 
28 OAT ? D HWM .   ? A HWM 203 ? 1_555 MN ? C MN . ? A MN 202 ? 1_555 O   ? F HOH .   ? A HOH 306 ? 1_555 95.5  ? 
29 O   ? F HOH .   ? A HOH 301 ? 1_555 MN ? C MN . ? A MN 202 ? 1_555 O   ? F HOH .   ? A HOH 306 ? 1_555 86.8  ? 
30 O   ? F HOH .   ? A HOH 305 ? 1_555 MN ? C MN . ? A MN 202 ? 1_555 O   ? F HOH .   ? A HOH 306 ? 1_555 87.6  ? 
# 
loop_
_pdbx_audit_revision_history.ordinal 
_pdbx_audit_revision_history.data_content_type 
_pdbx_audit_revision_history.major_revision 
_pdbx_audit_revision_history.minor_revision 
_pdbx_audit_revision_history.revision_date 
1 'Structure model' 1 0 2019-07-31 
2 'Structure model' 1 1 2020-01-01 
3 'Structure model' 1 2 2020-02-12 
4 'Structure model' 1 3 2023-10-11 
# 
_pdbx_audit_revision_details.ordinal             1 
_pdbx_audit_revision_details.revision_ordinal    1 
_pdbx_audit_revision_details.data_content_type   'Structure model' 
_pdbx_audit_revision_details.provider            repository 
_pdbx_audit_revision_details.type                'Initial release' 
_pdbx_audit_revision_details.description         ? 
_pdbx_audit_revision_details.details             ? 
# 
loop_
_pdbx_audit_revision_group.ordinal 
_pdbx_audit_revision_group.revision_ordinal 
_pdbx_audit_revision_group.data_content_type 
_pdbx_audit_revision_group.group 
1 2 'Structure model' 'Author supporting evidence' 
2 3 'Structure model' 'Database references'        
3 4 'Structure model' 'Data collection'            
4 4 'Structure model' 'Database references'        
5 4 'Structure model' 'Derived calculations'       
6 4 'Structure model' 'Refinement description'     
# 
loop_
_pdbx_audit_revision_category.ordinal 
_pdbx_audit_revision_category.revision_ordinal 
_pdbx_audit_revision_category.data_content_type 
_pdbx_audit_revision_category.category 
1 2 'Structure model' pdbx_audit_support            
2 3 'Structure model' citation                      
3 3 'Structure model' citation_author               
4 4 'Structure model' chem_comp_atom                
5 4 'Structure model' chem_comp_bond                
6 4 'Structure model' database_2                    
7 4 'Structure model' pdbx_initial_refinement_model 
8 4 'Structure model' pdbx_struct_conn_angle        
9 4 'Structure model' struct_conn                   
# 
loop_
_pdbx_audit_revision_item.ordinal 
_pdbx_audit_revision_item.revision_ordinal 
_pdbx_audit_revision_item.data_content_type 
_pdbx_audit_revision_item.item 
1  2 'Structure model' '_pdbx_audit_support.funding_organization'    
2  3 'Structure model' '_citation.country'                           
3  3 'Structure model' '_citation.journal_abbrev'                    
4  3 'Structure model' '_citation.journal_id_ASTM'                   
5  3 'Structure model' '_citation.journal_id_CSD'                    
6  3 'Structure model' '_citation.journal_id_ISSN'                   
7  3 'Structure model' '_citation.journal_volume'                    
8  3 'Structure model' '_citation.page_first'                        
9  3 'Structure model' '_citation.page_last'                         
10 3 'Structure model' '_citation.pdbx_database_id_DOI'              
11 3 'Structure model' '_citation.pdbx_database_id_PubMed'           
12 3 'Structure model' '_citation.title'                             
13 3 'Structure model' '_citation.year'                              
14 4 'Structure model' '_database_2.pdbx_DOI'                        
15 4 'Structure model' '_database_2.pdbx_database_accession'         
16 4 'Structure model' '_pdbx_struct_conn_angle.ptnr1_auth_comp_id'  
17 4 'Structure model' '_pdbx_struct_conn_angle.ptnr1_auth_seq_id'   
18 4 'Structure model' '_pdbx_struct_conn_angle.ptnr1_label_asym_id' 
19 4 'Structure model' '_pdbx_struct_conn_angle.ptnr1_label_atom_id' 
20 4 'Structure model' '_pdbx_struct_conn_angle.ptnr1_label_comp_id' 
21 4 'Structure model' '_pdbx_struct_conn_angle.ptnr3_auth_comp_id'  
22 4 'Structure model' '_pdbx_struct_conn_angle.ptnr3_auth_seq_id'   
23 4 'Structure model' '_pdbx_struct_conn_angle.ptnr3_label_asym_id' 
24 4 'Structure model' '_pdbx_struct_conn_angle.ptnr3_label_atom_id' 
25 4 'Structure model' '_pdbx_struct_conn_angle.ptnr3_label_comp_id' 
26 4 'Structure model' '_pdbx_struct_conn_angle.value'               
27 4 'Structure model' '_struct_conn.pdbx_dist_value'                
28 4 'Structure model' '_struct_conn.ptnr1_label_atom_id'            
29 4 'Structure model' '_struct_conn.ptnr2_auth_comp_id'             
30 4 'Structure model' '_struct_conn.ptnr2_auth_seq_id'              
31 4 'Structure model' '_struct_conn.ptnr2_label_asym_id'            
32 4 'Structure model' '_struct_conn.ptnr2_label_atom_id'            
33 4 'Structure model' '_struct_conn.ptnr2_label_comp_id'            
# 
loop_
_software.citation_id 
_software.classification 
_software.compiler_name 
_software.compiler_version 
_software.contact_author 
_software.contact_author_email 
_software.date 
_software.description 
_software.dependencies 
_software.hardware 
_software.language 
_software.location 
_software.mods 
_software.name 
_software.os 
_software.os_version 
_software.type 
_software.version 
_software.pdbx_ordinal 
? refinement       ? ? ? ? ? ? ? ? ? ? ? REFMAC  ? ? ? 5.8.0135 1 
? 'data reduction' ? ? ? ? ? ? ? ? ? ? ? iMOSFLM ? ? ? .        2 
? 'data scaling'   ? ? ? ? ? ? ? ? ? ? ? Aimless ? ? ? .        3 
? phasing          ? ? ? ? ? ? ? ? ? ? ? PHASER  ? ? ? .        4 
# 
loop_
_pdbx_validate_torsion.id 
_pdbx_validate_torsion.PDB_model_num 
_pdbx_validate_torsion.auth_comp_id 
_pdbx_validate_torsion.auth_asym_id 
_pdbx_validate_torsion.auth_seq_id 
_pdbx_validate_torsion.PDB_ins_code 
_pdbx_validate_torsion.label_alt_id 
_pdbx_validate_torsion.phi 
_pdbx_validate_torsion.psi 
1 1 PHE A 51  ? ? -86.53  41.70   
2 1 ARG A 125 ? ? -101.39 -158.53 
3 1 LYS A 142 ? ? -95.90  47.25   
4 1 ALA A 159 ? ? 49.12   29.74   
5 1 THR A 162 ? ? 63.97   -63.67  
# 
loop_
_pdbx_unobs_or_zero_occ_residues.id 
_pdbx_unobs_or_zero_occ_residues.PDB_model_num 
_pdbx_unobs_or_zero_occ_residues.polymer_flag 
_pdbx_unobs_or_zero_occ_residues.occupancy_flag 
_pdbx_unobs_or_zero_occ_residues.auth_asym_id 
_pdbx_unobs_or_zero_occ_residues.auth_comp_id 
_pdbx_unobs_or_zero_occ_residues.auth_seq_id 
_pdbx_unobs_or_zero_occ_residues.PDB_ins_code 
_pdbx_unobs_or_zero_occ_residues.label_asym_id 
_pdbx_unobs_or_zero_occ_residues.label_comp_id 
_pdbx_unobs_or_zero_occ_residues.label_seq_id 
1  1 Y 1 A MET -5  ? A MET 1   
2  1 Y 1 A GLY -4  ? A GLY 2   
3  1 Y 1 A SER -3  ? A SER 3   
4  1 Y 1 A GLY -2  ? A GLY 4   
5  1 Y 1 A SER 65  ? A SER 59  
6  1 Y 1 A GLY 66  ? A GLY 60  
7  1 Y 1 A ASP 67  ? A ASP 61  
8  1 Y 1 A PRO 68  ? A PRO 62  
9  1 Y 1 A ASN 69  ? A ASN 63  
10 1 Y 1 A ALA 70  ? A ALA 64  
11 1 Y 1 A LEU 71  ? A LEU 65  
12 1 Y 1 A LEU 72  ? A LEU 66  
13 1 Y 1 A LYS 73  ? A LYS 67  
14 1 Y 1 A LYS 139 ? A LYS 133 
15 1 Y 1 A SER 140 ? A SER 134 
16 1 Y 1 A GLY 197 ? A GLY 191 
17 1 Y 1 A GLU 198 ? A GLU 192 
# 
loop_
_chem_comp_atom.comp_id 
_chem_comp_atom.atom_id 
_chem_comp_atom.type_symbol 
_chem_comp_atom.pdbx_aromatic_flag 
_chem_comp_atom.pdbx_stereo_config 
_chem_comp_atom.pdbx_ordinal 
ALA N    N  N N 1   
ALA CA   C  N S 2   
ALA C    C  N N 3   
ALA O    O  N N 4   
ALA CB   C  N N 5   
ALA OXT  O  N N 6   
ALA H    H  N N 7   
ALA H2   H  N N 8   
ALA HA   H  N N 9   
ALA HB1  H  N N 10  
ALA HB2  H  N N 11  
ALA HB3  H  N N 12  
ALA HXT  H  N N 13  
ARG N    N  N N 14  
ARG CA   C  N S 15  
ARG C    C  N N 16  
ARG O    O  N N 17  
ARG CB   C  N N 18  
ARG CG   C  N N 19  
ARG CD   C  N N 20  
ARG NE   N  N N 21  
ARG CZ   C  N N 22  
ARG NH1  N  N N 23  
ARG NH2  N  N N 24  
ARG OXT  O  N N 25  
ARG H    H  N N 26  
ARG H2   H  N N 27  
ARG HA   H  N N 28  
ARG HB2  H  N N 29  
ARG HB3  H  N N 30  
ARG HG2  H  N N 31  
ARG HG3  H  N N 32  
ARG HD2  H  N N 33  
ARG HD3  H  N N 34  
ARG HE   H  N N 35  
ARG HH11 H  N N 36  
ARG HH12 H  N N 37  
ARG HH21 H  N N 38  
ARG HH22 H  N N 39  
ARG HXT  H  N N 40  
ASN N    N  N N 41  
ASN CA   C  N S 42  
ASN C    C  N N 43  
ASN O    O  N N 44  
ASN CB   C  N N 45  
ASN CG   C  N N 46  
ASN OD1  O  N N 47  
ASN ND2  N  N N 48  
ASN OXT  O  N N 49  
ASN H    H  N N 50  
ASN H2   H  N N 51  
ASN HA   H  N N 52  
ASN HB2  H  N N 53  
ASN HB3  H  N N 54  
ASN HD21 H  N N 55  
ASN HD22 H  N N 56  
ASN HXT  H  N N 57  
ASP N    N  N N 58  
ASP CA   C  N S 59  
ASP C    C  N N 60  
ASP O    O  N N 61  
ASP CB   C  N N 62  
ASP CG   C  N N 63  
ASP OD1  O  N N 64  
ASP OD2  O  N N 65  
ASP OXT  O  N N 66  
ASP H    H  N N 67  
ASP H2   H  N N 68  
ASP HA   H  N N 69  
ASP HB2  H  N N 70  
ASP HB3  H  N N 71  
ASP HD2  H  N N 72  
ASP HXT  H  N N 73  
CYS N    N  N N 74  
CYS CA   C  N R 75  
CYS C    C  N N 76  
CYS O    O  N N 77  
CYS CB   C  N N 78  
CYS SG   S  N N 79  
CYS OXT  O  N N 80  
CYS H    H  N N 81  
CYS H2   H  N N 82  
CYS HA   H  N N 83  
CYS HB2  H  N N 84  
CYS HB3  H  N N 85  
CYS HG   H  N N 86  
CYS HXT  H  N N 87  
EDO C1   C  N N 88  
EDO O1   O  N N 89  
EDO C2   C  N N 90  
EDO O2   O  N N 91  
EDO H11  H  N N 92  
EDO H12  H  N N 93  
EDO HO1  H  N N 94  
EDO H21  H  N N 95  
EDO H22  H  N N 96  
EDO HO2  H  N N 97  
GLN N    N  N N 98  
GLN CA   C  N S 99  
GLN C    C  N N 100 
GLN O    O  N N 101 
GLN CB   C  N N 102 
GLN CG   C  N N 103 
GLN CD   C  N N 104 
GLN OE1  O  N N 105 
GLN NE2  N  N N 106 
GLN OXT  O  N N 107 
GLN H    H  N N 108 
GLN H2   H  N N 109 
GLN HA   H  N N 110 
GLN HB2  H  N N 111 
GLN HB3  H  N N 112 
GLN HG2  H  N N 113 
GLN HG3  H  N N 114 
GLN HE21 H  N N 115 
GLN HE22 H  N N 116 
GLN HXT  H  N N 117 
GLU N    N  N N 118 
GLU CA   C  N S 119 
GLU C    C  N N 120 
GLU O    O  N N 121 
GLU CB   C  N N 122 
GLU CG   C  N N 123 
GLU CD   C  N N 124 
GLU OE1  O  N N 125 
GLU OE2  O  N N 126 
GLU OXT  O  N N 127 
GLU H    H  N N 128 
GLU H2   H  N N 129 
GLU HA   H  N N 130 
GLU HB2  H  N N 131 
GLU HB3  H  N N 132 
GLU HG2  H  N N 133 
GLU HG3  H  N N 134 
GLU HE2  H  N N 135 
GLU HXT  H  N N 136 
GLY N    N  N N 137 
GLY CA   C  N N 138 
GLY C    C  N N 139 
GLY O    O  N N 140 
GLY OXT  O  N N 141 
GLY H    H  N N 142 
GLY H2   H  N N 143 
GLY HA2  H  N N 144 
GLY HA3  H  N N 145 
GLY HXT  H  N N 146 
HIS N    N  N N 147 
HIS CA   C  N S 148 
HIS C    C  N N 149 
HIS O    O  N N 150 
HIS CB   C  N N 151 
HIS CG   C  Y N 152 
HIS ND1  N  Y N 153 
HIS CD2  C  Y N 154 
HIS CE1  C  Y N 155 
HIS NE2  N  Y N 156 
HIS OXT  O  N N 157 
HIS H    H  N N 158 
HIS H2   H  N N 159 
HIS HA   H  N N 160 
HIS HB2  H  N N 161 
HIS HB3  H  N N 162 
HIS HD1  H  N N 163 
HIS HD2  H  N N 164 
HIS HE1  H  N N 165 
HIS HE2  H  N N 166 
HIS HXT  H  N N 167 
HOH O    O  N N 168 
HOH H1   H  N N 169 
HOH H2   H  N N 170 
HWM NAD  N  Y N 171 
HWM NAA  N  Y N 172 
HWM NAB  N  Y N 173 
HWM NAC  N  Y N 174 
HWM CAE  C  Y N 175 
HWM CAF  C  Y N 176 
HWM CAI  C  Y N 177 
HWM CAJ  C  Y N 178 
HWM CAG  C  Y N 179 
HWM CAH  C  Y N 180 
HWM CAK  C  Y N 181 
HWM NAL  N  N N 182 
HWM CAM  C  N N 183 
HWM CAN  C  N N 184 
HWM OAO  O  N N 185 
HWM CAS  C  N N 186 
HWM OAT  O  N N 187 
HWM CAR  C  N N 188 
HWM CAQ  C  N N 189 
HWM CAP  C  N N 190 
HWM H1   H  N N 191 
HWM H2   H  N N 192 
HWM H3   H  N N 193 
HWM H4   H  N N 194 
HWM H5   H  N N 195 
HWM H6   H  N N 196 
HWM H7   H  N N 197 
HWM H8   H  N N 198 
HWM H9   H  N N 199 
HWM H10  H  N N 200 
HWM H11  H  N N 201 
ILE N    N  N N 202 
ILE CA   C  N S 203 
ILE C    C  N N 204 
ILE O    O  N N 205 
ILE CB   C  N S 206 
ILE CG1  C  N N 207 
ILE CG2  C  N N 208 
ILE CD1  C  N N 209 
ILE OXT  O  N N 210 
ILE H    H  N N 211 
ILE H2   H  N N 212 
ILE HA   H  N N 213 
ILE HB   H  N N 214 
ILE HG12 H  N N 215 
ILE HG13 H  N N 216 
ILE HG21 H  N N 217 
ILE HG22 H  N N 218 
ILE HG23 H  N N 219 
ILE HD11 H  N N 220 
ILE HD12 H  N N 221 
ILE HD13 H  N N 222 
ILE HXT  H  N N 223 
LEU N    N  N N 224 
LEU CA   C  N S 225 
LEU C    C  N N 226 
LEU O    O  N N 227 
LEU CB   C  N N 228 
LEU CG   C  N N 229 
LEU CD1  C  N N 230 
LEU CD2  C  N N 231 
LEU OXT  O  N N 232 
LEU H    H  N N 233 
LEU H2   H  N N 234 
LEU HA   H  N N 235 
LEU HB2  H  N N 236 
LEU HB3  H  N N 237 
LEU HG   H  N N 238 
LEU HD11 H  N N 239 
LEU HD12 H  N N 240 
LEU HD13 H  N N 241 
LEU HD21 H  N N 242 
LEU HD22 H  N N 243 
LEU HD23 H  N N 244 
LEU HXT  H  N N 245 
LYS N    N  N N 246 
LYS CA   C  N S 247 
LYS C    C  N N 248 
LYS O    O  N N 249 
LYS CB   C  N N 250 
LYS CG   C  N N 251 
LYS CD   C  N N 252 
LYS CE   C  N N 253 
LYS NZ   N  N N 254 
LYS OXT  O  N N 255 
LYS H    H  N N 256 
LYS H2   H  N N 257 
LYS HA   H  N N 258 
LYS HB2  H  N N 259 
LYS HB3  H  N N 260 
LYS HG2  H  N N 261 
LYS HG3  H  N N 262 
LYS HD2  H  N N 263 
LYS HD3  H  N N 264 
LYS HE2  H  N N 265 
LYS HE3  H  N N 266 
LYS HZ1  H  N N 267 
LYS HZ2  H  N N 268 
LYS HZ3  H  N N 269 
LYS HXT  H  N N 270 
MET N    N  N N 271 
MET CA   C  N S 272 
MET C    C  N N 273 
MET O    O  N N 274 
MET CB   C  N N 275 
MET CG   C  N N 276 
MET SD   S  N N 277 
MET CE   C  N N 278 
MET OXT  O  N N 279 
MET H    H  N N 280 
MET H2   H  N N 281 
MET HA   H  N N 282 
MET HB2  H  N N 283 
MET HB3  H  N N 284 
MET HG2  H  N N 285 
MET HG3  H  N N 286 
MET HE1  H  N N 287 
MET HE2  H  N N 288 
MET HE3  H  N N 289 
MET HXT  H  N N 290 
MN  MN   MN N N 291 
PHE N    N  N N 292 
PHE CA   C  N S 293 
PHE C    C  N N 294 
PHE O    O  N N 295 
PHE CB   C  N N 296 
PHE CG   C  Y N 297 
PHE CD1  C  Y N 298 
PHE CD2  C  Y N 299 
PHE CE1  C  Y N 300 
PHE CE2  C  Y N 301 
PHE CZ   C  Y N 302 
PHE OXT  O  N N 303 
PHE H    H  N N 304 
PHE H2   H  N N 305 
PHE HA   H  N N 306 
PHE HB2  H  N N 307 
PHE HB3  H  N N 308 
PHE HD1  H  N N 309 
PHE HD2  H  N N 310 
PHE HE1  H  N N 311 
PHE HE2  H  N N 312 
PHE HZ   H  N N 313 
PHE HXT  H  N N 314 
PRO N    N  N N 315 
PRO CA   C  N S 316 
PRO C    C  N N 317 
PRO O    O  N N 318 
PRO CB   C  N N 319 
PRO CG   C  N N 320 
PRO CD   C  N N 321 
PRO OXT  O  N N 322 
PRO H    H  N N 323 
PRO HA   H  N N 324 
PRO HB2  H  N N 325 
PRO HB3  H  N N 326 
PRO HG2  H  N N 327 
PRO HG3  H  N N 328 
PRO HD2  H  N N 329 
PRO HD3  H  N N 330 
PRO HXT  H  N N 331 
SER N    N  N N 332 
SER CA   C  N S 333 
SER C    C  N N 334 
SER O    O  N N 335 
SER CB   C  N N 336 
SER OG   O  N N 337 
SER OXT  O  N N 338 
SER H    H  N N 339 
SER H2   H  N N 340 
SER HA   H  N N 341 
SER HB2  H  N N 342 
SER HB3  H  N N 343 
SER HG   H  N N 344 
SER HXT  H  N N 345 
THR N    N  N N 346 
THR CA   C  N S 347 
THR C    C  N N 348 
THR O    O  N N 349 
THR CB   C  N R 350 
THR OG1  O  N N 351 
THR CG2  C  N N 352 
THR OXT  O  N N 353 
THR H    H  N N 354 
THR H2   H  N N 355 
THR HA   H  N N 356 
THR HB   H  N N 357 
THR HG1  H  N N 358 
THR HG21 H  N N 359 
THR HG22 H  N N 360 
THR HG23 H  N N 361 
THR HXT  H  N N 362 
TRP N    N  N N 363 
TRP CA   C  N S 364 
TRP C    C  N N 365 
TRP O    O  N N 366 
TRP CB   C  N N 367 
TRP CG   C  Y N 368 
TRP CD1  C  Y N 369 
TRP CD2  C  Y N 370 
TRP NE1  N  Y N 371 
TRP CE2  C  Y N 372 
TRP CE3  C  Y N 373 
TRP CZ2  C  Y N 374 
TRP CZ3  C  Y N 375 
TRP CH2  C  Y N 376 
TRP OXT  O  N N 377 
TRP H    H  N N 378 
TRP H2   H  N N 379 
TRP HA   H  N N 380 
TRP HB2  H  N N 381 
TRP HB3  H  N N 382 
TRP HD1  H  N N 383 
TRP HE1  H  N N 384 
TRP HE3  H  N N 385 
TRP HZ2  H  N N 386 
TRP HZ3  H  N N 387 
TRP HH2  H  N N 388 
TRP HXT  H  N N 389 
TYR N    N  N N 390 
TYR CA   C  N S 391 
TYR C    C  N N 392 
TYR O    O  N N 393 
TYR CB   C  N N 394 
TYR CG   C  Y N 395 
TYR CD1  C  Y N 396 
TYR CD2  C  Y N 397 
TYR CE1  C  Y N 398 
TYR CE2  C  Y N 399 
TYR CZ   C  Y N 400 
TYR OH   O  N N 401 
TYR OXT  O  N N 402 
TYR H    H  N N 403 
TYR H2   H  N N 404 
TYR HA   H  N N 405 
TYR HB2  H  N N 406 
TYR HB3  H  N N 407 
TYR HD1  H  N N 408 
TYR HD2  H  N N 409 
TYR HE1  H  N N 410 
TYR HE2  H  N N 411 
TYR HH   H  N N 412 
TYR HXT  H  N N 413 
VAL N    N  N N 414 
VAL CA   C  N S 415 
VAL C    C  N N 416 
VAL O    O  N N 417 
VAL CB   C  N N 418 
VAL CG1  C  N N 419 
VAL CG2  C  N N 420 
VAL OXT  O  N N 421 
VAL H    H  N N 422 
VAL H2   H  N N 423 
VAL HA   H  N N 424 
VAL HB   H  N N 425 
VAL HG11 H  N N 426 
VAL HG12 H  N N 427 
VAL HG13 H  N N 428 
VAL HG21 H  N N 429 
VAL HG22 H  N N 430 
VAL HG23 H  N N 431 
VAL HXT  H  N N 432 
# 
loop_
_chem_comp_bond.comp_id 
_chem_comp_bond.atom_id_1 
_chem_comp_bond.atom_id_2 
_chem_comp_bond.value_order 
_chem_comp_bond.pdbx_aromatic_flag 
_chem_comp_bond.pdbx_stereo_config 
_chem_comp_bond.pdbx_ordinal 
ALA N   CA   sing N N 1   
ALA N   H    sing N N 2   
ALA N   H2   sing N N 3   
ALA CA  C    sing N N 4   
ALA CA  CB   sing N N 5   
ALA CA  HA   sing N N 6   
ALA C   O    doub N N 7   
ALA C   OXT  sing N N 8   
ALA CB  HB1  sing N N 9   
ALA CB  HB2  sing N N 10  
ALA CB  HB3  sing N N 11  
ALA OXT HXT  sing N N 12  
ARG N   CA   sing N N 13  
ARG N   H    sing N N 14  
ARG N   H2   sing N N 15  
ARG CA  C    sing N N 16  
ARG CA  CB   sing N N 17  
ARG CA  HA   sing N N 18  
ARG C   O    doub N N 19  
ARG C   OXT  sing N N 20  
ARG CB  CG   sing N N 21  
ARG CB  HB2  sing N N 22  
ARG CB  HB3  sing N N 23  
ARG CG  CD   sing N N 24  
ARG CG  HG2  sing N N 25  
ARG CG  HG3  sing N N 26  
ARG CD  NE   sing N N 27  
ARG CD  HD2  sing N N 28  
ARG CD  HD3  sing N N 29  
ARG NE  CZ   sing N N 30  
ARG NE  HE   sing N N 31  
ARG CZ  NH1  sing N N 32  
ARG CZ  NH2  doub N N 33  
ARG NH1 HH11 sing N N 34  
ARG NH1 HH12 sing N N 35  
ARG NH2 HH21 sing N N 36  
ARG NH2 HH22 sing N N 37  
ARG OXT HXT  sing N N 38  
ASN N   CA   sing N N 39  
ASN N   H    sing N N 40  
ASN N   H2   sing N N 41  
ASN CA  C    sing N N 42  
ASN CA  CB   sing N N 43  
ASN CA  HA   sing N N 44  
ASN C   O    doub N N 45  
ASN C   OXT  sing N N 46  
ASN CB  CG   sing N N 47  
ASN CB  HB2  sing N N 48  
ASN CB  HB3  sing N N 49  
ASN CG  OD1  doub N N 50  
ASN CG  ND2  sing N N 51  
ASN ND2 HD21 sing N N 52  
ASN ND2 HD22 sing N N 53  
ASN OXT HXT  sing N N 54  
ASP N   CA   sing N N 55  
ASP N   H    sing N N 56  
ASP N   H2   sing N N 57  
ASP CA  C    sing N N 58  
ASP CA  CB   sing N N 59  
ASP CA  HA   sing N N 60  
ASP C   O    doub N N 61  
ASP C   OXT  sing N N 62  
ASP CB  CG   sing N N 63  
ASP CB  HB2  sing N N 64  
ASP CB  HB3  sing N N 65  
ASP CG  OD1  doub N N 66  
ASP CG  OD2  sing N N 67  
ASP OD2 HD2  sing N N 68  
ASP OXT HXT  sing N N 69  
CYS N   CA   sing N N 70  
CYS N   H    sing N N 71  
CYS N   H2   sing N N 72  
CYS CA  C    sing N N 73  
CYS CA  CB   sing N N 74  
CYS CA  HA   sing N N 75  
CYS C   O    doub N N 76  
CYS C   OXT  sing N N 77  
CYS CB  SG   sing N N 78  
CYS CB  HB2  sing N N 79  
CYS CB  HB3  sing N N 80  
CYS SG  HG   sing N N 81  
CYS OXT HXT  sing N N 82  
EDO C1  O1   sing N N 83  
EDO C1  C2   sing N N 84  
EDO C1  H11  sing N N 85  
EDO C1  H12  sing N N 86  
EDO O1  HO1  sing N N 87  
EDO C2  O2   sing N N 88  
EDO C2  H21  sing N N 89  
EDO C2  H22  sing N N 90  
EDO O2  HO2  sing N N 91  
GLN N   CA   sing N N 92  
GLN N   H    sing N N 93  
GLN N   H2   sing N N 94  
GLN CA  C    sing N N 95  
GLN CA  CB   sing N N 96  
GLN CA  HA   sing N N 97  
GLN C   O    doub N N 98  
GLN C   OXT  sing N N 99  
GLN CB  CG   sing N N 100 
GLN CB  HB2  sing N N 101 
GLN CB  HB3  sing N N 102 
GLN CG  CD   sing N N 103 
GLN CG  HG2  sing N N 104 
GLN CG  HG3  sing N N 105 
GLN CD  OE1  doub N N 106 
GLN CD  NE2  sing N N 107 
GLN NE2 HE21 sing N N 108 
GLN NE2 HE22 sing N N 109 
GLN OXT HXT  sing N N 110 
GLU N   CA   sing N N 111 
GLU N   H    sing N N 112 
GLU N   H2   sing N N 113 
GLU CA  C    sing N N 114 
GLU CA  CB   sing N N 115 
GLU CA  HA   sing N N 116 
GLU C   O    doub N N 117 
GLU C   OXT  sing N N 118 
GLU CB  CG   sing N N 119 
GLU CB  HB2  sing N N 120 
GLU CB  HB3  sing N N 121 
GLU CG  CD   sing N N 122 
GLU CG  HG2  sing N N 123 
GLU CG  HG3  sing N N 124 
GLU CD  OE1  doub N N 125 
GLU CD  OE2  sing N N 126 
GLU OE2 HE2  sing N N 127 
GLU OXT HXT  sing N N 128 
GLY N   CA   sing N N 129 
GLY N   H    sing N N 130 
GLY N   H2   sing N N 131 
GLY CA  C    sing N N 132 
GLY CA  HA2  sing N N 133 
GLY CA  HA3  sing N N 134 
GLY C   O    doub N N 135 
GLY C   OXT  sing N N 136 
GLY OXT HXT  sing N N 137 
HIS N   CA   sing N N 138 
HIS N   H    sing N N 139 
HIS N   H2   sing N N 140 
HIS CA  C    sing N N 141 
HIS CA  CB   sing N N 142 
HIS CA  HA   sing N N 143 
HIS C   O    doub N N 144 
HIS C   OXT  sing N N 145 
HIS CB  CG   sing N N 146 
HIS CB  HB2  sing N N 147 
HIS CB  HB3  sing N N 148 
HIS CG  ND1  sing Y N 149 
HIS CG  CD2  doub Y N 150 
HIS ND1 CE1  doub Y N 151 
HIS ND1 HD1  sing N N 152 
HIS CD2 NE2  sing Y N 153 
HIS CD2 HD2  sing N N 154 
HIS CE1 NE2  sing Y N 155 
HIS CE1 HE1  sing N N 156 
HIS NE2 HE2  sing N N 157 
HIS OXT HXT  sing N N 158 
HOH O   H1   sing N N 159 
HOH O   H2   sing N N 160 
HWM OAO CAN  sing N N 161 
HWM OAT CAS  doub N N 162 
HWM CAN CAS  sing N N 163 
HWM CAN CAM  doub N N 164 
HWM CAS CAR  sing N N 165 
HWM CAM NAL  sing N N 166 
HWM CAR CAQ  doub N N 167 
HWM NAL CAQ  sing N N 168 
HWM NAL CAK  sing N N 169 
HWM CAQ CAP  sing N N 170 
HWM CAH CAK  doub Y N 171 
HWM CAH CAG  sing Y N 172 
HWM CAK CAJ  sing Y N 173 
HWM CAG CAF  doub Y N 174 
HWM CAJ CAI  doub Y N 175 
HWM CAF CAI  sing Y N 176 
HWM CAF CAE  sing N N 177 
HWM NAC CAE  doub Y N 178 
HWM NAC NAB  sing Y N 179 
HWM CAE NAD  sing Y N 180 
HWM NAB NAA  doub Y N 181 
HWM NAD NAA  sing Y N 182 
HWM NAD H1   sing N N 183 
HWM CAI H2   sing N N 184 
HWM CAJ H3   sing N N 185 
HWM CAG H4   sing N N 186 
HWM CAH H5   sing N N 187 
HWM CAM H6   sing N N 188 
HWM OAO H7   sing N N 189 
HWM CAR H8   sing N N 190 
HWM CAP H9   sing N N 191 
HWM CAP H10  sing N N 192 
HWM CAP H11  sing N N 193 
ILE N   CA   sing N N 194 
ILE N   H    sing N N 195 
ILE N   H2   sing N N 196 
ILE CA  C    sing N N 197 
ILE CA  CB   sing N N 198 
ILE CA  HA   sing N N 199 
ILE C   O    doub N N 200 
ILE C   OXT  sing N N 201 
ILE CB  CG1  sing N N 202 
ILE CB  CG2  sing N N 203 
ILE CB  HB   sing N N 204 
ILE CG1 CD1  sing N N 205 
ILE CG1 HG12 sing N N 206 
ILE CG1 HG13 sing N N 207 
ILE CG2 HG21 sing N N 208 
ILE CG2 HG22 sing N N 209 
ILE CG2 HG23 sing N N 210 
ILE CD1 HD11 sing N N 211 
ILE CD1 HD12 sing N N 212 
ILE CD1 HD13 sing N N 213 
ILE OXT HXT  sing N N 214 
LEU N   CA   sing N N 215 
LEU N   H    sing N N 216 
LEU N   H2   sing N N 217 
LEU CA  C    sing N N 218 
LEU CA  CB   sing N N 219 
LEU CA  HA   sing N N 220 
LEU C   O    doub N N 221 
LEU C   OXT  sing N N 222 
LEU CB  CG   sing N N 223 
LEU CB  HB2  sing N N 224 
LEU CB  HB3  sing N N 225 
LEU CG  CD1  sing N N 226 
LEU CG  CD2  sing N N 227 
LEU CG  HG   sing N N 228 
LEU CD1 HD11 sing N N 229 
LEU CD1 HD12 sing N N 230 
LEU CD1 HD13 sing N N 231 
LEU CD2 HD21 sing N N 232 
LEU CD2 HD22 sing N N 233 
LEU CD2 HD23 sing N N 234 
LEU OXT HXT  sing N N 235 
LYS N   CA   sing N N 236 
LYS N   H    sing N N 237 
LYS N   H2   sing N N 238 
LYS CA  C    sing N N 239 
LYS CA  CB   sing N N 240 
LYS CA  HA   sing N N 241 
LYS C   O    doub N N 242 
LYS C   OXT  sing N N 243 
LYS CB  CG   sing N N 244 
LYS CB  HB2  sing N N 245 
LYS CB  HB3  sing N N 246 
LYS CG  CD   sing N N 247 
LYS CG  HG2  sing N N 248 
LYS CG  HG3  sing N N 249 
LYS CD  CE   sing N N 250 
LYS CD  HD2  sing N N 251 
LYS CD  HD3  sing N N 252 
LYS CE  NZ   sing N N 253 
LYS CE  HE2  sing N N 254 
LYS CE  HE3  sing N N 255 
LYS NZ  HZ1  sing N N 256 
LYS NZ  HZ2  sing N N 257 
LYS NZ  HZ3  sing N N 258 
LYS OXT HXT  sing N N 259 
MET N   CA   sing N N 260 
MET N   H    sing N N 261 
MET N   H2   sing N N 262 
MET CA  C    sing N N 263 
MET CA  CB   sing N N 264 
MET CA  HA   sing N N 265 
MET C   O    doub N N 266 
MET C   OXT  sing N N 267 
MET CB  CG   sing N N 268 
MET CB  HB2  sing N N 269 
MET CB  HB3  sing N N 270 
MET CG  SD   sing N N 271 
MET CG  HG2  sing N N 272 
MET CG  HG3  sing N N 273 
MET SD  CE   sing N N 274 
MET CE  HE1  sing N N 275 
MET CE  HE2  sing N N 276 
MET CE  HE3  sing N N 277 
MET OXT HXT  sing N N 278 
PHE N   CA   sing N N 279 
PHE N   H    sing N N 280 
PHE N   H2   sing N N 281 
PHE CA  C    sing N N 282 
PHE CA  CB   sing N N 283 
PHE CA  HA   sing N N 284 
PHE C   O    doub N N 285 
PHE C   OXT  sing N N 286 
PHE CB  CG   sing N N 287 
PHE CB  HB2  sing N N 288 
PHE CB  HB3  sing N N 289 
PHE CG  CD1  doub Y N 290 
PHE CG  CD2  sing Y N 291 
PHE CD1 CE1  sing Y N 292 
PHE CD1 HD1  sing N N 293 
PHE CD2 CE2  doub Y N 294 
PHE CD2 HD2  sing N N 295 
PHE CE1 CZ   doub Y N 296 
PHE CE1 HE1  sing N N 297 
PHE CE2 CZ   sing Y N 298 
PHE CE2 HE2  sing N N 299 
PHE CZ  HZ   sing N N 300 
PHE OXT HXT  sing N N 301 
PRO N   CA   sing N N 302 
PRO N   CD   sing N N 303 
PRO N   H    sing N N 304 
PRO CA  C    sing N N 305 
PRO CA  CB   sing N N 306 
PRO CA  HA   sing N N 307 
PRO C   O    doub N N 308 
PRO C   OXT  sing N N 309 
PRO CB  CG   sing N N 310 
PRO CB  HB2  sing N N 311 
PRO CB  HB3  sing N N 312 
PRO CG  CD   sing N N 313 
PRO CG  HG2  sing N N 314 
PRO CG  HG3  sing N N 315 
PRO CD  HD2  sing N N 316 
PRO CD  HD3  sing N N 317 
PRO OXT HXT  sing N N 318 
SER N   CA   sing N N 319 
SER N   H    sing N N 320 
SER N   H2   sing N N 321 
SER CA  C    sing N N 322 
SER CA  CB   sing N N 323 
SER CA  HA   sing N N 324 
SER C   O    doub N N 325 
SER C   OXT  sing N N 326 
SER CB  OG   sing N N 327 
SER CB  HB2  sing N N 328 
SER CB  HB3  sing N N 329 
SER OG  HG   sing N N 330 
SER OXT HXT  sing N N 331 
THR N   CA   sing N N 332 
THR N   H    sing N N 333 
THR N   H2   sing N N 334 
THR CA  C    sing N N 335 
THR CA  CB   sing N N 336 
THR CA  HA   sing N N 337 
THR C   O    doub N N 338 
THR C   OXT  sing N N 339 
THR CB  OG1  sing N N 340 
THR CB  CG2  sing N N 341 
THR CB  HB   sing N N 342 
THR OG1 HG1  sing N N 343 
THR CG2 HG21 sing N N 344 
THR CG2 HG22 sing N N 345 
THR CG2 HG23 sing N N 346 
THR OXT HXT  sing N N 347 
TRP N   CA   sing N N 348 
TRP N   H    sing N N 349 
TRP N   H2   sing N N 350 
TRP CA  C    sing N N 351 
TRP CA  CB   sing N N 352 
TRP CA  HA   sing N N 353 
TRP C   O    doub N N 354 
TRP C   OXT  sing N N 355 
TRP CB  CG   sing N N 356 
TRP CB  HB2  sing N N 357 
TRP CB  HB3  sing N N 358 
TRP CG  CD1  doub Y N 359 
TRP CG  CD2  sing Y N 360 
TRP CD1 NE1  sing Y N 361 
TRP CD1 HD1  sing N N 362 
TRP CD2 CE2  doub Y N 363 
TRP CD2 CE3  sing Y N 364 
TRP NE1 CE2  sing Y N 365 
TRP NE1 HE1  sing N N 366 
TRP CE2 CZ2  sing Y N 367 
TRP CE3 CZ3  doub Y N 368 
TRP CE3 HE3  sing N N 369 
TRP CZ2 CH2  doub Y N 370 
TRP CZ2 HZ2  sing N N 371 
TRP CZ3 CH2  sing Y N 372 
TRP CZ3 HZ3  sing N N 373 
TRP CH2 HH2  sing N N 374 
TRP OXT HXT  sing N N 375 
TYR N   CA   sing N N 376 
TYR N   H    sing N N 377 
TYR N   H2   sing N N 378 
TYR CA  C    sing N N 379 
TYR CA  CB   sing N N 380 
TYR CA  HA   sing N N 381 
TYR C   O    doub N N 382 
TYR C   OXT  sing N N 383 
TYR CB  CG   sing N N 384 
TYR CB  HB2  sing N N 385 
TYR CB  HB3  sing N N 386 
TYR CG  CD1  doub Y N 387 
TYR CG  CD2  sing Y N 388 
TYR CD1 CE1  sing Y N 389 
TYR CD1 HD1  sing N N 390 
TYR CD2 CE2  doub Y N 391 
TYR CD2 HD2  sing N N 392 
TYR CE1 CZ   doub Y N 393 
TYR CE1 HE1  sing N N 394 
TYR CE2 CZ   sing Y N 395 
TYR CE2 HE2  sing N N 396 
TYR CZ  OH   sing N N 397 
TYR OH  HH   sing N N 398 
TYR OXT HXT  sing N N 399 
VAL N   CA   sing N N 400 
VAL N   H    sing N N 401 
VAL N   H2   sing N N 402 
VAL CA  C    sing N N 403 
VAL CA  CB   sing N N 404 
VAL CA  HA   sing N N 405 
VAL C   O    doub N N 406 
VAL C   OXT  sing N N 407 
VAL CB  CG1  sing N N 408 
VAL CB  CG2  sing N N 409 
VAL CB  HB   sing N N 410 
VAL CG1 HG11 sing N N 411 
VAL CG1 HG12 sing N N 412 
VAL CG1 HG13 sing N N 413 
VAL CG2 HG21 sing N N 414 
VAL CG2 HG22 sing N N 415 
VAL CG2 HG23 sing N N 416 
VAL OXT HXT  sing N N 417 
# 
_pdbx_audit_support.funding_organization   
'National Institutes of Health/National Institute of General Medical Sciences (NIH/NIGMS)' 
_pdbx_audit_support.country                'United States' 
_pdbx_audit_support.grant_number           'R01 GM098435' 
_pdbx_audit_support.ordinal                1 
# 
_pdbx_entity_instance_feature.ordinal        1 
_pdbx_entity_instance_feature.comp_id        HWM 
_pdbx_entity_instance_feature.asym_id        ? 
_pdbx_entity_instance_feature.seq_num        ? 
_pdbx_entity_instance_feature.auth_comp_id   HWM 
_pdbx_entity_instance_feature.auth_asym_id   ? 
_pdbx_entity_instance_feature.auth_seq_num   ? 
_pdbx_entity_instance_feature.feature_type   'SUBJECT OF INVESTIGATION' 
_pdbx_entity_instance_feature.details        ? 
# 
loop_
_pdbx_entity_nonpoly.entity_id 
_pdbx_entity_nonpoly.name 
_pdbx_entity_nonpoly.comp_id 
2 'MANGANESE (II) ION'                                                 MN  
3 '5-hydroxy-2-methyl-1-[4-(1H-tetrazol-5-yl)phenyl]pyridin-4(1H)-one' HWM 
4 1,2-ETHANEDIOL                                                       EDO 
5 water                                                                HOH 
# 
_pdbx_initial_refinement_model.id               1 
_pdbx_initial_refinement_model.entity_id_list   ? 
_pdbx_initial_refinement_model.type             'experimental model' 
_pdbx_initial_refinement_model.source_name      PDB 
_pdbx_initial_refinement_model.accession_code   4AWM 
_pdbx_initial_refinement_model.details          'PDB entry 4AWM' 
# 
_pdbx_struct_assembly_auth_evidence.id                     1 
_pdbx_struct_assembly_auth_evidence.assembly_id            1 
_pdbx_struct_assembly_auth_evidence.experimental_support   'gel filtration' 
_pdbx_struct_assembly_auth_evidence.details                ? 
# 
